data_2CUM
#
_entry.id   2CUM
#
_entity_poly.entity_id   1
_entity_poly.type   'polypeptide(L)'
_entity_poly.pdbx_seq_one_letter_code
;GSSGSSGLEAPRDLEAKEVTPRTALLTWTEPPVRPAGYLLSFHTPGGQTQEILLPGGITSHQLLGLFPSTSYNARLQAMW
GQSLLPPVSTSFTTGGLRISGPSSG
;
_entity_poly.pdbx_strand_id   A
#
# COMPACT_ATOMS: atom_id res chain seq x y z
N GLY A 1 11.44 29.27 -4.87
CA GLY A 1 10.21 28.97 -4.15
C GLY A 1 10.30 27.68 -3.35
N SER A 2 9.66 27.66 -2.18
CA SER A 2 9.68 26.49 -1.33
C SER A 2 9.37 25.23 -2.13
N SER A 3 9.65 24.07 -1.54
CA SER A 3 9.42 22.79 -2.21
C SER A 3 7.92 22.56 -2.41
N GLY A 4 7.52 22.44 -3.68
CA GLY A 4 6.12 22.23 -3.99
C GLY A 4 5.91 21.01 -4.88
N SER A 5 4.84 21.02 -5.66
CA SER A 5 4.52 19.92 -6.55
C SER A 5 5.37 19.98 -7.82
N SER A 6 5.43 21.16 -8.44
CA SER A 6 6.20 21.36 -9.66
C SER A 6 5.63 20.52 -10.79
N GLY A 7 4.31 20.51 -10.93
CA GLY A 7 3.67 19.75 -11.98
C GLY A 7 3.51 18.28 -11.62
N LEU A 8 4.57 17.69 -11.07
CA LEU A 8 4.56 16.29 -10.67
C LEU A 8 3.28 15.96 -9.89
N GLU A 9 2.94 14.68 -9.84
CA GLU A 9 1.75 14.23 -9.13
C GLU A 9 2.06 13.00 -8.28
N ALA A 10 1.15 12.68 -7.37
CA ALA A 10 1.32 11.53 -6.50
C ALA A 10 0.15 10.56 -6.62
N PRO A 11 0.31 9.36 -6.06
CA PRO A 11 -0.73 8.33 -6.10
C PRO A 11 -1.95 8.68 -5.25
N ARG A 12 -3.14 8.36 -5.74
CA ARG A 12 -4.37 8.65 -5.03
C ARG A 12 -5.33 7.46 -5.10
N ASP A 13 -6.42 7.55 -4.36
CA ASP A 13 -7.42 6.49 -4.34
C ASP A 13 -6.82 5.20 -3.81
N LEU A 14 -6.05 5.29 -2.73
CA LEU A 14 -5.41 4.13 -2.13
C LEU A 14 -6.29 3.54 -1.02
N GLU A 15 -6.96 2.43 -1.31
CA GLU A 15 -7.81 1.78 -0.34
C GLU A 15 -7.52 0.28 -0.27
N ALA A 16 -7.71 -0.30 0.91
CA ALA A 16 -7.47 -1.72 1.11
C ALA A 16 -8.63 -2.55 0.57
N LYS A 17 -8.31 -3.52 -0.28
CA LYS A 17 -9.33 -4.39 -0.86
C LYS A 17 -8.97 -5.86 -0.65
N GLU A 18 -9.97 -6.73 -0.83
CA GLU A 18 -9.75 -8.17 -0.66
C GLU A 18 -8.93 -8.45 0.60
N VAL A 19 -9.32 -7.82 1.70
CA VAL A 19 -8.63 -8.01 2.97
C VAL A 19 -8.96 -9.37 3.59
N THR A 20 -7.93 -10.14 3.88
CA THR A 20 -8.11 -11.46 4.47
C THR A 20 -7.07 -11.72 5.56
N PRO A 21 -7.38 -12.68 6.45
CA PRO A 21 -6.48 -13.05 7.55
C PRO A 21 -5.22 -13.76 7.06
N ARG A 22 -5.12 -13.95 5.76
CA ARG A 22 -3.96 -14.61 5.17
C ARG A 22 -3.19 -13.65 4.26
N THR A 23 -3.91 -12.70 3.66
CA THR A 23 -3.30 -11.72 2.78
C THR A 23 -4.17 -10.47 2.66
N ALA A 24 -3.63 -9.46 1.98
CA ALA A 24 -4.36 -8.21 1.78
C ALA A 24 -3.92 -7.51 0.50
N LEU A 25 -4.88 -7.15 -0.34
CA LEU A 25 -4.59 -6.48 -1.60
C LEU A 25 -4.83 -4.98 -1.48
N LEU A 26 -3.87 -4.19 -1.95
CA LEU A 26 -3.99 -2.73 -1.91
C LEU A 26 -3.97 -2.14 -3.31
N THR A 27 -5.06 -1.48 -3.67
CA THR A 27 -5.17 -0.85 -4.99
C THR A 27 -5.02 0.66 -4.91
N TRP A 28 -4.39 1.24 -5.92
CA TRP A 28 -4.17 2.68 -5.95
C TRP A 28 -4.16 3.19 -7.39
N THR A 29 -4.44 4.48 -7.55
CA THR A 29 -4.47 5.10 -8.88
C THR A 29 -3.12 5.72 -9.22
N GLU A 30 -2.43 5.13 -10.20
CA GLU A 30 -1.13 5.63 -10.61
C GLU A 30 -1.26 6.98 -11.30
N PRO A 31 -0.27 7.86 -11.06
CA PRO A 31 -0.25 9.21 -11.64
C PRO A 31 0.00 9.19 -13.15
N PRO A 32 -0.17 10.35 -13.79
CA PRO A 32 0.03 10.49 -15.23
C PRO A 32 1.50 10.37 -15.63
N VAL A 33 2.39 10.44 -14.63
CA VAL A 33 3.82 10.34 -14.88
C VAL A 33 4.43 9.18 -14.11
N ARG A 34 4.44 8.01 -14.72
CA ARG A 34 4.99 6.82 -14.09
C ARG A 34 6.32 7.13 -13.40
N PRO A 35 6.37 6.89 -12.07
CA PRO A 35 7.56 7.15 -11.27
C PRO A 35 8.70 6.17 -11.59
N ALA A 36 9.92 6.60 -11.31
CA ALA A 36 11.10 5.77 -11.57
C ALA A 36 10.97 4.41 -10.86
N GLY A 37 10.48 4.44 -9.62
CA GLY A 37 10.32 3.22 -8.85
C GLY A 37 9.28 3.36 -7.76
N TYR A 38 9.04 2.26 -7.04
CA TYR A 38 8.07 2.26 -5.96
C TYR A 38 8.65 1.63 -4.69
N LEU A 39 8.41 2.28 -3.56
CA LEU A 39 8.92 1.79 -2.29
C LEU A 39 7.77 1.59 -1.29
N LEU A 40 7.30 0.35 -1.19
CA LEU A 40 6.21 0.02 -0.28
C LEU A 40 6.75 -0.50 1.06
N SER A 41 6.36 0.15 2.15
CA SER A 41 6.80 -0.25 3.47
C SER A 41 5.62 -0.45 4.40
N PHE A 42 5.47 -1.67 4.92
CA PHE A 42 4.38 -2.00 5.82
C PHE A 42 4.91 -2.44 7.18
N HIS A 43 4.50 -1.73 8.23
CA HIS A 43 4.94 -2.05 9.58
C HIS A 43 3.74 -2.38 10.47
N THR A 44 4.00 -3.08 11.57
CA THR A 44 2.96 -3.46 12.50
C THR A 44 2.90 -2.51 13.70
N PRO A 45 1.70 -2.30 14.24
CA PRO A 45 1.49 -1.42 15.39
C PRO A 45 2.08 -2.00 16.68
N GLY A 46 3.39 -1.85 16.85
CA GLY A 46 4.05 -2.36 18.04
C GLY A 46 5.20 -3.30 17.71
N GLY A 47 5.30 -3.68 16.43
CA GLY A 47 6.36 -4.58 16.01
C GLY A 47 7.45 -3.87 15.24
N GLN A 48 7.94 -4.51 14.19
CA GLN A 48 8.99 -3.93 13.36
C GLN A 48 8.45 -3.48 12.01
N THR A 49 9.33 -2.93 11.18
CA THR A 49 8.93 -2.46 9.86
C THR A 49 9.63 -3.24 8.76
N GLN A 50 8.97 -3.39 7.62
CA GLN A 50 9.53 -4.13 6.49
C GLN A 50 9.37 -3.34 5.20
N GLU A 51 10.47 -3.14 4.48
CA GLU A 51 10.44 -2.41 3.23
C GLU A 51 10.42 -3.36 2.04
N ILE A 52 9.75 -2.95 0.96
CA ILE A 52 9.65 -3.77 -0.24
C ILE A 52 9.88 -2.93 -1.49
N LEU A 53 10.85 -3.34 -2.31
CA LEU A 53 11.17 -2.63 -3.54
C LEU A 53 10.27 -3.09 -4.68
N LEU A 54 9.24 -2.30 -4.98
CA LEU A 54 8.31 -2.63 -6.04
C LEU A 54 8.98 -2.53 -7.41
N PRO A 55 8.42 -3.23 -8.41
CA PRO A 55 8.95 -3.23 -9.77
C PRO A 55 8.76 -1.89 -10.47
N GLY A 56 7.87 -1.07 -9.93
CA GLY A 56 7.61 0.23 -10.52
C GLY A 56 6.85 0.14 -11.82
N GLY A 57 5.53 0.00 -11.72
CA GLY A 57 4.70 -0.11 -12.92
C GLY A 57 3.45 -0.93 -12.68
N ILE A 58 2.88 -0.81 -11.49
CA ILE A 58 1.67 -1.54 -11.13
C ILE A 58 0.67 -0.65 -10.42
N THR A 59 -0.53 -1.18 -10.17
CA THR A 59 -1.58 -0.43 -9.50
C THR A 59 -1.92 -1.06 -8.15
N SER A 60 -1.63 -2.34 -8.01
CA SER A 60 -1.91 -3.07 -6.78
C SER A 60 -0.83 -4.10 -6.49
N HIS A 61 -0.55 -4.31 -5.21
CA HIS A 61 0.47 -5.27 -4.80
C HIS A 61 -0.10 -6.28 -3.81
N GLN A 62 0.30 -7.54 -3.94
CA GLN A 62 -0.18 -8.59 -3.05
C GLN A 62 0.80 -8.84 -1.91
N LEU A 63 0.41 -8.44 -0.71
CA LEU A 63 1.25 -8.61 0.47
C LEU A 63 1.11 -10.01 1.04
N LEU A 64 2.20 -10.53 1.60
CA LEU A 64 2.19 -11.86 2.20
C LEU A 64 2.79 -11.85 3.60
N GLY A 65 2.50 -12.89 4.37
CA GLY A 65 3.03 -12.97 5.73
C GLY A 65 2.35 -11.98 6.67
N LEU A 66 1.03 -12.06 6.75
CA LEU A 66 0.27 -11.17 7.62
C LEU A 66 -0.25 -11.92 8.85
N PHE A 67 -0.92 -11.19 9.74
CA PHE A 67 -1.46 -11.79 10.96
C PHE A 67 -2.98 -11.63 11.00
N PRO A 68 -3.66 -12.61 11.62
CA PRO A 68 -5.12 -12.61 11.75
C PRO A 68 -5.62 -11.53 12.69
N SER A 69 -6.44 -10.62 12.18
CA SER A 69 -6.98 -9.53 12.98
C SER A 69 -5.87 -8.59 13.44
N THR A 70 -4.90 -8.35 12.56
CA THR A 70 -3.79 -7.47 12.88
C THR A 70 -3.79 -6.25 11.97
N SER A 71 -3.84 -5.07 12.59
CA SER A 71 -3.85 -3.82 11.83
C SER A 71 -2.47 -3.54 11.23
N TYR A 72 -2.47 -3.10 9.98
CA TYR A 72 -1.22 -2.79 9.28
C TYR A 72 -1.27 -1.40 8.65
N ASN A 73 -0.10 -0.80 8.47
CA ASN A 73 -0.01 0.53 7.88
C ASN A 73 0.92 0.52 6.67
N ALA A 74 0.33 0.55 5.48
CA ALA A 74 1.10 0.55 4.23
C ALA A 74 1.37 1.98 3.76
N ARG A 75 2.38 2.13 2.92
CA ARG A 75 2.75 3.44 2.39
C ARG A 75 3.28 3.31 0.95
N LEU A 76 2.79 4.18 0.08
CA LEU A 76 3.21 4.18 -1.33
C LEU A 76 4.07 5.40 -1.63
N GLN A 77 5.37 5.17 -1.81
CA GLN A 77 6.29 6.25 -2.12
C GLN A 77 7.08 5.95 -3.40
N ALA A 78 6.96 6.85 -4.38
CA ALA A 78 7.65 6.68 -5.65
C ALA A 78 8.92 7.52 -5.69
N MET A 79 9.96 7.00 -6.33
CA MET A 79 11.22 7.70 -6.45
C MET A 79 11.23 8.62 -7.67
N TRP A 80 11.43 9.91 -7.43
CA TRP A 80 11.46 10.89 -8.51
C TRP A 80 12.79 11.63 -8.55
N GLY A 81 13.12 12.16 -9.72
CA GLY A 81 14.38 12.88 -9.86
C GLY A 81 14.74 13.70 -8.65
N GLN A 82 15.76 13.26 -7.93
CA GLN A 82 16.20 13.96 -6.72
C GLN A 82 15.00 14.50 -5.94
N SER A 83 13.97 13.68 -5.79
CA SER A 83 12.77 14.07 -5.07
C SER A 83 12.00 12.84 -4.60
N LEU A 84 11.26 13.00 -3.51
CA LEU A 84 10.47 11.91 -2.96
C LEU A 84 9.04 12.38 -2.64
N LEU A 85 8.24 12.54 -3.68
CA LEU A 85 6.85 12.98 -3.52
C LEU A 85 6.25 12.40 -2.25
N PRO A 86 5.26 13.11 -1.68
CA PRO A 86 4.57 12.68 -0.46
C PRO A 86 3.70 11.46 -0.69
N PRO A 87 4.07 10.33 -0.07
CA PRO A 87 3.33 9.07 -0.18
C PRO A 87 1.98 9.13 0.53
N VAL A 88 1.23 8.03 0.46
CA VAL A 88 -0.08 7.95 1.09
C VAL A 88 -0.14 6.79 2.08
N SER A 89 -0.42 7.11 3.34
CA SER A 89 -0.50 6.10 4.38
C SER A 89 -1.95 5.73 4.66
N THR A 90 -2.24 4.42 4.69
CA THR A 90 -3.59 3.94 4.95
C THR A 90 -3.58 2.78 5.93
N SER A 91 -4.59 2.72 6.78
CA SER A 91 -4.70 1.66 7.78
C SER A 91 -5.77 0.64 7.38
N PHE A 92 -5.47 -0.64 7.55
CA PHE A 92 -6.40 -1.70 7.21
C PHE A 92 -6.25 -2.88 8.17
N THR A 93 -7.38 -3.46 8.57
CA THR A 93 -7.37 -4.60 9.48
C THR A 93 -7.73 -5.89 8.75
N THR A 94 -7.02 -6.96 9.07
CA THR A 94 -7.26 -8.25 8.44
C THR A 94 -8.40 -8.99 9.12
N GLY A 95 -8.96 -9.98 8.44
CA GLY A 95 -10.06 -10.75 9.00
C GLY A 95 -9.60 -11.73 10.06
N GLY A 96 -10.41 -12.76 10.30
CA GLY A 96 -10.06 -13.75 11.30
C GLY A 96 -10.07 -15.16 10.75
N LEU A 97 -9.09 -15.96 11.16
CA LEU A 97 -8.99 -17.34 10.70
C LEU A 97 -10.24 -18.13 11.08
N ARG A 98 -11.28 -18.02 10.26
CA ARG A 98 -12.53 -18.72 10.51
C ARG A 98 -13.12 -19.24 9.20
N ILE A 99 -13.03 -20.55 8.98
CA ILE A 99 -13.55 -21.17 7.78
C ILE A 99 -14.71 -22.11 8.10
N SER A 100 -15.80 -21.98 7.36
CA SER A 100 -16.97 -22.81 7.57
C SER A 100 -17.14 -23.82 6.44
N GLY A 101 -17.20 -23.31 5.21
CA GLY A 101 -17.36 -24.19 4.06
C GLY A 101 -16.42 -23.81 2.93
N PRO A 102 -15.16 -24.30 3.01
CA PRO A 102 -14.14 -24.02 1.99
C PRO A 102 -14.45 -24.73 0.67
N SER A 103 -14.93 -25.96 0.76
CA SER A 103 -15.25 -26.74 -0.43
C SER A 103 -16.70 -26.51 -0.86
N SER A 104 -16.96 -25.35 -1.45
CA SER A 104 -18.31 -25.01 -1.90
C SER A 104 -18.79 -26.00 -2.95
N GLY A 105 -19.50 -27.04 -2.50
CA GLY A 105 -20.01 -28.05 -3.41
C GLY A 105 -18.94 -28.59 -4.33
N GLY A 1 3.53 32.55 -8.11
CA GLY A 1 4.03 31.42 -7.35
C GLY A 1 4.82 30.45 -8.19
N SER A 2 5.34 29.40 -7.56
CA SER A 2 6.13 28.40 -8.27
C SER A 2 6.24 27.12 -7.44
N SER A 3 6.67 26.04 -8.09
CA SER A 3 6.81 24.75 -7.42
C SER A 3 8.22 24.57 -6.88
N GLY A 4 9.21 24.84 -7.73
CA GLY A 4 10.59 24.71 -7.32
C GLY A 4 11.47 24.10 -8.41
N SER A 5 11.55 22.77 -8.41
CA SER A 5 12.36 22.06 -9.40
C SER A 5 11.54 20.99 -10.12
N SER A 6 11.00 20.06 -9.33
CA SER A 6 10.19 18.97 -9.88
C SER A 6 8.86 18.86 -9.14
N GLY A 7 7.81 19.39 -9.75
CA GLY A 7 6.49 19.33 -9.14
C GLY A 7 5.55 18.39 -9.87
N LEU A 8 5.60 17.11 -9.50
CA LEU A 8 4.75 16.10 -10.13
C LEU A 8 3.56 15.78 -9.24
N GLU A 9 2.65 14.96 -9.75
CA GLU A 9 1.46 14.57 -9.01
C GLU A 9 1.73 13.31 -8.17
N ALA A 10 0.98 13.15 -7.10
CA ALA A 10 1.14 12.00 -6.21
C ALA A 10 -0.03 11.02 -6.38
N PRO A 11 0.21 9.76 -5.97
CA PRO A 11 -0.81 8.71 -6.07
C PRO A 11 -1.95 8.92 -5.09
N ARG A 12 -3.17 8.64 -5.53
CA ARG A 12 -4.35 8.79 -4.70
C ARG A 12 -5.23 7.55 -4.76
N ASP A 13 -6.35 7.58 -4.04
CA ASP A 13 -7.28 6.46 -4.01
C ASP A 13 -6.60 5.22 -3.43
N LEU A 14 -5.92 5.40 -2.31
CA LEU A 14 -5.23 4.29 -1.65
C LEU A 14 -6.16 3.55 -0.70
N GLU A 15 -6.78 2.49 -1.20
CA GLU A 15 -7.71 1.70 -0.39
C GLU A 15 -7.29 0.22 -0.38
N ALA A 16 -7.62 -0.47 0.71
CA ALA A 16 -7.28 -1.88 0.84
C ALA A 16 -8.42 -2.76 0.35
N LYS A 17 -8.09 -3.75 -0.48
CA LYS A 17 -9.09 -4.66 -1.02
C LYS A 17 -8.64 -6.11 -0.84
N GLU A 18 -9.60 -7.04 -0.96
CA GLU A 18 -9.30 -8.45 -0.81
C GLU A 18 -8.56 -8.71 0.50
N VAL A 19 -8.95 -8.01 1.55
CA VAL A 19 -8.33 -8.17 2.86
C VAL A 19 -8.64 -9.53 3.46
N THR A 20 -7.61 -10.21 3.94
CA THR A 20 -7.78 -11.53 4.54
C THR A 20 -6.78 -11.76 5.66
N PRO A 21 -7.10 -12.69 6.56
CA PRO A 21 -6.24 -13.03 7.70
C PRO A 21 -4.96 -13.75 7.26
N ARG A 22 -4.80 -13.93 5.96
CA ARG A 22 -3.64 -14.61 5.41
C ARG A 22 -2.86 -13.68 4.49
N THR A 23 -3.58 -12.82 3.78
CA THR A 23 -2.96 -11.88 2.85
C THR A 23 -3.78 -10.60 2.75
N ALA A 24 -3.33 -9.69 1.88
CA ALA A 24 -4.02 -8.42 1.68
C ALA A 24 -3.54 -7.73 0.41
N LEU A 25 -4.48 -7.18 -0.35
CA LEU A 25 -4.15 -6.48 -1.59
C LEU A 25 -4.49 -5.00 -1.50
N LEU A 26 -3.61 -4.16 -2.01
CA LEU A 26 -3.81 -2.71 -1.99
C LEU A 26 -3.86 -2.14 -3.41
N THR A 27 -4.89 -1.36 -3.69
CA THR A 27 -5.05 -0.75 -5.00
C THR A 27 -5.04 0.76 -4.91
N TRP A 28 -4.32 1.41 -5.83
CA TRP A 28 -4.24 2.86 -5.85
C TRP A 28 -4.33 3.40 -7.27
N THR A 29 -4.44 4.71 -7.41
CA THR A 29 -4.54 5.35 -8.72
C THR A 29 -3.20 5.92 -9.15
N GLU A 30 -2.69 5.43 -10.28
CA GLU A 30 -1.41 5.89 -10.80
C GLU A 30 -1.56 7.28 -11.41
N PRO A 31 -0.56 8.15 -11.14
CA PRO A 31 -0.54 9.52 -11.65
C PRO A 31 -0.32 9.58 -13.16
N PRO A 32 -0.50 10.77 -13.75
CA PRO A 32 -0.33 10.99 -15.18
C PRO A 32 1.14 10.90 -15.61
N VAL A 33 2.01 10.69 -14.63
CA VAL A 33 3.45 10.59 -14.89
C VAL A 33 4.05 9.38 -14.20
N ARG A 34 4.11 8.26 -14.92
CA ARG A 34 4.66 7.02 -14.38
C ARG A 34 6.03 7.28 -13.74
N PRO A 35 6.12 7.00 -12.43
CA PRO A 35 7.36 7.19 -11.67
C PRO A 35 8.44 6.18 -12.06
N ALA A 36 9.57 6.23 -11.37
CA ALA A 36 10.68 5.32 -11.64
C ALA A 36 10.49 4.00 -10.92
N GLY A 37 10.24 4.07 -9.61
CA GLY A 37 10.05 2.87 -8.82
C GLY A 37 9.03 3.05 -7.73
N TYR A 38 8.82 2.00 -6.94
CA TYR A 38 7.85 2.06 -5.84
C TYR A 38 8.43 1.45 -4.57
N LEU A 39 8.40 2.22 -3.48
CA LEU A 39 8.92 1.76 -2.21
C LEU A 39 7.80 1.60 -1.18
N LEU A 40 7.16 0.44 -1.18
CA LEU A 40 6.08 0.16 -0.25
C LEU A 40 6.61 -0.39 1.07
N SER A 41 6.47 0.40 2.13
CA SER A 41 6.94 0.01 3.44
C SER A 41 5.77 -0.14 4.43
N PHE A 42 5.52 -1.38 4.84
CA PHE A 42 4.43 -1.66 5.77
C PHE A 42 4.97 -2.12 7.12
N HIS A 43 4.56 -1.44 8.19
CA HIS A 43 5.01 -1.78 9.54
C HIS A 43 3.84 -2.28 10.37
N THR A 44 4.15 -3.05 11.41
CA THR A 44 3.13 -3.60 12.30
C THR A 44 3.22 -2.97 13.69
N PRO A 45 2.06 -2.81 14.34
CA PRO A 45 1.99 -2.23 15.68
C PRO A 45 2.56 -3.16 16.75
N GLY A 46 2.87 -4.39 16.35
CA GLY A 46 3.42 -5.35 17.28
C GLY A 46 4.68 -6.01 16.75
N GLY A 47 5.33 -5.36 15.79
CA GLY A 47 6.54 -5.92 15.21
C GLY A 47 7.48 -4.83 14.71
N GLN A 48 8.30 -5.18 13.71
CA GLN A 48 9.25 -4.23 13.14
C GLN A 48 8.84 -3.85 11.72
N THR A 49 9.21 -2.64 11.31
CA THR A 49 8.89 -2.16 9.98
C THR A 49 9.43 -3.10 8.90
N GLN A 50 8.68 -3.23 7.81
CA GLN A 50 9.09 -4.10 6.70
C GLN A 50 9.08 -3.34 5.38
N GLU A 51 10.17 -3.46 4.63
CA GLU A 51 10.30 -2.79 3.35
C GLU A 51 10.14 -3.78 2.19
N ILE A 52 9.84 -3.25 1.01
CA ILE A 52 9.66 -4.09 -0.17
C ILE A 52 10.06 -3.33 -1.44
N LEU A 53 10.58 -4.07 -2.42
CA LEU A 53 11.00 -3.47 -3.68
C LEU A 53 10.01 -3.81 -4.79
N LEU A 54 9.26 -2.81 -5.23
CA LEU A 54 8.27 -3.00 -6.30
C LEU A 54 8.93 -2.88 -7.67
N PRO A 55 8.33 -3.53 -8.67
CA PRO A 55 8.83 -3.51 -10.05
C PRO A 55 8.65 -2.15 -10.71
N GLY A 56 7.92 -1.26 -10.04
CA GLY A 56 7.67 0.06 -10.57
C GLY A 56 6.90 0.03 -11.86
N GLY A 57 5.60 0.33 -11.78
CA GLY A 57 4.76 0.32 -12.96
C GLY A 57 3.52 -0.53 -12.78
N ILE A 58 2.93 -0.46 -11.59
CA ILE A 58 1.73 -1.24 -11.29
C ILE A 58 0.67 -0.37 -10.62
N THR A 59 -0.50 -0.95 -10.38
CA THR A 59 -1.59 -0.24 -9.74
C THR A 59 -2.03 -0.93 -8.46
N SER A 60 -1.65 -2.19 -8.30
CA SER A 60 -1.99 -2.97 -7.12
C SER A 60 -0.87 -3.91 -6.73
N HIS A 61 -0.57 -3.97 -5.44
CA HIS A 61 0.49 -4.84 -4.94
C HIS A 61 -0.04 -5.78 -3.86
N GLN A 62 0.31 -7.06 -3.97
CA GLN A 62 -0.13 -8.05 -3.01
C GLN A 62 0.90 -8.24 -1.90
N LEU A 63 0.42 -8.37 -0.67
CA LEU A 63 1.30 -8.55 0.48
C LEU A 63 1.14 -9.95 1.06
N LEU A 64 2.26 -10.50 1.55
CA LEU A 64 2.24 -11.84 2.13
C LEU A 64 2.83 -11.82 3.54
N GLY A 65 2.44 -12.80 4.36
CA GLY A 65 2.93 -12.88 5.72
C GLY A 65 2.31 -11.82 6.61
N LEU A 66 1.06 -12.06 7.02
CA LEU A 66 0.35 -11.12 7.89
C LEU A 66 -0.21 -11.84 9.11
N PHE A 67 -0.75 -11.06 10.04
CA PHE A 67 -1.34 -11.63 11.26
C PHE A 67 -2.85 -11.50 11.25
N PRO A 68 -3.53 -12.47 11.88
CA PRO A 68 -5.00 -12.49 11.96
C PRO A 68 -5.55 -11.38 12.84
N SER A 69 -6.40 -10.55 12.27
CA SER A 69 -7.00 -9.44 13.01
C SER A 69 -5.94 -8.47 13.50
N THR A 70 -4.91 -8.25 12.68
CA THR A 70 -3.81 -7.35 13.03
C THR A 70 -3.78 -6.14 12.10
N SER A 71 -3.90 -4.96 12.69
CA SER A 71 -3.89 -3.72 11.91
C SER A 71 -2.52 -3.50 11.27
N TYR A 72 -2.54 -3.06 10.01
CA TYR A 72 -1.31 -2.81 9.26
C TYR A 72 -1.36 -1.45 8.58
N ASN A 73 -0.23 -0.74 8.61
CA ASN A 73 -0.15 0.58 7.98
C ASN A 73 0.83 0.55 6.81
N ALA A 74 0.28 0.54 5.60
CA ALA A 74 1.10 0.53 4.39
C ALA A 74 1.27 1.93 3.82
N ARG A 75 2.38 2.15 3.14
CA ARG A 75 2.67 3.45 2.54
C ARG A 75 3.17 3.29 1.10
N LEU A 76 2.70 4.17 0.22
CA LEU A 76 3.10 4.14 -1.18
C LEU A 76 3.93 5.37 -1.54
N GLN A 77 5.20 5.15 -1.80
CA GLN A 77 6.10 6.24 -2.17
C GLN A 77 6.84 5.94 -3.47
N ALA A 78 6.76 6.85 -4.42
CA ALA A 78 7.43 6.68 -5.71
C ALA A 78 8.70 7.50 -5.79
N MET A 79 9.75 6.92 -6.36
CA MET A 79 11.03 7.61 -6.50
C MET A 79 11.04 8.50 -7.73
N TRP A 80 11.20 9.81 -7.53
CA TRP A 80 11.23 10.76 -8.62
C TRP A 80 12.56 11.51 -8.66
N GLY A 81 13.40 11.16 -9.63
CA GLY A 81 14.69 11.81 -9.76
C GLY A 81 15.42 11.92 -8.44
N GLN A 82 15.49 13.13 -7.90
CA GLN A 82 16.16 13.37 -6.62
C GLN A 82 15.16 13.63 -5.51
N SER A 83 14.01 14.21 -5.88
CA SER A 83 12.97 14.51 -4.91
C SER A 83 12.08 13.30 -4.66
N LEU A 84 11.41 13.30 -3.52
CA LEU A 84 10.53 12.20 -3.15
C LEU A 84 9.11 12.70 -2.87
N LEU A 85 8.26 12.65 -3.89
CA LEU A 85 6.88 13.10 -3.75
C LEU A 85 6.25 12.56 -2.48
N PRO A 86 5.26 13.28 -1.95
CA PRO A 86 4.56 12.90 -0.72
C PRO A 86 3.68 11.67 -0.91
N PRO A 87 4.08 10.54 -0.32
CA PRO A 87 3.35 9.28 -0.42
C PRO A 87 2.02 9.32 0.34
N VAL A 88 1.28 8.23 0.29
CA VAL A 88 -0.01 8.13 0.97
C VAL A 88 -0.07 6.92 1.89
N SER A 89 -0.48 7.14 3.13
CA SER A 89 -0.58 6.06 4.11
C SER A 89 -2.03 5.68 4.36
N THR A 90 -2.28 4.39 4.57
CA THR A 90 -3.63 3.91 4.83
C THR A 90 -3.62 2.79 5.87
N SER A 91 -4.70 2.71 6.65
CA SER A 91 -4.81 1.69 7.68
C SER A 91 -5.85 0.63 7.29
N PHE A 92 -5.43 -0.63 7.35
CA PHE A 92 -6.31 -1.74 7.00
C PHE A 92 -6.15 -2.89 7.98
N THR A 93 -7.27 -3.49 8.37
CA THR A 93 -7.25 -4.61 9.32
C THR A 93 -7.55 -5.93 8.60
N THR A 94 -6.84 -6.98 8.99
CA THR A 94 -7.04 -8.30 8.39
C THR A 94 -8.16 -9.06 9.08
N GLY A 95 -8.79 -9.97 8.35
CA GLY A 95 -9.87 -10.76 8.92
C GLY A 95 -9.41 -11.67 10.04
N GLY A 96 -10.20 -12.69 10.34
CA GLY A 96 -9.85 -13.63 11.38
C GLY A 96 -9.97 -15.07 10.95
N LEU A 97 -8.96 -15.87 11.27
CA LEU A 97 -8.95 -17.28 10.90
C LEU A 97 -10.09 -18.03 11.58
N ARG A 98 -11.14 -18.32 10.81
CA ARG A 98 -12.30 -19.03 11.34
C ARG A 98 -12.91 -19.93 10.28
N ILE A 99 -13.63 -20.96 10.72
CA ILE A 99 -14.27 -21.88 9.80
C ILE A 99 -15.71 -21.47 9.50
N SER A 100 -16.03 -21.30 8.22
CA SER A 100 -17.37 -20.90 7.81
C SER A 100 -18.36 -22.03 8.01
N GLY A 101 -19.22 -21.89 9.03
CA GLY A 101 -20.21 -22.91 9.31
C GLY A 101 -21.09 -23.21 8.11
N PRO A 102 -21.50 -24.49 8.00
CA PRO A 102 -22.36 -24.94 6.89
C PRO A 102 -23.77 -24.38 6.99
N SER A 103 -24.30 -23.94 5.85
CA SER A 103 -25.64 -23.38 5.81
C SER A 103 -26.56 -24.22 4.92
N SER A 104 -27.38 -25.06 5.55
CA SER A 104 -28.29 -25.93 4.82
C SER A 104 -29.47 -25.13 4.27
N GLY A 105 -29.54 -25.03 2.94
CA GLY A 105 -30.61 -24.30 2.31
C GLY A 105 -30.17 -23.60 1.03
N GLY A 1 7.15 17.52 1.50
CA GLY A 1 8.07 18.51 0.97
C GLY A 1 7.35 19.67 0.31
N SER A 2 7.76 20.88 0.64
CA SER A 2 7.14 22.08 0.07
C SER A 2 7.92 22.58 -1.13
N SER A 3 8.72 21.70 -1.73
CA SER A 3 9.52 22.04 -2.90
C SER A 3 9.15 21.18 -4.09
N GLY A 4 8.71 21.82 -5.17
CA GLY A 4 8.33 21.09 -6.36
C GLY A 4 8.56 21.90 -7.63
N SER A 5 9.80 21.94 -8.09
CA SER A 5 10.14 22.69 -9.30
C SER A 5 9.28 22.25 -10.47
N SER A 6 9.09 20.94 -10.62
CA SER A 6 8.28 20.39 -11.70
C SER A 6 6.89 20.03 -11.21
N GLY A 7 5.94 19.98 -12.13
CA GLY A 7 4.57 19.64 -11.78
C GLY A 7 4.39 18.16 -11.50
N LEU A 8 4.94 17.70 -10.38
CA LEU A 8 4.85 16.29 -9.99
C LEU A 8 3.50 16.00 -9.33
N GLU A 9 3.08 14.75 -9.38
CA GLU A 9 1.82 14.34 -8.78
C GLU A 9 1.98 13.02 -8.03
N ALA A 10 1.35 12.94 -6.85
CA ALA A 10 1.42 11.73 -6.04
C ALA A 10 0.20 10.85 -6.27
N PRO A 11 0.31 9.58 -5.84
CA PRO A 11 -0.78 8.60 -5.99
C PRO A 11 -1.95 8.90 -5.09
N ARG A 12 -3.16 8.58 -5.56
CA ARG A 12 -4.37 8.83 -4.79
C ARG A 12 -5.31 7.62 -4.85
N ASP A 13 -6.36 7.65 -4.05
CA ASP A 13 -7.33 6.56 -4.02
C ASP A 13 -6.67 5.27 -3.54
N LEU A 14 -5.83 5.38 -2.51
CA LEU A 14 -5.13 4.22 -1.96
C LEU A 14 -5.93 3.59 -0.83
N GLU A 15 -6.63 2.50 -1.15
CA GLU A 15 -7.44 1.80 -0.15
C GLU A 15 -7.14 0.30 -0.16
N ALA A 16 -7.55 -0.38 0.90
CA ALA A 16 -7.33 -1.82 1.02
C ALA A 16 -8.51 -2.59 0.44
N LYS A 17 -8.20 -3.65 -0.31
CA LYS A 17 -9.23 -4.49 -0.91
C LYS A 17 -8.86 -5.96 -0.82
N GLU A 18 -9.88 -6.82 -0.90
CA GLU A 18 -9.66 -8.26 -0.82
C GLU A 18 -8.89 -8.62 0.44
N VAL A 19 -9.04 -7.81 1.49
CA VAL A 19 -8.35 -8.05 2.75
C VAL A 19 -8.70 -9.42 3.32
N THR A 20 -7.68 -10.17 3.72
CA THR A 20 -7.88 -11.50 4.27
C THR A 20 -6.88 -11.78 5.39
N PRO A 21 -7.22 -12.75 6.26
CA PRO A 21 -6.37 -13.13 7.39
C PRO A 21 -5.09 -13.85 6.94
N ARG A 22 -5.01 -14.12 5.64
CA ARG A 22 -3.84 -14.80 5.08
C ARG A 22 -3.09 -13.89 4.12
N THR A 23 -3.81 -12.94 3.52
CA THR A 23 -3.21 -12.00 2.58
C THR A 23 -3.98 -10.69 2.53
N ALA A 24 -3.49 -9.76 1.74
CA ALA A 24 -4.15 -8.46 1.60
C ALA A 24 -3.72 -7.76 0.32
N LEU A 25 -4.69 -7.24 -0.43
CA LEU A 25 -4.42 -6.55 -1.68
C LEU A 25 -4.65 -5.05 -1.54
N LEU A 26 -3.70 -4.26 -2.03
CA LEU A 26 -3.81 -2.81 -1.96
C LEU A 26 -3.68 -2.18 -3.35
N THR A 27 -4.74 -1.49 -3.77
CA THR A 27 -4.76 -0.84 -5.08
C THR A 27 -4.62 0.67 -4.95
N TRP A 28 -4.06 1.30 -5.97
CA TRP A 28 -3.87 2.74 -5.97
C TRP A 28 -3.96 3.31 -7.38
N THR A 29 -4.20 4.61 -7.47
CA THR A 29 -4.31 5.27 -8.77
C THR A 29 -2.99 5.90 -9.19
N GLU A 30 -2.47 5.48 -10.34
CA GLU A 30 -1.21 6.01 -10.84
C GLU A 30 -1.36 7.47 -11.26
N PRO A 31 -0.36 8.29 -10.90
CA PRO A 31 -0.36 9.72 -11.23
C PRO A 31 -0.15 9.97 -12.71
N PRO A 32 -0.34 11.23 -13.13
CA PRO A 32 -0.18 11.64 -14.53
C PRO A 32 1.28 11.60 -14.99
N VAL A 33 2.16 11.20 -14.08
CA VAL A 33 3.59 11.11 -14.38
C VAL A 33 4.18 9.81 -13.89
N ARG A 34 4.44 8.89 -14.82
CA ARG A 34 5.01 7.60 -14.49
C ARG A 34 6.33 7.76 -13.73
N PRO A 35 6.35 7.32 -12.47
CA PRO A 35 7.53 7.40 -11.60
C PRO A 35 8.63 6.45 -12.05
N ALA A 36 9.70 6.38 -11.26
CA ALA A 36 10.82 5.50 -11.57
C ALA A 36 10.69 4.16 -10.85
N GLY A 37 10.16 4.19 -9.64
CA GLY A 37 9.99 2.98 -8.87
C GLY A 37 8.96 3.12 -7.77
N TYR A 38 8.84 2.10 -6.93
CA TYR A 38 7.88 2.12 -5.84
C TYR A 38 8.49 1.55 -4.56
N LEU A 39 8.14 2.13 -3.42
CA LEU A 39 8.66 1.68 -2.14
C LEU A 39 7.53 1.51 -1.12
N LEU A 40 6.97 0.30 -1.07
CA LEU A 40 5.87 0.01 -0.14
C LEU A 40 6.41 -0.36 1.23
N SER A 41 6.12 0.47 2.23
CA SER A 41 6.57 0.24 3.59
C SER A 41 5.41 -0.18 4.49
N PHE A 42 5.44 -1.44 4.93
CA PHE A 42 4.38 -1.96 5.80
C PHE A 42 4.95 -2.36 7.16
N HIS A 43 4.38 -1.80 8.22
CA HIS A 43 4.83 -2.10 9.58
C HIS A 43 3.64 -2.32 10.51
N THR A 44 3.88 -3.01 11.61
CA THR A 44 2.83 -3.29 12.59
C THR A 44 2.86 -2.30 13.74
N PRO A 45 1.70 -2.07 14.37
CA PRO A 45 1.57 -1.15 15.49
C PRO A 45 2.26 -1.66 16.76
N GLY A 46 2.92 -2.81 16.63
CA GLY A 46 3.61 -3.39 17.76
C GLY A 46 4.82 -4.21 17.35
N GLY A 47 5.46 -3.81 16.25
CA GLY A 47 6.62 -4.53 15.77
C GLY A 47 7.52 -3.66 14.92
N GLN A 48 8.52 -4.27 14.28
CA GLN A 48 9.46 -3.56 13.43
C GLN A 48 8.84 -3.28 12.07
N THR A 49 9.47 -2.37 11.32
CA THR A 49 8.98 -2.01 9.99
C THR A 49 9.79 -2.73 8.91
N GLN A 50 9.10 -3.14 7.84
CA GLN A 50 9.76 -3.83 6.73
C GLN A 50 9.54 -3.09 5.42
N GLU A 51 10.63 -2.87 4.68
CA GLU A 51 10.54 -2.16 3.41
C GLU A 51 10.62 -3.15 2.23
N ILE A 52 9.77 -2.94 1.24
CA ILE A 52 9.74 -3.80 0.07
C ILE A 52 9.85 -2.98 -1.21
N LEU A 53 10.64 -3.49 -2.17
CA LEU A 53 10.84 -2.82 -3.43
C LEU A 53 9.79 -3.25 -4.45
N LEU A 54 8.93 -2.32 -4.84
CA LEU A 54 7.88 -2.61 -5.81
C LEU A 54 8.27 -2.12 -7.20
N PRO A 55 7.90 -2.90 -8.23
CA PRO A 55 8.20 -2.55 -9.63
C PRO A 55 7.39 -1.36 -10.12
N GLY A 56 8.01 -0.19 -10.11
CA GLY A 56 7.34 1.01 -10.56
C GLY A 56 6.60 0.81 -11.87
N GLY A 57 5.29 0.55 -11.78
CA GLY A 57 4.50 0.33 -12.97
C GLY A 57 3.13 -0.23 -12.66
N ILE A 58 3.05 -1.05 -11.61
CA ILE A 58 1.78 -1.66 -11.21
C ILE A 58 0.92 -0.67 -10.42
N THR A 59 -0.32 -1.05 -10.18
CA THR A 59 -1.25 -0.20 -9.44
C THR A 59 -1.83 -0.94 -8.25
N SER A 60 -1.59 -2.24 -8.18
CA SER A 60 -2.09 -3.06 -7.08
C SER A 60 -1.12 -4.21 -6.76
N HIS A 61 -0.70 -4.27 -5.50
CA HIS A 61 0.23 -5.30 -5.07
C HIS A 61 -0.43 -6.22 -4.06
N GLN A 62 0.01 -7.47 -4.02
CA GLN A 62 -0.54 -8.46 -3.09
C GLN A 62 0.45 -8.75 -1.96
N LEU A 63 0.11 -8.29 -0.76
CA LEU A 63 0.96 -8.50 0.41
C LEU A 63 0.82 -9.93 0.94
N LEU A 64 1.93 -10.51 1.36
CA LEU A 64 1.93 -11.87 1.90
C LEU A 64 2.50 -11.90 3.31
N GLY A 65 2.26 -12.99 4.02
CA GLY A 65 2.75 -13.13 5.37
C GLY A 65 2.18 -12.07 6.30
N LEU A 66 0.91 -12.24 6.66
CA LEU A 66 0.24 -11.29 7.55
C LEU A 66 -0.34 -12.00 8.76
N PHE A 67 -0.70 -11.23 9.79
CA PHE A 67 -1.28 -11.79 11.01
C PHE A 67 -2.79 -11.62 11.02
N PRO A 68 -3.49 -12.60 11.61
CA PRO A 68 -4.96 -12.58 11.70
C PRO A 68 -5.46 -11.52 12.67
N SER A 69 -6.27 -10.60 12.16
CA SER A 69 -6.81 -9.52 12.98
C SER A 69 -5.72 -8.58 13.45
N THR A 70 -4.72 -8.37 12.59
CA THR A 70 -3.61 -7.50 12.92
C THR A 70 -3.60 -6.26 12.02
N SER A 71 -3.76 -5.09 12.63
CA SER A 71 -3.77 -3.84 11.88
C SER A 71 -2.40 -3.56 11.27
N TYR A 72 -2.40 -3.05 10.05
CA TYR A 72 -1.15 -2.74 9.35
C TYR A 72 -1.20 -1.34 8.76
N ASN A 73 -0.03 -0.82 8.38
CA ASN A 73 0.06 0.51 7.79
C ASN A 73 1.01 0.51 6.59
N ALA A 74 0.45 0.57 5.40
CA ALA A 74 1.25 0.58 4.17
C ALA A 74 1.51 2.01 3.71
N ARG A 75 2.62 2.20 2.99
CA ARG A 75 2.99 3.51 2.49
C ARG A 75 3.56 3.41 1.08
N LEU A 76 2.82 3.93 0.11
CA LEU A 76 3.26 3.90 -1.28
C LEU A 76 4.08 5.15 -1.63
N GLN A 77 5.37 4.94 -1.88
CA GLN A 77 6.26 6.05 -2.22
C GLN A 77 6.99 5.77 -3.53
N ALA A 78 6.89 6.71 -4.46
CA ALA A 78 7.54 6.57 -5.76
C ALA A 78 8.82 7.39 -5.82
N MET A 79 9.84 6.85 -6.49
CA MET A 79 11.13 7.53 -6.62
C MET A 79 11.14 8.42 -7.85
N TRP A 80 11.35 9.72 -7.63
CA TRP A 80 11.39 10.68 -8.72
C TRP A 80 12.74 11.39 -8.78
N GLY A 81 13.11 11.86 -9.97
CA GLY A 81 14.37 12.55 -10.14
C GLY A 81 14.73 13.41 -8.94
N GLN A 82 15.79 13.03 -8.23
CA GLN A 82 16.22 13.77 -7.05
C GLN A 82 15.04 14.34 -6.30
N SER A 83 13.99 13.53 -6.13
CA SER A 83 12.79 13.96 -5.43
C SER A 83 11.99 12.76 -4.94
N LEU A 84 11.30 12.93 -3.82
CA LEU A 84 10.50 11.85 -3.24
C LEU A 84 9.11 12.35 -2.88
N LEU A 85 8.26 12.54 -3.88
CA LEU A 85 6.90 13.01 -3.68
C LEU A 85 6.31 12.42 -2.39
N PRO A 86 5.37 13.16 -1.79
CA PRO A 86 4.71 12.73 -0.55
C PRO A 86 3.78 11.54 -0.78
N PRO A 87 4.15 10.38 -0.20
CA PRO A 87 3.36 9.15 -0.32
C PRO A 87 2.04 9.23 0.44
N VAL A 88 1.26 8.15 0.39
CA VAL A 88 -0.02 8.10 1.07
C VAL A 88 -0.10 6.90 2.01
N SER A 89 -0.52 7.15 3.25
CA SER A 89 -0.63 6.09 4.25
C SER A 89 -2.07 5.62 4.38
N THR A 90 -2.25 4.31 4.50
CA THR A 90 -3.57 3.72 4.62
C THR A 90 -3.56 2.55 5.59
N SER A 91 -4.48 2.58 6.56
CA SER A 91 -4.57 1.52 7.56
C SER A 91 -5.67 0.53 7.19
N PHE A 92 -5.42 -0.75 7.46
CA PHE A 92 -6.39 -1.80 7.16
C PHE A 92 -6.23 -2.97 8.12
N THR A 93 -7.34 -3.48 8.62
CA THR A 93 -7.33 -4.60 9.55
C THR A 93 -7.62 -5.91 8.83
N THR A 94 -6.81 -6.93 9.09
CA THR A 94 -6.99 -8.23 8.46
C THR A 94 -8.05 -9.04 9.18
N GLY A 95 -8.64 -10.01 8.46
CA GLY A 95 -9.67 -10.84 9.05
C GLY A 95 -9.12 -11.85 10.03
N GLY A 96 -9.81 -12.98 10.17
CA GLY A 96 -9.37 -14.01 11.09
C GLY A 96 -9.28 -15.38 10.44
N LEU A 97 -8.16 -16.06 10.64
CA LEU A 97 -7.97 -17.38 10.07
C LEU A 97 -9.14 -18.30 10.40
N ARG A 98 -9.77 -18.85 9.36
CA ARG A 98 -10.90 -19.74 9.55
C ARG A 98 -11.05 -20.69 8.36
N ILE A 99 -11.89 -21.70 8.50
CA ILE A 99 -12.13 -22.67 7.45
C ILE A 99 -13.62 -22.97 7.28
N SER A 100 -14.06 -23.03 6.04
CA SER A 100 -15.47 -23.30 5.75
C SER A 100 -15.61 -24.45 4.75
N GLY A 101 -16.80 -25.05 4.70
CA GLY A 101 -17.02 -26.15 3.78
C GLY A 101 -18.50 -26.32 3.46
N PRO A 102 -18.97 -25.56 2.46
CA PRO A 102 -20.37 -25.61 2.02
C PRO A 102 -20.71 -26.92 1.31
N SER A 103 -19.86 -27.31 0.37
CA SER A 103 -20.07 -28.54 -0.38
C SER A 103 -18.88 -28.83 -1.30
N SER A 104 -18.95 -29.96 -1.99
CA SER A 104 -17.88 -30.35 -2.90
C SER A 104 -17.55 -29.23 -3.88
N GLY A 105 -18.59 -28.59 -4.41
CA GLY A 105 -18.39 -27.50 -5.35
C GLY A 105 -18.23 -27.98 -6.78
N GLY A 1 10.15 32.04 -6.45
CA GLY A 1 8.92 31.83 -7.19
C GLY A 1 8.35 30.44 -6.97
N SER A 2 7.82 30.20 -5.77
CA SER A 2 7.24 28.91 -5.44
C SER A 2 5.71 28.95 -5.54
N SER A 3 5.18 28.36 -6.60
CA SER A 3 3.74 28.33 -6.83
C SER A 3 3.11 27.12 -6.15
N GLY A 4 3.61 25.94 -6.49
CA GLY A 4 3.09 24.72 -5.90
C GLY A 4 3.12 23.55 -6.87
N SER A 5 2.28 23.62 -7.91
CA SER A 5 2.22 22.56 -8.91
C SER A 5 3.47 22.56 -9.79
N SER A 6 4.16 21.43 -9.83
CA SER A 6 5.37 21.31 -10.64
C SER A 6 5.06 20.74 -12.01
N GLY A 7 4.68 19.47 -12.05
CA GLY A 7 4.35 18.83 -13.31
C GLY A 7 3.76 17.45 -13.14
N LEU A 8 4.20 16.76 -12.09
CA LEU A 8 3.70 15.40 -11.80
C LEU A 8 2.82 15.40 -10.56
N GLU A 9 2.22 14.25 -10.28
CA GLU A 9 1.35 14.12 -9.12
C GLU A 9 1.61 12.80 -8.39
N ALA A 10 1.09 12.70 -7.17
CA ALA A 10 1.26 11.49 -6.36
C ALA A 10 0.07 10.56 -6.51
N PRO A 11 0.22 9.32 -6.01
CA PRO A 11 -0.83 8.30 -6.09
C PRO A 11 -2.01 8.63 -5.17
N ARG A 12 -3.22 8.41 -5.67
CA ARG A 12 -4.42 8.68 -4.89
C ARG A 12 -5.39 7.51 -4.97
N ASP A 13 -6.53 7.64 -4.30
CA ASP A 13 -7.55 6.59 -4.29
C ASP A 13 -6.98 5.29 -3.74
N LEU A 14 -6.20 5.40 -2.66
CA LEU A 14 -5.59 4.23 -2.04
C LEU A 14 -6.59 3.53 -1.11
N GLU A 15 -6.97 2.31 -1.48
CA GLU A 15 -7.91 1.54 -0.67
C GLU A 15 -7.48 0.08 -0.59
N ALA A 16 -7.72 -0.54 0.57
CA ALA A 16 -7.36 -1.94 0.78
C ALA A 16 -8.48 -2.86 0.32
N LYS A 17 -8.14 -3.76 -0.61
CA LYS A 17 -9.12 -4.71 -1.14
C LYS A 17 -8.68 -6.15 -0.86
N GLU A 18 -9.61 -7.08 -1.03
CA GLU A 18 -9.32 -8.49 -0.80
C GLU A 18 -8.59 -8.69 0.53
N VAL A 19 -9.05 -7.98 1.56
CA VAL A 19 -8.44 -8.08 2.88
C VAL A 19 -8.74 -9.43 3.52
N THR A 20 -7.69 -10.16 3.87
CA THR A 20 -7.84 -11.47 4.49
C THR A 20 -6.84 -11.66 5.63
N PRO A 21 -7.15 -12.58 6.54
CA PRO A 21 -6.30 -12.87 7.70
C PRO A 21 -5.00 -13.57 7.30
N ARG A 22 -4.85 -13.83 6.00
CA ARG A 22 -3.66 -14.49 5.49
C ARG A 22 -2.93 -13.60 4.49
N THR A 23 -3.68 -12.70 3.85
CA THR A 23 -3.09 -11.78 2.87
C THR A 23 -3.93 -10.52 2.75
N ALA A 24 -3.33 -9.48 2.18
CA ALA A 24 -4.01 -8.20 1.99
C ALA A 24 -3.53 -7.50 0.73
N LEU A 25 -4.47 -7.15 -0.15
CA LEU A 25 -4.14 -6.46 -1.38
C LEU A 25 -4.51 -4.98 -1.31
N LEU A 26 -3.62 -4.13 -1.82
CA LEU A 26 -3.85 -2.69 -1.81
C LEU A 26 -3.83 -2.13 -3.23
N THR A 27 -4.90 -1.44 -3.60
CA THR A 27 -5.01 -0.85 -4.93
C THR A 27 -4.90 0.67 -4.86
N TRP A 28 -4.08 1.23 -5.73
CA TRP A 28 -3.88 2.69 -5.78
C TRP A 28 -3.93 3.19 -7.21
N THR A 29 -4.23 4.49 -7.37
CA THR A 29 -4.31 5.10 -8.68
C THR A 29 -2.99 5.74 -9.07
N GLU A 30 -2.35 5.21 -10.11
CA GLU A 30 -1.07 5.74 -10.58
C GLU A 30 -1.26 7.13 -11.21
N PRO A 31 -0.30 8.02 -10.94
CA PRO A 31 -0.32 9.39 -11.46
C PRO A 31 -0.10 9.44 -12.97
N PRO A 32 -0.32 10.62 -13.57
CA PRO A 32 -0.14 10.84 -15.01
C PRO A 32 1.33 10.79 -15.42
N VAL A 33 2.21 10.65 -14.44
CA VAL A 33 3.64 10.60 -14.71
C VAL A 33 4.27 9.36 -14.07
N ARG A 34 4.52 8.35 -14.91
CA ARG A 34 5.13 7.11 -14.44
C ARG A 34 6.46 7.38 -13.73
N PRO A 35 6.47 7.15 -12.40
CA PRO A 35 7.68 7.37 -11.59
C PRO A 35 8.76 6.34 -11.88
N ALA A 36 9.96 6.59 -11.36
CA ALA A 36 11.08 5.69 -11.57
C ALA A 36 10.83 4.34 -10.89
N GLY A 37 10.42 4.40 -9.63
CA GLY A 37 10.15 3.19 -8.88
C GLY A 37 9.17 3.40 -7.75
N TYR A 38 8.83 2.32 -7.05
CA TYR A 38 7.90 2.39 -5.93
C TYR A 38 8.46 1.69 -4.70
N LEU A 39 8.26 2.29 -3.54
CA LEU A 39 8.75 1.72 -2.29
C LEU A 39 7.60 1.54 -1.29
N LEU A 40 7.01 0.35 -1.30
CA LEU A 40 5.91 0.04 -0.40
C LEU A 40 6.43 -0.40 0.97
N SER A 41 6.42 0.52 1.92
CA SER A 41 6.89 0.23 3.28
C SER A 41 5.72 0.17 4.25
N PHE A 42 5.48 -1.01 4.79
CA PHE A 42 4.39 -1.21 5.74
C PHE A 42 4.89 -1.89 7.01
N HIS A 43 4.44 -1.41 8.16
CA HIS A 43 4.85 -1.96 9.44
C HIS A 43 3.63 -2.22 10.34
N THR A 44 3.79 -3.11 11.31
CA THR A 44 2.71 -3.44 12.23
C THR A 44 2.86 -2.70 13.55
N PRO A 45 1.73 -2.26 14.11
CA PRO A 45 1.72 -1.53 15.39
C PRO A 45 2.07 -2.43 16.57
N GLY A 46 3.37 -2.61 16.80
CA GLY A 46 3.81 -3.44 17.90
C GLY A 46 4.71 -4.58 17.44
N GLY A 47 5.43 -4.36 16.34
CA GLY A 47 6.31 -5.38 15.82
C GLY A 47 7.52 -4.80 15.11
N GLN A 48 7.69 -5.15 13.85
CA GLN A 48 8.81 -4.66 13.06
C GLN A 48 8.33 -4.04 11.76
N THR A 49 9.28 -3.61 10.92
CA THR A 49 8.95 -2.99 9.64
C THR A 49 9.50 -3.81 8.48
N GLN A 50 8.74 -3.87 7.39
CA GLN A 50 9.15 -4.61 6.21
C GLN A 50 9.11 -3.74 4.96
N GLU A 51 10.25 -3.62 4.28
CA GLU A 51 10.34 -2.81 3.08
C GLU A 51 10.35 -3.69 1.83
N ILE A 52 9.73 -3.20 0.76
CA ILE A 52 9.67 -3.94 -0.49
C ILE A 52 9.88 -3.02 -1.69
N LEU A 53 10.81 -3.38 -2.55
CA LEU A 53 11.11 -2.59 -3.75
C LEU A 53 10.25 -3.02 -4.93
N LEU A 54 9.10 -2.38 -5.09
CA LEU A 54 8.20 -2.70 -6.18
C LEU A 54 8.86 -2.44 -7.53
N PRO A 55 8.31 -3.08 -8.58
CA PRO A 55 8.82 -2.93 -9.95
C PRO A 55 8.56 -1.54 -10.52
N GLY A 56 7.47 -0.92 -10.07
CA GLY A 56 7.12 0.41 -10.54
C GLY A 56 6.31 0.37 -11.83
N GLY A 57 5.01 0.66 -11.71
CA GLY A 57 4.14 0.65 -12.87
C GLY A 57 2.92 -0.22 -12.67
N ILE A 58 2.66 -0.60 -11.43
CA ILE A 58 1.52 -1.44 -11.11
C ILE A 58 0.48 -0.68 -10.30
N THR A 59 -0.72 -1.24 -10.21
CA THR A 59 -1.81 -0.60 -9.48
C THR A 59 -2.36 -1.53 -8.40
N SER A 60 -1.62 -2.61 -8.12
CA SER A 60 -2.03 -3.57 -7.11
C SER A 60 -0.86 -4.45 -6.69
N HIS A 61 -0.64 -4.55 -5.38
CA HIS A 61 0.45 -5.36 -4.85
C HIS A 61 -0.07 -6.33 -3.79
N GLN A 62 0.31 -7.59 -3.92
CA GLN A 62 -0.12 -8.62 -2.97
C GLN A 62 0.85 -8.70 -1.79
N LEU A 63 0.35 -8.40 -0.60
CA LEU A 63 1.16 -8.45 0.61
C LEU A 63 0.99 -9.77 1.34
N LEU A 64 2.10 -10.47 1.56
CA LEU A 64 2.07 -11.76 2.26
C LEU A 64 2.73 -11.65 3.63
N GLY A 65 2.33 -12.52 4.54
CA GLY A 65 2.90 -12.52 5.88
C GLY A 65 2.26 -11.48 6.78
N LEU A 66 1.01 -11.74 7.17
CA LEU A 66 0.29 -10.81 8.03
C LEU A 66 -0.27 -11.53 9.25
N PHE A 67 -0.99 -10.79 10.11
CA PHE A 67 -1.57 -11.37 11.31
C PHE A 67 -3.10 -11.24 11.28
N PRO A 68 -3.78 -12.17 11.95
CA PRO A 68 -5.25 -12.20 12.02
C PRO A 68 -5.80 -11.05 12.87
N SER A 69 -6.67 -10.25 12.27
CA SER A 69 -7.27 -9.12 12.96
C SER A 69 -6.20 -8.14 13.44
N THR A 70 -5.15 -7.98 12.63
CA THR A 70 -4.06 -7.09 12.97
C THR A 70 -4.01 -5.90 12.01
N SER A 71 -4.04 -4.70 12.55
CA SER A 71 -4.01 -3.48 11.75
C SER A 71 -2.59 -3.22 11.23
N TYR A 72 -2.48 -2.96 9.93
CA TYR A 72 -1.19 -2.70 9.32
C TYR A 72 -1.18 -1.33 8.64
N ASN A 73 -0.05 -0.63 8.75
CA ASN A 73 0.09 0.69 8.14
C ASN A 73 1.00 0.64 6.91
N ALA A 74 0.38 0.69 5.74
CA ALA A 74 1.13 0.65 4.49
C ALA A 74 1.45 2.06 3.99
N ARG A 75 2.56 2.19 3.27
CA ARG A 75 2.97 3.48 2.73
C ARG A 75 3.53 3.34 1.33
N LEU A 76 2.94 4.06 0.38
CA LEU A 76 3.37 4.00 -1.01
C LEU A 76 4.16 5.25 -1.37
N GLN A 77 5.48 5.11 -1.49
CA GLN A 77 6.35 6.22 -1.84
C GLN A 77 7.13 5.93 -3.12
N ALA A 78 6.93 6.76 -4.14
CA ALA A 78 7.62 6.59 -5.41
C ALA A 78 8.88 7.44 -5.47
N MET A 79 9.88 6.94 -6.19
CA MET A 79 11.15 7.66 -6.33
C MET A 79 11.13 8.55 -7.57
N TRP A 80 11.17 9.86 -7.36
CA TRP A 80 11.16 10.81 -8.46
C TRP A 80 12.50 11.55 -8.56
N GLY A 81 12.79 12.08 -9.74
CA GLY A 81 14.03 12.80 -9.95
C GLY A 81 14.46 13.58 -8.72
N GLN A 82 15.54 13.14 -8.08
CA GLN A 82 16.05 13.80 -6.89
C GLN A 82 14.91 14.38 -6.05
N SER A 83 13.86 13.57 -5.87
CA SER A 83 12.70 14.00 -5.09
C SER A 83 11.92 12.78 -4.58
N LEU A 84 11.22 12.97 -3.47
CA LEU A 84 10.44 11.89 -2.87
C LEU A 84 9.02 12.36 -2.56
N LEU A 85 8.21 12.52 -3.60
CA LEU A 85 6.83 12.96 -3.44
C LEU A 85 6.21 12.37 -2.18
N PRO A 86 5.21 13.07 -1.61
CA PRO A 86 4.52 12.63 -0.41
C PRO A 86 3.65 11.41 -0.64
N PRO A 87 4.01 10.29 0.00
CA PRO A 87 3.26 9.03 -0.14
C PRO A 87 1.89 9.09 0.53
N VAL A 88 1.17 7.98 0.50
CA VAL A 88 -0.15 7.91 1.09
C VAL A 88 -0.23 6.79 2.13
N SER A 89 -0.54 7.16 3.37
CA SER A 89 -0.64 6.20 4.46
C SER A 89 -2.10 5.81 4.71
N THR A 90 -2.38 4.51 4.69
CA THR A 90 -3.72 4.01 4.91
C THR A 90 -3.72 2.80 5.84
N SER A 91 -4.57 2.83 6.85
CA SER A 91 -4.66 1.73 7.81
C SER A 91 -5.72 0.71 7.38
N PHE A 92 -5.34 -0.56 7.34
CA PHE A 92 -6.25 -1.62 6.96
C PHE A 92 -6.22 -2.76 7.97
N THR A 93 -7.40 -3.27 8.31
CA THR A 93 -7.51 -4.37 9.27
C THR A 93 -7.75 -5.70 8.55
N THR A 94 -7.03 -6.72 8.98
CA THR A 94 -7.17 -8.05 8.39
C THR A 94 -8.33 -8.81 9.00
N GLY A 95 -8.84 -9.81 8.27
CA GLY A 95 -9.95 -10.60 8.77
C GLY A 95 -9.54 -11.55 9.88
N GLY A 96 -10.44 -12.47 10.22
CA GLY A 96 -10.14 -13.43 11.27
C GLY A 96 -10.10 -14.85 10.77
N LEU A 97 -9.43 -15.72 11.51
CA LEU A 97 -9.32 -17.13 11.13
C LEU A 97 -10.45 -17.95 11.72
N ARG A 98 -11.63 -17.86 11.11
CA ARG A 98 -12.80 -18.59 11.58
C ARG A 98 -13.59 -19.16 10.40
N ILE A 99 -14.73 -19.78 10.71
CA ILE A 99 -15.58 -20.37 9.68
C ILE A 99 -16.65 -19.37 9.24
N SER A 100 -16.79 -19.21 7.92
CA SER A 100 -17.78 -18.30 7.36
C SER A 100 -19.12 -19.00 7.14
N GLY A 101 -20.18 -18.38 7.62
CA GLY A 101 -21.51 -18.96 7.47
C GLY A 101 -22.43 -18.09 6.65
N PRO A 102 -23.34 -18.72 5.89
CA PRO A 102 -24.30 -18.02 5.04
C PRO A 102 -25.37 -17.28 5.86
N SER A 103 -25.34 -17.50 7.17
CA SER A 103 -26.31 -16.87 8.06
C SER A 103 -27.73 -17.26 7.69
N SER A 104 -27.92 -18.54 7.39
CA SER A 104 -29.24 -19.05 7.01
C SER A 104 -30.23 -18.88 8.16
N GLY A 105 -31.31 -18.14 7.89
CA GLY A 105 -32.32 -17.92 8.90
C GLY A 105 -33.48 -17.09 8.40
N GLY A 1 9.53 26.79 3.88
CA GLY A 1 10.05 26.31 2.62
C GLY A 1 8.97 25.84 1.67
N SER A 2 9.11 24.63 1.17
CA SER A 2 8.14 24.06 0.24
C SER A 2 7.59 25.13 -0.69
N SER A 3 8.48 25.98 -1.19
CA SER A 3 8.09 27.05 -2.11
C SER A 3 8.11 26.57 -3.55
N GLY A 4 9.16 25.83 -3.91
CA GLY A 4 9.27 25.33 -5.27
C GLY A 4 8.33 24.18 -5.54
N SER A 5 7.37 24.40 -6.43
CA SER A 5 6.40 23.37 -6.78
C SER A 5 6.71 22.75 -8.14
N SER A 6 6.07 21.63 -8.43
CA SER A 6 6.28 20.94 -9.69
C SER A 6 5.00 20.26 -10.18
N GLY A 7 4.93 20.00 -11.48
CA GLY A 7 3.76 19.35 -12.04
C GLY A 7 3.54 17.96 -11.49
N LEU A 8 4.65 17.28 -11.16
CA LEU A 8 4.56 15.93 -10.62
C LEU A 8 3.42 15.79 -9.62
N GLU A 9 2.90 14.58 -9.49
CA GLU A 9 1.80 14.32 -8.56
C GLU A 9 1.99 12.97 -7.87
N ALA A 10 1.37 12.83 -6.69
CA ALA A 10 1.46 11.60 -5.93
C ALA A 10 0.25 10.71 -6.18
N PRO A 11 0.37 9.43 -5.78
CA PRO A 11 -0.71 8.45 -5.95
C PRO A 11 -1.90 8.73 -5.05
N ARG A 12 -3.10 8.39 -5.51
CA ARG A 12 -4.32 8.61 -4.74
C ARG A 12 -5.22 7.38 -4.81
N ASP A 13 -6.37 7.48 -4.15
CA ASP A 13 -7.34 6.38 -4.13
C ASP A 13 -6.70 5.12 -3.54
N LEU A 14 -5.85 5.31 -2.55
CA LEU A 14 -5.18 4.18 -1.89
C LEU A 14 -6.07 3.56 -0.83
N GLU A 15 -6.49 2.32 -1.07
CA GLU A 15 -7.36 1.61 -0.13
C GLU A 15 -7.05 0.11 -0.13
N ALA A 16 -7.39 -0.55 0.96
CA ALA A 16 -7.14 -1.99 1.09
C ALA A 16 -8.20 -2.79 0.35
N LYS A 17 -7.75 -3.72 -0.49
CA LYS A 17 -8.65 -4.56 -1.26
C LYS A 17 -8.48 -6.03 -0.89
N GLU A 18 -9.48 -6.84 -1.23
CA GLU A 18 -9.44 -8.26 -0.93
C GLU A 18 -8.72 -8.52 0.39
N VAL A 19 -9.05 -7.73 1.40
CA VAL A 19 -8.43 -7.87 2.72
C VAL A 19 -8.78 -9.22 3.34
N THR A 20 -7.75 -9.98 3.70
CA THR A 20 -7.94 -11.30 4.30
C THR A 20 -6.91 -11.55 5.40
N PRO A 21 -7.24 -12.48 6.31
CA PRO A 21 -6.35 -12.84 7.42
C PRO A 21 -5.10 -13.59 6.96
N ARG A 22 -5.06 -13.90 5.67
CA ARG A 22 -3.92 -14.62 5.10
C ARG A 22 -3.10 -13.70 4.20
N THR A 23 -3.77 -12.75 3.56
CA THR A 23 -3.11 -11.81 2.66
C THR A 23 -3.89 -10.50 2.56
N ALA A 24 -3.34 -9.55 1.82
CA ALA A 24 -3.98 -8.25 1.65
C ALA A 24 -3.48 -7.55 0.39
N LEU A 25 -4.39 -7.29 -0.54
CA LEU A 25 -4.02 -6.62 -1.79
C LEU A 25 -4.37 -5.13 -1.73
N LEU A 26 -3.37 -4.29 -1.97
CA LEU A 26 -3.56 -2.85 -1.94
C LEU A 26 -3.65 -2.29 -3.35
N THR A 27 -4.59 -1.38 -3.58
CA THR A 27 -4.78 -0.76 -4.88
C THR A 27 -4.68 0.76 -4.79
N TRP A 28 -4.17 1.37 -5.85
CA TRP A 28 -4.03 2.82 -5.91
C TRP A 28 -4.07 3.33 -7.34
N THR A 29 -4.29 4.63 -7.50
CA THR A 29 -4.35 5.23 -8.82
C THR A 29 -3.03 5.90 -9.18
N GLU A 30 -2.37 5.35 -10.20
CA GLU A 30 -1.09 5.88 -10.65
C GLU A 30 -1.24 7.31 -11.19
N PRO A 31 -0.25 8.16 -10.90
CA PRO A 31 -0.26 9.56 -11.34
C PRO A 31 -0.06 9.69 -12.84
N PRO A 32 -0.26 10.92 -13.37
CA PRO A 32 -0.11 11.20 -14.79
C PRO A 32 1.35 11.13 -15.24
N VAL A 33 2.26 11.11 -14.28
CA VAL A 33 3.68 11.05 -14.59
C VAL A 33 4.31 9.76 -14.04
N ARG A 34 4.35 8.73 -14.89
CA ARG A 34 4.92 7.46 -14.50
C ARG A 34 6.28 7.64 -13.82
N PRO A 35 6.34 7.31 -12.52
CA PRO A 35 7.56 7.44 -11.73
C PRO A 35 8.62 6.42 -12.14
N ALA A 36 9.76 6.45 -11.45
CA ALA A 36 10.85 5.52 -11.74
C ALA A 36 10.66 4.21 -10.99
N GLY A 37 10.11 4.28 -9.78
CA GLY A 37 9.89 3.09 -8.99
C GLY A 37 8.86 3.31 -7.90
N TYR A 38 8.79 2.38 -6.96
CA TYR A 38 7.84 2.47 -5.85
C TYR A 38 8.41 1.82 -4.59
N LEU A 39 7.96 2.30 -3.44
CA LEU A 39 8.41 1.77 -2.16
C LEU A 39 7.23 1.55 -1.21
N LEU A 40 6.79 0.30 -1.09
CA LEU A 40 5.68 -0.04 -0.21
C LEU A 40 6.18 -0.56 1.12
N SER A 41 6.07 0.27 2.16
CA SER A 41 6.51 -0.11 3.50
C SER A 41 5.32 -0.42 4.40
N PHE A 42 5.22 -1.67 4.82
CA PHE A 42 4.13 -2.10 5.69
C PHE A 42 4.66 -2.57 7.05
N HIS A 43 4.21 -1.90 8.11
CA HIS A 43 4.63 -2.25 9.46
C HIS A 43 3.44 -2.34 10.41
N THR A 44 3.60 -3.10 11.48
CA THR A 44 2.53 -3.27 12.46
C THR A 44 2.61 -2.23 13.56
N PRO A 45 1.46 -1.91 14.17
CA PRO A 45 1.38 -0.92 15.25
C PRO A 45 2.05 -1.40 16.53
N GLY A 46 3.38 -1.29 16.58
CA GLY A 46 4.11 -1.73 17.75
C GLY A 46 5.20 -2.73 17.42
N GLY A 47 5.27 -3.12 16.15
CA GLY A 47 6.28 -4.08 15.73
C GLY A 47 7.25 -3.49 14.72
N GLN A 48 8.32 -4.23 14.44
CA GLN A 48 9.33 -3.77 13.49
C GLN A 48 8.70 -3.38 12.17
N THR A 49 9.49 -2.81 11.27
CA THR A 49 9.00 -2.38 9.98
C THR A 49 9.68 -3.17 8.85
N GLN A 50 8.93 -3.39 7.76
CA GLN A 50 9.46 -4.13 6.63
C GLN A 50 9.32 -3.32 5.34
N GLU A 51 10.32 -3.44 4.46
CA GLU A 51 10.30 -2.71 3.19
C GLU A 51 10.28 -3.69 2.02
N ILE A 52 9.57 -3.30 0.96
CA ILE A 52 9.46 -4.13 -0.23
C ILE A 52 9.73 -3.32 -1.50
N LEU A 53 10.70 -3.77 -2.29
CA LEU A 53 11.04 -3.08 -3.53
C LEU A 53 9.94 -3.24 -4.57
N LEU A 54 9.09 -2.22 -4.68
CA LEU A 54 8.00 -2.24 -5.64
C LEU A 54 8.44 -1.69 -6.99
N PRO A 55 7.92 -2.30 -8.07
CA PRO A 55 8.25 -1.89 -9.44
C PRO A 55 7.66 -0.53 -9.79
N GLY A 56 7.62 -0.22 -11.08
CA GLY A 56 7.08 1.05 -11.53
C GLY A 56 6.12 0.89 -12.69
N GLY A 57 4.82 0.90 -12.40
CA GLY A 57 3.82 0.75 -13.43
C GLY A 57 2.73 -0.22 -13.05
N ILE A 58 2.42 -0.28 -11.76
CA ILE A 58 1.39 -1.19 -11.27
C ILE A 58 0.38 -0.43 -10.40
N THR A 59 -0.85 -0.95 -10.35
CA THR A 59 -1.90 -0.33 -9.55
C THR A 59 -2.46 -1.31 -8.52
N SER A 60 -1.70 -2.37 -8.24
CA SER A 60 -2.13 -3.38 -7.28
C SER A 60 -0.97 -4.30 -6.92
N HIS A 61 -0.78 -4.51 -5.62
CA HIS A 61 0.29 -5.38 -5.15
C HIS A 61 -0.17 -6.21 -3.96
N GLN A 62 -0.01 -7.53 -4.06
CA GLN A 62 -0.41 -8.44 -3.00
C GLN A 62 0.66 -8.52 -1.91
N LEU A 63 0.22 -8.59 -0.66
CA LEU A 63 1.13 -8.66 0.47
C LEU A 63 1.08 -10.04 1.13
N LEU A 64 2.22 -10.49 1.61
CA LEU A 64 2.31 -11.80 2.27
C LEU A 64 2.89 -11.67 3.67
N GLY A 65 2.37 -12.48 4.60
CA GLY A 65 2.85 -12.44 5.96
C GLY A 65 2.05 -11.48 6.84
N LEU A 66 0.74 -11.66 6.84
CA LEU A 66 -0.14 -10.81 7.63
C LEU A 66 -0.75 -11.59 8.80
N PHE A 67 -1.02 -10.88 9.89
CA PHE A 67 -1.60 -11.51 11.08
C PHE A 67 -3.12 -11.37 11.07
N PRO A 68 -3.81 -12.34 11.69
CA PRO A 68 -5.27 -12.34 11.78
C PRO A 68 -5.81 -11.24 12.69
N SER A 69 -6.59 -10.33 12.12
CA SER A 69 -7.15 -9.23 12.89
C SER A 69 -6.06 -8.30 13.40
N THR A 70 -5.06 -8.06 12.55
CA THR A 70 -3.94 -7.18 12.91
C THR A 70 -3.86 -5.99 11.98
N SER A 71 -3.95 -4.79 12.54
CA SER A 71 -3.88 -3.57 11.75
C SER A 71 -2.48 -3.37 11.16
N TYR A 72 -2.43 -2.84 9.95
CA TYR A 72 -1.16 -2.61 9.28
C TYR A 72 -1.11 -1.20 8.68
N ASN A 73 0.10 -0.66 8.56
CA ASN A 73 0.29 0.68 8.01
C ASN A 73 1.13 0.62 6.73
N ALA A 74 0.46 0.73 5.58
CA ALA A 74 1.15 0.69 4.30
C ALA A 74 1.43 2.11 3.80
N ARG A 75 2.56 2.27 3.11
CA ARG A 75 2.95 3.57 2.57
C ARG A 75 3.47 3.44 1.15
N LEU A 76 2.79 4.07 0.21
CA LEU A 76 3.19 4.01 -1.19
C LEU A 76 4.00 5.24 -1.57
N GLN A 77 5.29 5.05 -1.82
CA GLN A 77 6.18 6.14 -2.19
C GLN A 77 6.91 5.83 -3.49
N ALA A 78 6.79 6.73 -4.46
CA ALA A 78 7.44 6.56 -5.76
C ALA A 78 8.72 7.38 -5.85
N MET A 79 9.75 6.80 -6.45
CA MET A 79 11.03 7.49 -6.59
C MET A 79 11.01 8.43 -7.80
N TRP A 80 11.19 9.71 -7.54
CA TRP A 80 11.19 10.71 -8.60
C TRP A 80 12.53 11.45 -8.65
N GLY A 81 13.36 11.07 -9.61
CA GLY A 81 14.67 11.70 -9.75
C GLY A 81 15.26 12.11 -8.41
N GLN A 82 15.73 13.34 -8.33
CA GLN A 82 16.34 13.85 -7.10
C GLN A 82 15.27 14.39 -6.15
N SER A 83 14.17 13.65 -6.02
CA SER A 83 13.07 14.05 -5.15
C SER A 83 12.20 12.85 -4.79
N LEU A 84 11.53 12.94 -3.64
CA LEU A 84 10.67 11.87 -3.18
C LEU A 84 9.27 12.40 -2.84
N LEU A 85 8.40 12.45 -3.84
CA LEU A 85 7.05 12.94 -3.66
C LEU A 85 6.44 12.39 -2.37
N PRO A 86 5.49 13.14 -1.80
CA PRO A 86 4.81 12.74 -0.56
C PRO A 86 3.89 11.54 -0.75
N PRO A 87 4.25 10.41 -0.13
CA PRO A 87 3.48 9.17 -0.22
C PRO A 87 2.15 9.26 0.52
N VAL A 88 1.40 8.17 0.52
CA VAL A 88 0.12 8.13 1.19
C VAL A 88 0.05 6.99 2.20
N SER A 89 -0.55 7.25 3.35
CA SER A 89 -0.68 6.25 4.40
C SER A 89 -2.13 5.85 4.61
N THR A 90 -2.37 4.55 4.69
CA THR A 90 -3.73 4.03 4.88
C THR A 90 -3.74 2.87 5.86
N SER A 91 -4.64 2.93 6.85
CA SER A 91 -4.75 1.89 7.85
C SER A 91 -5.80 0.85 7.45
N PHE A 92 -5.38 -0.41 7.37
CA PHE A 92 -6.29 -1.49 7.00
C PHE A 92 -6.16 -2.66 7.96
N THR A 93 -7.29 -3.27 8.31
CA THR A 93 -7.30 -4.40 9.22
C THR A 93 -7.66 -5.69 8.49
N THR A 94 -7.02 -6.79 8.88
CA THR A 94 -7.27 -8.08 8.26
C THR A 94 -8.42 -8.82 8.96
N GLY A 95 -9.06 -9.72 8.24
CA GLY A 95 -10.16 -10.48 8.80
C GLY A 95 -9.72 -11.44 9.89
N GLY A 96 -10.33 -12.62 9.92
CA GLY A 96 -9.99 -13.60 10.93
C GLY A 96 -10.12 -15.02 10.40
N LEU A 97 -9.30 -15.93 10.94
CA LEU A 97 -9.32 -17.32 10.53
C LEU A 97 -10.63 -17.99 10.95
N ARG A 98 -11.63 -17.94 10.07
CA ARG A 98 -12.93 -18.54 10.35
C ARG A 98 -13.37 -19.44 9.21
N ILE A 99 -13.92 -20.60 9.55
CA ILE A 99 -14.38 -21.55 8.55
C ILE A 99 -15.76 -21.16 8.01
N SER A 100 -16.70 -20.90 8.93
CA SER A 100 -18.05 -20.52 8.56
C SER A 100 -18.22 -19.01 8.60
N GLY A 101 -17.11 -18.29 8.41
CA GLY A 101 -17.16 -16.84 8.44
C GLY A 101 -17.64 -16.29 9.76
N PRO A 102 -17.48 -14.97 9.96
CA PRO A 102 -17.91 -14.31 11.19
C PRO A 102 -19.43 -14.24 11.32
N SER A 103 -19.89 -13.66 12.42
CA SER A 103 -21.33 -13.54 12.68
C SER A 103 -21.73 -12.08 12.87
N SER A 104 -23.00 -11.78 12.63
CA SER A 104 -23.50 -10.43 12.76
C SER A 104 -24.31 -10.27 14.06
N GLY A 105 -25.36 -11.08 14.19
CA GLY A 105 -26.19 -11.02 15.38
C GLY A 105 -27.15 -9.84 15.35
N GLY A 1 11.71 18.61 -0.41
CA GLY A 1 10.43 18.92 -1.03
C GLY A 1 10.51 20.16 -1.92
N SER A 2 11.10 20.00 -3.10
CA SER A 2 11.23 21.12 -4.03
C SER A 2 9.94 21.36 -4.79
N SER A 3 9.67 22.61 -5.10
CA SER A 3 8.45 22.98 -5.83
C SER A 3 8.73 24.11 -6.81
N GLY A 4 7.78 24.35 -7.71
CA GLY A 4 7.93 25.39 -8.70
C GLY A 4 8.34 24.86 -10.06
N SER A 5 7.39 24.70 -10.95
CA SER A 5 7.65 24.19 -12.29
C SER A 5 8.20 22.76 -12.22
N SER A 6 7.63 21.97 -11.33
CA SER A 6 8.07 20.58 -11.16
C SER A 6 7.27 19.65 -12.07
N GLY A 7 5.95 19.68 -11.92
CA GLY A 7 5.10 18.83 -12.74
C GLY A 7 5.11 17.39 -12.28
N LEU A 8 4.68 17.14 -11.05
CA LEU A 8 4.65 15.80 -10.50
C LEU A 8 3.34 15.54 -9.76
N GLU A 9 2.86 14.30 -9.81
CA GLU A 9 1.63 13.93 -9.14
C GLU A 9 1.83 12.66 -8.30
N ALA A 10 1.24 12.66 -7.10
CA ALA A 10 1.35 11.52 -6.21
C ALA A 10 0.19 10.55 -6.41
N PRO A 11 0.35 9.32 -5.90
CA PRO A 11 -0.67 8.28 -6.01
C PRO A 11 -1.90 8.58 -5.15
N ARG A 12 -3.08 8.29 -5.68
CA ARG A 12 -4.33 8.53 -4.96
C ARG A 12 -5.24 7.31 -5.04
N ASP A 13 -6.33 7.35 -4.28
CA ASP A 13 -7.28 6.24 -4.26
C ASP A 13 -6.65 4.98 -3.70
N LEU A 14 -5.86 5.13 -2.64
CA LEU A 14 -5.19 4.00 -2.01
C LEU A 14 -6.07 3.39 -0.91
N GLU A 15 -6.70 2.27 -1.24
CA GLU A 15 -7.56 1.57 -0.28
C GLU A 15 -7.20 0.09 -0.19
N ALA A 16 -7.16 -0.42 1.04
CA ALA A 16 -6.83 -1.82 1.26
C ALA A 16 -7.98 -2.72 0.87
N LYS A 17 -7.87 -3.32 -0.31
CA LYS A 17 -8.92 -4.22 -0.81
C LYS A 17 -8.50 -5.68 -0.66
N GLU A 18 -9.41 -6.59 -0.99
CA GLU A 18 -9.14 -8.03 -0.88
C GLU A 18 -8.42 -8.34 0.43
N VAL A 19 -8.78 -7.62 1.49
CA VAL A 19 -8.18 -7.83 2.80
C VAL A 19 -8.54 -9.19 3.36
N THR A 20 -7.53 -9.97 3.75
CA THR A 20 -7.74 -11.29 4.30
C THR A 20 -6.69 -11.63 5.36
N PRO A 21 -7.02 -12.59 6.23
CA PRO A 21 -6.11 -13.03 7.30
C PRO A 21 -4.89 -13.78 6.75
N ARG A 22 -4.89 -14.03 5.46
CA ARG A 22 -3.79 -14.74 4.81
C ARG A 22 -3.05 -13.83 3.84
N THR A 23 -3.73 -12.78 3.38
CA THR A 23 -3.15 -11.84 2.45
C THR A 23 -3.91 -10.53 2.43
N ALA A 24 -3.45 -9.59 1.61
CA ALA A 24 -4.10 -8.28 1.51
C ALA A 24 -3.72 -7.60 0.20
N LEU A 25 -4.71 -6.96 -0.43
CA LEU A 25 -4.48 -6.26 -1.70
C LEU A 25 -4.64 -4.76 -1.52
N LEU A 26 -3.76 -3.99 -2.15
CA LEU A 26 -3.81 -2.54 -2.07
C LEU A 26 -3.89 -1.91 -3.46
N THR A 27 -5.09 -1.45 -3.81
CA THR A 27 -5.30 -0.83 -5.12
C THR A 27 -5.14 0.69 -5.04
N TRP A 28 -4.34 1.24 -5.94
CA TRP A 28 -4.10 2.67 -5.97
C TRP A 28 -3.98 3.17 -7.41
N THR A 29 -4.24 4.46 -7.61
CA THR A 29 -4.15 5.06 -8.93
C THR A 29 -2.76 5.61 -9.20
N GLU A 30 -2.18 5.23 -10.34
CA GLU A 30 -0.85 5.68 -10.72
C GLU A 30 -0.90 7.06 -11.36
N PRO A 31 0.07 7.91 -11.00
CA PRO A 31 0.15 9.28 -11.53
C PRO A 31 0.53 9.31 -13.00
N PRO A 32 0.22 10.43 -13.68
CA PRO A 32 0.53 10.60 -15.11
C PRO A 32 2.02 10.74 -15.37
N VAL A 33 2.82 10.62 -14.31
CA VAL A 33 4.27 10.72 -14.43
C VAL A 33 4.95 9.43 -14.02
N ARG A 34 4.95 8.46 -14.93
CA ARG A 34 5.58 7.16 -14.67
C ARG A 34 6.86 7.32 -13.87
N PRO A 35 6.77 7.09 -12.55
CA PRO A 35 7.92 7.20 -11.65
C PRO A 35 8.95 6.11 -11.88
N ALA A 36 10.16 6.32 -11.35
CA ALA A 36 11.23 5.34 -11.49
C ALA A 36 10.87 4.02 -10.83
N GLY A 37 10.42 4.09 -9.58
CA GLY A 37 10.05 2.90 -8.85
C GLY A 37 9.10 3.18 -7.70
N TYR A 38 8.74 2.15 -6.96
CA TYR A 38 7.83 2.29 -5.83
C TYR A 38 8.42 1.68 -4.56
N LEU A 39 8.08 2.24 -3.42
CA LEU A 39 8.57 1.75 -2.13
C LEU A 39 7.42 1.55 -1.15
N LEU A 40 6.90 0.33 -1.10
CA LEU A 40 5.81 0.01 -0.19
C LEU A 40 6.34 -0.50 1.15
N SER A 41 6.28 0.35 2.16
CA SER A 41 6.75 -0.01 3.49
C SER A 41 5.58 -0.32 4.42
N PHE A 42 5.50 -1.56 4.89
CA PHE A 42 4.44 -1.98 5.80
C PHE A 42 5.00 -2.45 7.13
N HIS A 43 4.59 -1.80 8.20
CA HIS A 43 5.05 -2.16 9.55
C HIS A 43 3.87 -2.53 10.45
N THR A 44 4.16 -3.26 11.52
CA THR A 44 3.13 -3.68 12.46
C THR A 44 3.00 -2.69 13.61
N PRO A 45 1.80 -2.63 14.20
CA PRO A 45 1.52 -1.74 15.33
C PRO A 45 2.24 -2.15 16.60
N GLY A 46 3.05 -3.21 16.50
CA GLY A 46 3.78 -3.69 17.66
C GLY A 46 5.00 -4.49 17.27
N GLY A 47 5.72 -4.05 16.24
CA GLY A 47 6.89 -4.75 15.78
C GLY A 47 7.79 -3.88 14.92
N GLN A 48 8.78 -4.50 14.28
CA GLN A 48 9.71 -3.78 13.43
C GLN A 48 9.07 -3.47 12.08
N THR A 49 9.61 -2.48 11.39
CA THR A 49 9.09 -2.08 10.08
C THR A 49 9.87 -2.74 8.95
N GLN A 50 9.16 -3.13 7.89
CA GLN A 50 9.79 -3.77 6.75
C GLN A 50 9.54 -2.98 5.47
N GLU A 51 10.56 -2.89 4.63
CA GLU A 51 10.46 -2.17 3.37
C GLU A 51 10.51 -3.12 2.18
N ILE A 52 9.55 -2.99 1.27
CA ILE A 52 9.49 -3.84 0.10
C ILE A 52 9.64 -3.01 -1.18
N LEU A 53 10.38 -3.55 -2.14
CA LEU A 53 10.61 -2.86 -3.42
C LEU A 53 9.60 -3.32 -4.46
N LEU A 54 8.72 -2.41 -4.86
CA LEU A 54 7.70 -2.72 -5.86
C LEU A 54 8.13 -2.25 -7.24
N PRO A 55 7.75 -3.01 -8.28
CA PRO A 55 8.09 -2.69 -9.66
C PRO A 55 7.33 -1.47 -10.17
N GLY A 56 8.02 -0.33 -10.21
CA GLY A 56 7.39 0.89 -10.68
C GLY A 56 6.59 0.69 -11.96
N GLY A 57 5.29 0.55 -11.82
CA GLY A 57 4.43 0.34 -12.97
C GLY A 57 3.27 -0.58 -12.68
N ILE A 58 2.72 -0.47 -11.48
CA ILE A 58 1.59 -1.31 -11.07
C ILE A 58 0.55 -0.48 -10.31
N THR A 59 -0.67 -1.01 -10.26
CA THR A 59 -1.76 -0.33 -9.57
C THR A 59 -2.17 -1.08 -8.31
N SER A 60 -1.70 -2.32 -8.19
CA SER A 60 -2.02 -3.15 -7.04
C SER A 60 -0.94 -4.19 -6.80
N HIS A 61 -0.67 -4.49 -5.53
CA HIS A 61 0.34 -5.47 -5.17
C HIS A 61 -0.19 -6.44 -4.12
N GLN A 62 0.08 -7.72 -4.31
CA GLN A 62 -0.38 -8.75 -3.38
C GLN A 62 0.59 -8.88 -2.21
N LEU A 63 0.13 -8.50 -1.01
CA LEU A 63 0.96 -8.57 0.18
C LEU A 63 0.85 -9.96 0.83
N LEU A 64 1.94 -10.41 1.43
CA LEU A 64 1.97 -11.71 2.09
C LEU A 64 2.55 -11.59 3.50
N GLY A 65 2.37 -12.64 4.30
CA GLY A 65 2.88 -12.63 5.66
C GLY A 65 2.15 -11.66 6.55
N LEU A 66 0.85 -11.86 6.70
CA LEU A 66 0.03 -10.99 7.55
C LEU A 66 -0.56 -11.76 8.72
N PHE A 67 -0.86 -11.04 9.80
CA PHE A 67 -1.42 -11.65 10.99
C PHE A 67 -2.94 -11.51 11.01
N PRO A 68 -3.62 -12.49 11.64
CA PRO A 68 -5.08 -12.49 11.73
C PRO A 68 -5.60 -11.40 12.67
N SER A 69 -6.41 -10.50 12.12
CA SER A 69 -6.97 -9.40 12.90
C SER A 69 -5.87 -8.44 13.35
N THR A 70 -4.88 -8.24 12.49
CA THR A 70 -3.78 -7.35 12.80
C THR A 70 -3.72 -6.17 11.83
N SER A 71 -3.94 -4.97 12.33
CA SER A 71 -3.93 -3.77 11.50
C SER A 71 -2.52 -3.51 10.97
N TYR A 72 -2.45 -3.10 9.70
CA TYR A 72 -1.17 -2.82 9.06
C TYR A 72 -1.19 -1.43 8.42
N ASN A 73 -0.03 -0.77 8.43
CA ASN A 73 0.09 0.56 7.86
C ASN A 73 0.99 0.54 6.61
N ALA A 74 0.36 0.67 5.45
CA ALA A 74 1.09 0.66 4.19
C ALA A 74 1.38 2.08 3.71
N ARG A 75 2.51 2.25 3.03
CA ARG A 75 2.90 3.56 2.51
C ARG A 75 3.46 3.45 1.10
N LEU A 76 2.71 3.96 0.13
CA LEU A 76 3.14 3.91 -1.27
C LEU A 76 3.92 5.17 -1.63
N GLN A 77 5.24 5.01 -1.78
CA GLN A 77 6.10 6.14 -2.13
C GLN A 77 6.90 5.82 -3.40
N ALA A 78 6.82 6.72 -4.37
CA ALA A 78 7.53 6.55 -5.63
C ALA A 78 8.82 7.37 -5.65
N MET A 79 9.88 6.79 -6.22
CA MET A 79 11.16 7.47 -6.30
C MET A 79 11.22 8.37 -7.52
N TRP A 80 11.42 9.67 -7.29
CA TRP A 80 11.49 10.64 -8.38
C TRP A 80 12.87 11.31 -8.41
N GLY A 81 13.23 11.85 -9.57
CA GLY A 81 14.52 12.52 -9.71
C GLY A 81 14.85 13.36 -8.50
N GLN A 82 15.90 12.96 -7.77
CA GLN A 82 16.32 13.69 -6.58
C GLN A 82 15.13 14.28 -5.85
N SER A 83 14.08 13.48 -5.69
CA SER A 83 12.87 13.93 -5.00
C SER A 83 12.04 12.74 -4.52
N LEU A 84 11.33 12.94 -3.43
CA LEU A 84 10.50 11.88 -2.85
C LEU A 84 9.09 12.40 -2.55
N LEU A 85 8.24 12.40 -3.58
CA LEU A 85 6.87 12.87 -3.42
C LEU A 85 6.25 12.32 -2.13
N PRO A 86 5.27 13.05 -1.60
CA PRO A 86 4.57 12.66 -0.36
C PRO A 86 3.68 11.44 -0.56
N PRO A 87 4.06 10.32 0.07
CA PRO A 87 3.32 9.06 -0.03
C PRO A 87 1.97 9.12 0.70
N VAL A 88 1.19 8.06 0.59
CA VAL A 88 -0.11 8.00 1.23
C VAL A 88 -0.17 6.84 2.23
N SER A 89 -0.46 7.17 3.48
CA SER A 89 -0.54 6.16 4.54
C SER A 89 -2.00 5.79 4.81
N THR A 90 -2.27 4.49 4.84
CA THR A 90 -3.61 4.00 5.09
C THR A 90 -3.60 2.78 6.01
N SER A 91 -4.42 2.82 7.05
CA SER A 91 -4.49 1.72 8.01
C SER A 91 -5.59 0.74 7.62
N PHE A 92 -5.22 -0.54 7.49
CA PHE A 92 -6.17 -1.58 7.13
C PHE A 92 -6.08 -2.77 8.08
N THR A 93 -7.23 -3.31 8.45
CA THR A 93 -7.27 -4.45 9.36
C THR A 93 -7.56 -5.75 8.61
N THR A 94 -6.82 -6.79 8.95
CA THR A 94 -6.99 -8.09 8.30
C THR A 94 -8.10 -8.89 8.97
N GLY A 95 -8.67 -9.83 8.22
CA GLY A 95 -9.73 -10.66 8.75
C GLY A 95 -9.25 -11.62 9.82
N GLY A 96 -10.12 -12.54 10.23
CA GLY A 96 -9.76 -13.49 11.25
C GLY A 96 -9.67 -14.91 10.71
N LEU A 97 -8.85 -15.74 11.35
CA LEU A 97 -8.68 -17.12 10.92
C LEU A 97 -9.71 -18.03 11.60
N ARG A 98 -10.65 -18.53 10.80
CA ARG A 98 -11.69 -19.41 11.31
C ARG A 98 -12.17 -20.37 10.23
N ILE A 99 -12.00 -21.67 10.48
CA ILE A 99 -12.42 -22.69 9.54
C ILE A 99 -13.89 -23.05 9.72
N SER A 100 -14.77 -22.34 9.01
CA SER A 100 -16.20 -22.59 9.11
C SER A 100 -16.95 -21.84 8.00
N GLY A 101 -18.23 -22.15 7.85
CA GLY A 101 -19.04 -21.51 6.83
C GLY A 101 -19.63 -22.50 5.85
N PRO A 102 -20.95 -22.41 5.64
CA PRO A 102 -21.67 -23.31 4.72
C PRO A 102 -21.31 -23.04 3.26
N SER A 103 -20.60 -21.95 3.02
CA SER A 103 -20.20 -21.58 1.67
C SER A 103 -18.70 -21.23 1.61
N SER A 104 -17.95 -22.00 0.83
CA SER A 104 -16.52 -21.78 0.68
C SER A 104 -16.22 -20.85 -0.47
N GLY A 105 -16.88 -21.09 -1.61
CA GLY A 105 -16.67 -20.26 -2.78
C GLY A 105 -15.87 -20.97 -3.85
N GLY A 1 2.38 30.73 -4.82
CA GLY A 1 2.69 31.27 -6.13
C GLY A 1 3.78 30.49 -6.84
N SER A 2 3.38 29.48 -7.60
CA SER A 2 4.32 28.65 -8.32
C SER A 2 4.55 29.18 -9.74
N SER A 3 5.73 28.93 -10.29
CA SER A 3 6.07 29.39 -11.63
C SER A 3 6.47 28.22 -12.52
N GLY A 4 5.73 27.12 -12.41
CA GLY A 4 6.02 25.95 -13.21
C GLY A 4 7.33 25.30 -12.83
N SER A 5 7.37 24.69 -11.65
CA SER A 5 8.57 24.02 -11.17
C SER A 5 8.21 22.86 -10.25
N SER A 6 8.87 21.72 -10.47
CA SER A 6 8.62 20.52 -9.67
C SER A 6 7.14 20.19 -9.64
N GLY A 7 6.49 20.27 -10.79
CA GLY A 7 5.07 19.98 -10.88
C GLY A 7 4.80 18.50 -11.00
N LEU A 8 5.13 17.73 -9.97
CA LEU A 8 4.91 16.29 -9.97
C LEU A 8 3.58 15.94 -9.32
N GLU A 9 3.21 14.67 -9.40
CA GLU A 9 1.95 14.20 -8.81
C GLU A 9 2.18 12.92 -8.00
N ALA A 10 1.41 12.78 -6.92
CA ALA A 10 1.53 11.61 -6.06
C ALA A 10 0.33 10.68 -6.22
N PRO A 11 0.48 9.43 -5.78
CA PRO A 11 -0.58 8.42 -5.86
C PRO A 11 -1.74 8.72 -4.92
N ARG A 12 -2.96 8.47 -5.38
CA ARG A 12 -4.15 8.71 -4.57
C ARG A 12 -5.11 7.52 -4.65
N ASP A 13 -6.21 7.62 -3.91
CA ASP A 13 -7.21 6.55 -3.89
C ASP A 13 -6.60 5.24 -3.39
N LEU A 14 -5.75 5.36 -2.38
CA LEU A 14 -5.10 4.18 -1.79
C LEU A 14 -5.98 3.55 -0.72
N GLU A 15 -6.53 2.38 -1.03
CA GLU A 15 -7.40 1.68 -0.09
C GLU A 15 -7.12 0.17 -0.12
N ALA A 16 -7.30 -0.48 1.02
CA ALA A 16 -7.07 -1.92 1.12
C ALA A 16 -8.27 -2.71 0.60
N LYS A 17 -8.05 -3.52 -0.41
CA LYS A 17 -9.12 -4.33 -1.00
C LYS A 17 -8.80 -5.82 -0.86
N GLU A 18 -9.85 -6.64 -0.88
CA GLU A 18 -9.68 -8.08 -0.77
C GLU A 18 -8.92 -8.45 0.50
N VAL A 19 -9.21 -7.73 1.58
CA VAL A 19 -8.55 -7.98 2.86
C VAL A 19 -8.93 -9.35 3.42
N THR A 20 -7.91 -10.13 3.76
CA THR A 20 -8.12 -11.47 4.32
C THR A 20 -7.15 -11.76 5.45
N PRO A 21 -7.50 -12.74 6.29
CA PRO A 21 -6.67 -13.14 7.43
C PRO A 21 -5.39 -13.85 6.99
N ARG A 22 -5.21 -13.97 5.68
CA ARG A 22 -4.03 -14.63 5.13
C ARG A 22 -3.26 -13.68 4.22
N THR A 23 -3.99 -12.89 3.44
CA THR A 23 -3.38 -11.95 2.52
C THR A 23 -4.18 -10.66 2.44
N ALA A 24 -3.64 -9.67 1.73
CA ALA A 24 -4.31 -8.38 1.58
C ALA A 24 -3.81 -7.65 0.33
N LEU A 25 -4.75 -7.17 -0.48
CA LEU A 25 -4.41 -6.46 -1.71
C LEU A 25 -4.58 -4.96 -1.52
N LEU A 26 -3.64 -4.19 -2.07
CA LEU A 26 -3.69 -2.74 -1.97
C LEU A 26 -3.65 -2.09 -3.35
N THR A 27 -4.79 -1.51 -3.74
CA THR A 27 -4.91 -0.87 -5.04
C THR A 27 -4.75 0.65 -4.92
N TRP A 28 -3.91 1.23 -5.77
CA TRP A 28 -3.68 2.67 -5.75
C TRP A 28 -3.77 3.25 -7.15
N THR A 29 -4.06 4.55 -7.23
CA THR A 29 -4.17 5.23 -8.52
C THR A 29 -2.83 5.85 -8.92
N GLU A 30 -2.37 5.52 -10.12
CA GLU A 30 -1.10 6.05 -10.62
C GLU A 30 -1.28 7.49 -11.11
N PRO A 31 -0.29 8.34 -10.80
CA PRO A 31 -0.30 9.75 -11.20
C PRO A 31 -0.13 9.93 -12.70
N PRO A 32 -0.34 11.17 -13.17
CA PRO A 32 -0.21 11.50 -14.60
C PRO A 32 1.24 11.47 -15.07
N VAL A 33 2.15 11.09 -14.16
CA VAL A 33 3.56 11.01 -14.49
C VAL A 33 4.15 9.67 -14.06
N ARG A 34 4.75 8.97 -15.01
CA ARG A 34 5.36 7.67 -14.73
C ARG A 34 6.61 7.82 -13.87
N PRO A 35 6.53 7.33 -12.63
CA PRO A 35 7.65 7.39 -11.68
C PRO A 35 8.81 6.49 -12.08
N ALA A 36 9.90 6.55 -11.31
CA ALA A 36 11.07 5.74 -11.59
C ALA A 36 10.99 4.40 -10.87
N GLY A 37 10.42 4.41 -9.66
CA GLY A 37 10.29 3.19 -8.89
C GLY A 37 9.24 3.30 -7.80
N TYR A 38 9.03 2.21 -7.08
CA TYR A 38 8.04 2.19 -6.00
C TYR A 38 8.57 1.45 -4.79
N LEU A 39 8.32 2.00 -3.60
CA LEU A 39 8.77 1.39 -2.35
C LEU A 39 7.64 1.32 -1.34
N LEU A 40 7.06 0.13 -1.18
CA LEU A 40 5.97 -0.07 -0.24
C LEU A 40 6.50 -0.44 1.14
N SER A 41 6.18 0.38 2.13
CA SER A 41 6.64 0.14 3.50
C SER A 41 5.45 -0.15 4.41
N PHE A 42 5.40 -1.36 4.94
CA PHE A 42 4.32 -1.77 5.84
C PHE A 42 4.88 -2.22 7.18
N HIS A 43 4.36 -1.63 8.26
CA HIS A 43 4.79 -1.96 9.61
C HIS A 43 3.61 -2.37 10.47
N THR A 44 3.89 -3.15 11.51
CA THR A 44 2.85 -3.61 12.42
C THR A 44 2.84 -2.80 13.71
N PRO A 45 1.66 -2.70 14.34
CA PRO A 45 1.49 -1.96 15.59
C PRO A 45 2.18 -2.63 16.78
N GLY A 46 3.50 -2.42 16.86
CA GLY A 46 4.25 -3.02 17.95
C GLY A 46 5.51 -3.73 17.46
N GLY A 47 5.59 -3.94 16.15
CA GLY A 47 6.74 -4.61 15.59
C GLY A 47 7.70 -3.66 14.90
N GLN A 48 8.48 -4.18 13.96
CA GLN A 48 9.45 -3.37 13.23
C GLN A 48 8.95 -3.07 11.82
N THR A 49 9.44 -1.98 11.25
CA THR A 49 9.05 -1.58 9.90
C THR A 49 9.76 -2.43 8.84
N GLN A 50 9.12 -2.59 7.69
CA GLN A 50 9.71 -3.37 6.61
C GLN A 50 9.57 -2.64 5.27
N GLU A 51 10.58 -2.78 4.42
CA GLU A 51 10.57 -2.13 3.11
C GLU A 51 10.57 -3.17 1.98
N ILE A 52 9.72 -2.95 0.99
CA ILE A 52 9.63 -3.86 -0.14
C ILE A 52 9.78 -3.11 -1.46
N LEU A 53 10.72 -3.56 -2.28
CA LEU A 53 10.96 -2.95 -3.58
C LEU A 53 9.93 -3.40 -4.61
N LEU A 54 9.21 -2.43 -5.17
CA LEU A 54 8.19 -2.73 -6.17
C LEU A 54 8.54 -2.08 -7.51
N PRO A 55 8.15 -2.74 -8.61
CA PRO A 55 8.42 -2.26 -9.96
C PRO A 55 7.57 -1.03 -10.30
N GLY A 56 7.99 -0.30 -11.34
CA GLY A 56 7.26 0.89 -11.75
C GLY A 56 6.29 0.61 -12.87
N GLY A 57 4.99 0.65 -12.56
CA GLY A 57 3.98 0.40 -13.57
C GLY A 57 2.90 -0.55 -13.09
N ILE A 58 2.67 -0.55 -11.78
CA ILE A 58 1.65 -1.43 -11.19
C ILE A 58 0.63 -0.62 -10.39
N THR A 59 -0.63 -1.01 -10.50
CA THR A 59 -1.70 -0.31 -9.79
C THR A 59 -2.26 -1.19 -8.67
N SER A 60 -1.49 -2.17 -8.25
CA SER A 60 -1.90 -3.08 -7.19
C SER A 60 -0.77 -4.03 -6.81
N HIS A 61 -0.81 -4.53 -5.57
CA HIS A 61 0.21 -5.46 -5.09
C HIS A 61 -0.36 -6.37 -4.00
N GLN A 62 0.00 -7.64 -4.06
CA GLN A 62 -0.48 -8.61 -3.08
C GLN A 62 0.52 -8.75 -1.93
N LEU A 63 0.06 -8.46 -0.72
CA LEU A 63 0.91 -8.55 0.46
C LEU A 63 0.80 -9.94 1.11
N LEU A 64 1.92 -10.47 1.53
CA LEU A 64 1.95 -11.79 2.17
C LEU A 64 2.46 -11.68 3.60
N GLY A 65 2.30 -12.77 4.36
CA GLY A 65 2.76 -12.79 5.74
C GLY A 65 2.04 -11.76 6.60
N LEU A 66 0.78 -12.03 6.90
CA LEU A 66 -0.03 -11.13 7.71
C LEU A 66 -0.67 -11.86 8.89
N PHE A 67 -0.99 -11.12 9.94
CA PHE A 67 -1.61 -11.70 11.12
C PHE A 67 -3.13 -11.56 11.08
N PRO A 68 -3.83 -12.54 11.65
CA PRO A 68 -5.29 -12.55 11.70
C PRO A 68 -5.86 -11.46 12.62
N SER A 69 -6.66 -10.57 12.07
CA SER A 69 -7.26 -9.49 12.83
C SER A 69 -6.18 -8.54 13.36
N THR A 70 -5.15 -8.32 12.55
CA THR A 70 -4.06 -7.43 12.93
C THR A 70 -3.99 -6.22 12.00
N SER A 71 -4.04 -5.04 12.60
CA SER A 71 -3.99 -3.79 11.82
C SER A 71 -2.61 -3.61 11.19
N TYR A 72 -2.60 -3.14 9.94
CA TYR A 72 -1.36 -2.93 9.22
C TYR A 72 -1.36 -1.56 8.54
N ASN A 73 -0.20 -0.90 8.58
CA ASN A 73 -0.06 0.42 7.96
C ASN A 73 0.90 0.37 6.78
N ALA A 74 0.34 0.42 5.57
CA ALA A 74 1.14 0.39 4.35
C ALA A 74 1.34 1.78 3.79
N ARG A 75 2.33 1.93 2.93
CA ARG A 75 2.63 3.22 2.31
C ARG A 75 3.10 3.05 0.87
N LEU A 76 2.84 4.05 0.04
CA LEU A 76 3.24 4.00 -1.36
C LEU A 76 4.11 5.21 -1.72
N GLN A 77 5.41 4.99 -1.80
CA GLN A 77 6.35 6.05 -2.14
C GLN A 77 7.10 5.73 -3.42
N ALA A 78 6.98 6.61 -4.41
CA ALA A 78 7.65 6.42 -5.69
C ALA A 78 8.83 7.37 -5.85
N MET A 79 9.82 6.96 -6.62
CA MET A 79 11.00 7.78 -6.86
C MET A 79 10.83 8.65 -8.10
N TRP A 80 10.94 9.97 -7.92
CA TRP A 80 10.79 10.89 -9.04
C TRP A 80 12.06 11.72 -9.22
N GLY A 81 12.90 11.30 -10.17
CA GLY A 81 14.14 12.00 -10.43
C GLY A 81 14.72 12.63 -9.18
N GLN A 82 15.54 11.86 -8.46
CA GLN A 82 16.16 12.34 -7.25
C GLN A 82 15.15 13.06 -6.35
N SER A 83 13.96 12.47 -6.24
CA SER A 83 12.90 13.05 -5.42
C SER A 83 11.99 11.95 -4.85
N LEU A 84 11.45 12.21 -3.67
CA LEU A 84 10.57 11.25 -3.01
C LEU A 84 9.22 11.88 -2.71
N LEU A 85 8.35 11.93 -3.72
CA LEU A 85 7.02 12.50 -3.57
C LEU A 85 6.36 12.02 -2.28
N PRO A 86 5.41 12.80 -1.77
CA PRO A 86 4.68 12.47 -0.54
C PRO A 86 3.75 11.27 -0.72
N PRO A 87 4.10 10.14 -0.09
CA PRO A 87 3.30 8.90 -0.18
C PRO A 87 1.98 9.02 0.57
N VAL A 88 1.19 7.95 0.56
CA VAL A 88 -0.10 7.93 1.23
C VAL A 88 -0.21 6.72 2.16
N SER A 89 -0.53 6.99 3.42
CA SER A 89 -0.67 5.93 4.41
C SER A 89 -2.13 5.56 4.60
N THR A 90 -2.41 4.26 4.65
CA THR A 90 -3.77 3.78 4.84
C THR A 90 -3.81 2.61 5.81
N SER A 91 -4.65 2.72 6.83
CA SER A 91 -4.78 1.67 7.84
C SER A 91 -5.85 0.66 7.43
N PHE A 92 -5.51 -0.61 7.51
CA PHE A 92 -6.45 -1.68 7.15
C PHE A 92 -6.34 -2.85 8.12
N THR A 93 -7.49 -3.38 8.53
CA THR A 93 -7.52 -4.49 9.47
C THR A 93 -7.88 -5.79 8.74
N THR A 94 -7.14 -6.86 9.07
CA THR A 94 -7.38 -8.16 8.45
C THR A 94 -8.53 -8.89 9.14
N GLY A 95 -9.07 -9.91 8.47
CA GLY A 95 -10.16 -10.67 9.04
C GLY A 95 -9.70 -11.63 10.11
N GLY A 96 -10.37 -12.78 10.22
CA GLY A 96 -10.01 -13.77 11.21
C GLY A 96 -10.22 -15.19 10.73
N LEU A 97 -9.47 -16.12 11.30
CA LEU A 97 -9.58 -17.53 10.91
C LEU A 97 -10.74 -18.20 11.63
N ARG A 98 -11.90 -17.54 11.61
CA ARG A 98 -13.09 -18.08 12.25
C ARG A 98 -14.35 -17.42 11.70
N ILE A 99 -15.25 -18.23 11.15
CA ILE A 99 -16.49 -17.73 10.59
C ILE A 99 -17.46 -17.30 11.68
N SER A 100 -17.99 -16.09 11.54
CA SER A 100 -18.93 -15.55 12.52
C SER A 100 -20.36 -16.03 12.23
N GLY A 101 -20.53 -17.35 12.19
CA GLY A 101 -21.84 -17.91 11.92
C GLY A 101 -22.38 -17.51 10.56
N PRO A 102 -23.31 -18.32 10.03
CA PRO A 102 -23.92 -18.05 8.73
C PRO A 102 -24.85 -16.85 8.75
N SER A 103 -24.47 -15.81 8.01
CA SER A 103 -25.26 -14.59 7.95
C SER A 103 -26.55 -14.81 7.18
N SER A 104 -27.66 -14.37 7.75
CA SER A 104 -28.97 -14.52 7.11
C SER A 104 -29.84 -13.29 7.34
N GLY A 105 -30.64 -12.95 6.34
CA GLY A 105 -31.51 -11.79 6.46
C GLY A 105 -32.95 -12.11 6.10
N GLY A 1 10.98 34.16 -0.81
CA GLY A 1 11.03 33.49 -2.09
C GLY A 1 9.72 32.83 -2.44
N SER A 2 9.31 32.97 -3.71
CA SER A 2 8.06 32.38 -4.17
C SER A 2 8.28 30.97 -4.71
N SER A 3 7.55 30.00 -4.16
CA SER A 3 7.67 28.62 -4.58
C SER A 3 6.54 28.23 -5.53
N GLY A 4 6.90 27.64 -6.67
CA GLY A 4 5.89 27.24 -7.64
C GLY A 4 5.45 25.81 -7.45
N SER A 5 5.02 25.17 -8.53
CA SER A 5 4.56 23.78 -8.48
C SER A 5 5.64 22.83 -8.99
N SER A 6 5.46 21.55 -8.70
CA SER A 6 6.41 20.53 -9.12
C SER A 6 6.06 19.98 -10.50
N GLY A 7 4.79 20.10 -10.86
CA GLY A 7 4.34 19.62 -12.16
C GLY A 7 3.60 18.30 -12.06
N LEU A 8 4.35 17.21 -11.96
CA LEU A 8 3.77 15.88 -11.86
C LEU A 8 2.83 15.79 -10.65
N GLU A 9 2.15 14.66 -10.53
CA GLU A 9 1.22 14.44 -9.42
C GLU A 9 1.58 13.17 -8.66
N ALA A 10 0.86 12.93 -7.56
CA ALA A 10 1.11 11.74 -6.74
C ALA A 10 -0.07 10.77 -6.82
N PRO A 11 0.16 9.55 -6.32
CA PRO A 11 -0.87 8.50 -6.33
C PRO A 11 -2.01 8.79 -5.36
N ARG A 12 -3.23 8.53 -5.80
CA ARG A 12 -4.42 8.77 -4.97
C ARG A 12 -5.36 7.57 -5.00
N ASP A 13 -6.43 7.64 -4.23
CA ASP A 13 -7.41 6.56 -4.16
C ASP A 13 -6.76 5.27 -3.67
N LEU A 14 -6.02 5.36 -2.58
CA LEU A 14 -5.35 4.20 -2.00
C LEU A 14 -6.23 3.53 -0.96
N GLU A 15 -6.83 2.40 -1.34
CA GLU A 15 -7.70 1.65 -0.43
C GLU A 15 -7.33 0.17 -0.42
N ALA A 16 -7.53 -0.47 0.73
CA ALA A 16 -7.22 -1.88 0.87
C ALA A 16 -8.35 -2.75 0.32
N LYS A 17 -7.99 -3.68 -0.56
CA LYS A 17 -8.98 -4.58 -1.16
C LYS A 17 -8.61 -6.04 -0.92
N GLU A 18 -9.56 -6.94 -1.15
CA GLU A 18 -9.34 -8.37 -0.96
C GLU A 18 -8.60 -8.61 0.35
N VAL A 19 -8.96 -7.85 1.38
CA VAL A 19 -8.32 -8.00 2.69
C VAL A 19 -8.67 -9.35 3.31
N THR A 20 -7.64 -10.09 3.72
CA THR A 20 -7.82 -11.39 4.33
C THR A 20 -6.79 -11.64 5.42
N PRO A 21 -7.11 -12.57 6.34
CA PRO A 21 -6.22 -12.93 7.44
C PRO A 21 -4.98 -13.67 6.98
N ARG A 22 -4.86 -13.85 5.67
CA ARG A 22 -3.72 -14.54 5.10
C ARG A 22 -2.95 -13.64 4.13
N THR A 23 -3.67 -12.71 3.51
CA THR A 23 -3.06 -11.78 2.57
C THR A 23 -3.81 -10.45 2.53
N ALA A 24 -3.24 -9.47 1.83
CA ALA A 24 -3.87 -8.16 1.71
C ALA A 24 -3.37 -7.42 0.47
N LEU A 25 -4.29 -7.09 -0.42
CA LEU A 25 -3.95 -6.39 -1.65
C LEU A 25 -4.37 -4.92 -1.57
N LEU A 26 -3.43 -4.03 -1.89
CA LEU A 26 -3.70 -2.59 -1.86
C LEU A 26 -3.73 -2.02 -3.26
N THR A 27 -4.84 -1.35 -3.60
CA THR A 27 -4.98 -0.75 -4.92
C THR A 27 -4.86 0.77 -4.84
N TRP A 28 -4.18 1.35 -5.83
CA TRP A 28 -3.99 2.80 -5.87
C TRP A 28 -4.03 3.31 -7.31
N THR A 29 -4.40 4.58 -7.46
CA THR A 29 -4.48 5.19 -8.79
C THR A 29 -3.12 5.66 -9.27
N GLU A 30 -2.76 5.26 -10.49
CA GLU A 30 -1.49 5.63 -11.08
C GLU A 30 -1.51 7.08 -11.58
N PRO A 31 -0.46 7.84 -11.26
CA PRO A 31 -0.34 9.24 -11.67
C PRO A 31 -0.11 9.40 -13.17
N PRO A 32 -0.19 10.63 -13.67
CA PRO A 32 0.00 10.93 -15.08
C PRO A 32 1.46 10.76 -15.51
N VAL A 33 2.34 10.64 -14.54
CA VAL A 33 3.77 10.46 -14.82
C VAL A 33 4.31 9.20 -14.15
N ARG A 34 4.78 8.26 -14.96
CA ARG A 34 5.33 7.02 -14.45
C ARG A 34 6.62 7.27 -13.67
N PRO A 35 6.60 6.95 -12.36
CA PRO A 35 7.76 7.13 -11.49
C PRO A 35 8.88 6.15 -11.80
N ALA A 36 10.06 6.41 -11.25
CA ALA A 36 11.21 5.55 -11.46
C ALA A 36 11.01 4.18 -10.81
N GLY A 37 10.33 4.17 -9.67
CA GLY A 37 10.09 2.91 -8.98
C GLY A 37 8.99 3.04 -7.94
N TYR A 38 8.95 2.10 -7.00
CA TYR A 38 7.94 2.11 -5.95
C TYR A 38 8.48 1.48 -4.68
N LEU A 39 8.23 2.15 -3.55
CA LEU A 39 8.69 1.67 -2.26
C LEU A 39 7.53 1.52 -1.28
N LEU A 40 7.01 0.31 -1.16
CA LEU A 40 5.89 0.03 -0.27
C LEU A 40 6.39 -0.31 1.14
N SER A 41 6.07 0.56 2.10
CA SER A 41 6.49 0.35 3.48
C SER A 41 5.31 -0.08 4.34
N PHE A 42 5.33 -1.34 4.77
CA PHE A 42 4.26 -1.88 5.60
C PHE A 42 4.82 -2.48 6.89
N HIS A 43 4.18 -2.18 8.01
CA HIS A 43 4.61 -2.69 9.31
C HIS A 43 3.45 -2.73 10.30
N THR A 44 3.57 -3.57 11.32
CA THR A 44 2.54 -3.71 12.32
C THR A 44 2.80 -2.79 13.51
N PRO A 45 1.72 -2.28 14.11
CA PRO A 45 1.81 -1.37 15.26
C PRO A 45 2.29 -2.09 16.52
N GLY A 46 3.59 -2.09 16.73
CA GLY A 46 4.15 -2.74 17.91
C GLY A 46 5.43 -3.50 17.59
N GLY A 47 5.73 -3.64 16.31
CA GLY A 47 6.93 -4.34 15.91
C GLY A 47 7.82 -3.50 15.01
N GLN A 48 8.73 -4.16 14.29
CA GLN A 48 9.65 -3.47 13.40
C GLN A 48 8.98 -3.15 12.08
N THR A 49 9.75 -2.60 11.14
CA THR A 49 9.23 -2.25 9.83
C THR A 49 9.90 -3.06 8.73
N GLN A 50 9.15 -3.36 7.66
CA GLN A 50 9.67 -4.12 6.54
C GLN A 50 9.47 -3.38 5.22
N GLU A 51 10.55 -3.26 4.45
CA GLU A 51 10.49 -2.56 3.17
C GLU A 51 10.51 -3.56 2.01
N ILE A 52 9.69 -3.30 1.00
CA ILE A 52 9.61 -4.18 -0.16
C ILE A 52 9.80 -3.39 -1.45
N LEU A 53 10.79 -3.79 -2.25
CA LEU A 53 11.07 -3.12 -3.52
C LEU A 53 10.04 -3.50 -4.57
N LEU A 54 9.25 -2.53 -5.00
CA LEU A 54 8.22 -2.76 -6.01
C LEU A 54 8.63 -2.16 -7.35
N PRO A 55 8.06 -2.70 -8.44
CA PRO A 55 8.36 -2.23 -9.80
C PRO A 55 7.80 -0.84 -10.07
N GLY A 56 7.76 -0.45 -11.34
CA GLY A 56 7.24 0.85 -11.71
C GLY A 56 6.26 0.78 -12.86
N GLY A 57 5.04 0.33 -12.57
CA GLY A 57 4.03 0.22 -13.58
C GLY A 57 2.88 -0.69 -13.18
N ILE A 58 2.38 -0.50 -11.97
CA ILE A 58 1.28 -1.31 -11.46
C ILE A 58 0.24 -0.45 -10.74
N THR A 59 -0.89 -1.05 -10.40
CA THR A 59 -1.96 -0.34 -9.71
C THR A 59 -2.28 -1.00 -8.38
N SER A 60 -1.67 -2.15 -8.13
CA SER A 60 -1.90 -2.89 -6.88
C SER A 60 -0.79 -3.92 -6.64
N HIS A 61 -0.58 -4.26 -5.38
CA HIS A 61 0.46 -5.23 -5.02
C HIS A 61 -0.06 -6.20 -3.96
N GLN A 62 0.30 -7.47 -4.11
CA GLN A 62 -0.13 -8.50 -3.16
C GLN A 62 0.84 -8.61 -2.00
N LEU A 63 0.33 -8.45 -0.79
CA LEU A 63 1.16 -8.53 0.41
C LEU A 63 0.99 -9.89 1.10
N LEU A 64 2.10 -10.47 1.53
CA LEU A 64 2.07 -11.76 2.21
C LEU A 64 2.65 -11.66 3.61
N GLY A 65 2.32 -12.63 4.46
CA GLY A 65 2.82 -12.62 5.83
C GLY A 65 2.13 -11.59 6.70
N LEU A 66 0.87 -11.87 7.05
CA LEU A 66 0.09 -10.97 7.89
C LEU A 66 -0.55 -11.71 9.06
N PHE A 67 -0.86 -10.98 10.12
CA PHE A 67 -1.48 -11.57 11.29
C PHE A 67 -3.00 -11.44 11.24
N PRO A 68 -3.70 -12.40 11.86
CA PRO A 68 -5.17 -12.41 11.89
C PRO A 68 -5.73 -11.30 12.77
N SER A 69 -6.55 -10.44 12.17
CA SER A 69 -7.16 -9.32 12.89
C SER A 69 -6.08 -8.37 13.43
N THR A 70 -5.04 -8.16 12.63
CA THR A 70 -3.95 -7.28 13.02
C THR A 70 -3.86 -6.08 12.08
N SER A 71 -4.02 -4.89 12.65
CA SER A 71 -3.96 -3.66 11.86
C SER A 71 -2.55 -3.42 11.33
N TYR A 72 -2.46 -2.90 10.12
CA TYR A 72 -1.17 -2.62 9.49
C TYR A 72 -1.14 -1.22 8.89
N ASN A 73 0.06 -0.68 8.73
CA ASN A 73 0.23 0.65 8.17
C ASN A 73 1.10 0.61 6.92
N ALA A 74 0.46 0.71 5.75
CA ALA A 74 1.17 0.68 4.48
C ALA A 74 1.41 2.09 3.96
N ARG A 75 2.40 2.23 3.07
CA ARG A 75 2.74 3.53 2.50
C ARG A 75 3.35 3.36 1.12
N LEU A 76 2.76 4.03 0.13
CA LEU A 76 3.24 3.96 -1.24
C LEU A 76 4.07 5.19 -1.59
N GLN A 77 5.39 5.01 -1.66
CA GLN A 77 6.29 6.12 -1.98
C GLN A 77 7.05 5.83 -3.27
N ALA A 78 6.72 6.59 -4.32
CA ALA A 78 7.37 6.41 -5.61
C ALA A 78 8.63 7.28 -5.71
N MET A 79 9.69 6.72 -6.29
CA MET A 79 10.94 7.45 -6.44
C MET A 79 10.90 8.34 -7.67
N TRP A 80 10.97 9.65 -7.46
CA TRP A 80 10.94 10.61 -8.56
C TRP A 80 12.24 11.39 -8.64
N GLY A 81 13.09 11.02 -9.60
CA GLY A 81 14.37 11.70 -9.76
C GLY A 81 15.02 12.02 -8.44
N GLN A 82 15.40 13.28 -8.26
CA GLN A 82 16.05 13.72 -7.03
C GLN A 82 15.03 14.24 -6.02
N SER A 83 13.89 13.54 -5.91
CA SER A 83 12.84 13.95 -5.00
C SER A 83 12.00 12.73 -4.59
N LEU A 84 11.26 12.89 -3.49
CA LEU A 84 10.41 11.82 -2.99
C LEU A 84 9.01 12.33 -2.67
N LEU A 85 8.15 12.36 -3.67
CA LEU A 85 6.78 12.83 -3.49
C LEU A 85 6.18 12.27 -2.20
N PRO A 86 5.21 13.01 -1.63
CA PRO A 86 4.53 12.61 -0.39
C PRO A 86 3.63 11.40 -0.59
N PRO A 87 4.01 10.27 0.02
CA PRO A 87 3.24 9.02 -0.08
C PRO A 87 1.93 9.09 0.67
N VAL A 88 1.06 8.11 0.44
CA VAL A 88 -0.24 8.06 1.10
C VAL A 88 -0.30 6.91 2.11
N SER A 89 -0.64 7.24 3.35
CA SER A 89 -0.73 6.25 4.41
C SER A 89 -2.19 5.87 4.67
N THR A 90 -2.45 4.56 4.76
CA THR A 90 -3.80 4.07 5.00
C THR A 90 -3.78 2.85 5.91
N SER A 91 -4.69 2.82 6.88
CA SER A 91 -4.77 1.72 7.82
C SER A 91 -5.82 0.69 7.37
N PHE A 92 -5.53 -0.59 7.63
CA PHE A 92 -6.44 -1.66 7.24
C PHE A 92 -6.33 -2.83 8.20
N THR A 93 -7.47 -3.44 8.52
CA THR A 93 -7.50 -4.57 9.44
C THR A 93 -7.73 -5.88 8.68
N THR A 94 -6.99 -6.91 9.08
CA THR A 94 -7.12 -8.22 8.44
C THR A 94 -8.29 -9.00 9.02
N GLY A 95 -8.86 -9.90 8.21
CA GLY A 95 -9.97 -10.70 8.67
C GLY A 95 -9.57 -11.71 9.72
N GLY A 96 -10.45 -12.67 9.99
CA GLY A 96 -10.16 -13.69 10.98
C GLY A 96 -9.99 -15.07 10.37
N LEU A 97 -9.19 -15.90 11.03
CA LEU A 97 -8.94 -17.26 10.55
C LEU A 97 -10.15 -18.16 10.81
N ARG A 98 -11.12 -18.11 9.91
CA ARG A 98 -12.32 -18.93 10.05
C ARG A 98 -13.07 -19.03 8.72
N ILE A 99 -13.61 -20.21 8.44
CA ILE A 99 -14.34 -20.45 7.21
C ILE A 99 -15.65 -19.67 7.19
N SER A 100 -15.77 -18.73 6.27
CA SER A 100 -16.99 -17.93 6.15
C SER A 100 -17.00 -17.16 4.83
N GLY A 101 -18.10 -17.28 4.09
CA GLY A 101 -18.22 -16.60 2.82
C GLY A 101 -19.64 -16.58 2.30
N PRO A 102 -19.83 -16.11 1.06
CA PRO A 102 -21.14 -16.03 0.43
C PRO A 102 -21.71 -17.40 0.09
N SER A 103 -22.87 -17.42 -0.56
CA SER A 103 -23.52 -18.66 -0.95
C SER A 103 -23.61 -18.79 -2.46
N SER A 104 -23.98 -19.97 -2.92
CA SER A 104 -24.11 -20.23 -4.36
C SER A 104 -25.05 -19.22 -5.01
N GLY A 105 -24.98 -19.11 -6.33
CA GLY A 105 -25.83 -18.18 -7.04
C GLY A 105 -25.52 -18.14 -8.53
N GLY A 1 0.02 25.07 -0.69
CA GLY A 1 0.84 26.24 -0.93
C GLY A 1 0.95 26.59 -2.40
N SER A 2 2.18 26.77 -2.88
CA SER A 2 2.42 27.11 -4.27
C SER A 2 2.40 25.86 -5.15
N SER A 3 2.46 26.06 -6.46
CA SER A 3 2.44 24.95 -7.41
C SER A 3 3.79 24.81 -8.11
N GLY A 4 4.33 25.94 -8.55
CA GLY A 4 5.61 25.93 -9.23
C GLY A 4 5.50 25.44 -10.65
N SER A 5 6.60 24.88 -11.18
CA SER A 5 6.61 24.37 -12.55
C SER A 5 6.47 22.86 -12.56
N SER A 6 7.37 22.17 -11.87
CA SER A 6 7.35 20.72 -11.80
C SER A 6 5.92 20.20 -11.69
N GLY A 7 5.44 19.55 -12.75
CA GLY A 7 4.09 19.02 -12.74
C GLY A 7 4.03 17.61 -12.20
N LEU A 8 4.79 17.35 -11.14
CA LEU A 8 4.82 16.03 -10.51
C LEU A 8 3.61 15.83 -9.61
N GLU A 9 3.07 14.61 -9.61
CA GLU A 9 1.91 14.30 -8.79
C GLU A 9 2.11 12.98 -8.06
N ALA A 10 1.08 12.54 -7.33
CA ALA A 10 1.14 11.29 -6.59
C ALA A 10 -0.16 10.49 -6.73
N PRO A 11 -0.12 9.23 -6.31
CA PRO A 11 -1.29 8.33 -6.38
C PRO A 11 -2.39 8.74 -5.41
N ARG A 12 -3.61 8.31 -5.70
CA ARG A 12 -4.75 8.62 -4.86
C ARG A 12 -5.65 7.40 -4.67
N ASP A 13 -6.72 7.57 -3.90
CA ASP A 13 -7.66 6.49 -3.65
C ASP A 13 -6.92 5.20 -3.30
N LEU A 14 -5.99 5.30 -2.36
CA LEU A 14 -5.21 4.14 -1.93
C LEU A 14 -5.93 3.38 -0.82
N GLU A 15 -6.74 2.40 -1.22
CA GLU A 15 -7.48 1.59 -0.25
C GLU A 15 -7.07 0.12 -0.33
N ALA A 16 -7.38 -0.63 0.71
CA ALA A 16 -7.04 -2.05 0.76
C ALA A 16 -8.24 -2.91 0.37
N LYS A 17 -8.09 -3.65 -0.72
CA LYS A 17 -9.16 -4.52 -1.22
C LYS A 17 -8.82 -5.98 -0.96
N GLU A 18 -9.85 -6.84 -0.99
CA GLU A 18 -9.65 -8.26 -0.76
C GLU A 18 -8.89 -8.51 0.54
N VAL A 19 -9.19 -7.72 1.56
CA VAL A 19 -8.53 -7.85 2.85
C VAL A 19 -8.90 -9.15 3.53
N THR A 20 -7.91 -9.99 3.80
CA THR A 20 -8.14 -11.27 4.45
C THR A 20 -7.05 -11.58 5.47
N PRO A 21 -7.36 -12.47 6.42
CA PRO A 21 -6.42 -12.87 7.47
C PRO A 21 -5.27 -13.70 6.93
N ARG A 22 -5.25 -13.91 5.62
CA ARG A 22 -4.20 -14.68 4.97
C ARG A 22 -3.39 -13.81 4.01
N THR A 23 -4.01 -12.73 3.54
CA THR A 23 -3.35 -11.82 2.61
C THR A 23 -4.13 -10.52 2.48
N ALA A 24 -3.45 -9.48 1.99
CA ALA A 24 -4.07 -8.18 1.81
C ALA A 24 -3.62 -7.53 0.50
N LEU A 25 -4.59 -7.09 -0.30
CA LEU A 25 -4.29 -6.44 -1.57
C LEU A 25 -4.63 -4.95 -1.52
N LEU A 26 -3.69 -4.13 -1.95
CA LEU A 26 -3.88 -2.68 -1.96
C LEU A 26 -3.86 -2.14 -3.38
N THR A 27 -4.88 -1.34 -3.72
CA THR A 27 -4.97 -0.75 -5.05
C THR A 27 -4.89 0.77 -4.99
N TRP A 28 -4.36 1.36 -6.04
CA TRP A 28 -4.22 2.82 -6.11
C TRP A 28 -4.30 3.31 -7.55
N THR A 29 -4.56 4.60 -7.72
CA THR A 29 -4.67 5.20 -9.04
C THR A 29 -3.32 5.70 -9.52
N GLU A 30 -2.95 5.34 -10.74
CA GLU A 30 -1.69 5.76 -11.32
C GLU A 30 -1.69 7.26 -11.62
N PRO A 31 -0.65 7.97 -11.14
CA PRO A 31 -0.51 9.40 -11.33
C PRO A 31 -0.22 9.78 -12.79
N PRO A 32 -0.32 11.07 -13.09
CA PRO A 32 -0.07 11.59 -14.44
C PRO A 32 1.40 11.50 -14.84
N VAL A 33 2.24 11.06 -13.90
CA VAL A 33 3.67 10.93 -14.15
C VAL A 33 4.18 9.58 -13.67
N ARG A 34 4.50 8.72 -14.63
CA ARG A 34 5.01 7.38 -14.31
C ARG A 34 6.31 7.47 -13.50
N PRO A 35 6.26 7.01 -12.25
CA PRO A 35 7.42 7.02 -11.35
C PRO A 35 8.50 6.04 -11.78
N ALA A 36 9.73 6.29 -11.35
CA ALA A 36 10.85 5.42 -11.69
C ALA A 36 10.81 4.14 -10.89
N GLY A 37 10.33 4.22 -9.65
CA GLY A 37 10.24 3.05 -8.80
C GLY A 37 9.23 3.22 -7.68
N TYR A 38 8.84 2.10 -7.07
CA TYR A 38 7.86 2.13 -5.99
C TYR A 38 8.44 1.53 -4.72
N LEU A 39 8.18 2.18 -3.59
CA LEU A 39 8.68 1.71 -2.30
C LEU A 39 7.53 1.52 -1.31
N LEU A 40 7.12 0.28 -1.13
CA LEU A 40 6.03 -0.04 -0.21
C LEU A 40 6.58 -0.44 1.16
N SER A 41 6.23 0.34 2.18
CA SER A 41 6.69 0.06 3.54
C SER A 41 5.52 -0.29 4.44
N PHE A 42 5.50 -1.53 4.92
CA PHE A 42 4.44 -2.00 5.79
C PHE A 42 5.00 -2.50 7.12
N HIS A 43 4.56 -1.87 8.21
CA HIS A 43 5.02 -2.25 9.55
C HIS A 43 3.86 -2.70 10.42
N THR A 44 4.17 -3.49 11.45
CA THR A 44 3.15 -4.00 12.35
C THR A 44 3.09 -3.17 13.63
N PRO A 45 1.90 -3.14 14.27
CA PRO A 45 1.68 -2.38 15.51
C PRO A 45 2.43 -3.01 16.70
N GLY A 46 3.72 -2.72 16.80
CA GLY A 46 4.51 -3.26 17.89
C GLY A 46 5.68 -4.08 17.40
N GLY A 47 5.75 -4.30 16.09
CA GLY A 47 6.83 -5.09 15.52
C GLY A 47 7.82 -4.23 14.76
N GLN A 48 8.74 -4.88 14.06
CA GLN A 48 9.76 -4.17 13.29
C GLN A 48 9.19 -3.72 11.94
N THR A 49 9.84 -2.73 11.33
CA THR A 49 9.40 -2.21 10.04
C THR A 49 10.16 -2.87 8.90
N GLN A 50 9.43 -3.24 7.84
CA GLN A 50 10.04 -3.88 6.68
C GLN A 50 9.81 -3.06 5.43
N GLU A 51 10.78 -3.11 4.51
CA GLU A 51 10.69 -2.37 3.26
C GLU A 51 10.69 -3.32 2.06
N ILE A 52 9.83 -3.03 1.09
CA ILE A 52 9.74 -3.85 -0.11
C ILE A 52 10.10 -3.05 -1.36
N LEU A 53 10.78 -3.70 -2.30
CA LEU A 53 11.19 -3.05 -3.53
C LEU A 53 10.27 -3.46 -4.69
N LEU A 54 9.27 -2.64 -4.95
CA LEU A 54 8.32 -2.91 -6.03
C LEU A 54 8.98 -2.71 -7.39
N PRO A 55 8.38 -3.32 -8.42
CA PRO A 55 8.90 -3.23 -9.80
C PRO A 55 8.71 -1.84 -10.40
N GLY A 56 7.99 -0.99 -9.68
CA GLY A 56 7.75 0.36 -10.15
C GLY A 56 7.01 0.40 -11.47
N GLY A 57 5.69 0.33 -11.40
CA GLY A 57 4.88 0.36 -12.61
C GLY A 57 3.65 -0.52 -12.50
N ILE A 58 2.98 -0.46 -11.36
CA ILE A 58 1.78 -1.26 -11.13
C ILE A 58 0.68 -0.43 -10.48
N THR A 59 -0.51 -1.00 -10.35
CA THR A 59 -1.64 -0.31 -9.74
C THR A 59 -2.14 -1.07 -8.52
N SER A 60 -1.60 -2.26 -8.29
CA SER A 60 -2.01 -3.08 -7.15
C SER A 60 -0.88 -4.02 -6.74
N HIS A 61 -0.64 -4.11 -5.44
CA HIS A 61 0.41 -4.97 -4.91
C HIS A 61 -0.17 -6.00 -3.94
N GLN A 62 0.39 -7.21 -3.96
CA GLN A 62 -0.06 -8.27 -3.09
C GLN A 62 0.85 -8.42 -1.87
N LEU A 63 0.27 -8.33 -0.68
CA LEU A 63 1.03 -8.46 0.55
C LEU A 63 0.86 -9.85 1.16
N LEU A 64 1.98 -10.48 1.47
CA LEU A 64 1.96 -11.83 2.05
C LEU A 64 2.51 -11.80 3.48
N GLY A 65 2.15 -12.81 4.26
CA GLY A 65 2.61 -12.89 5.64
C GLY A 65 1.96 -11.86 6.54
N LEU A 66 0.68 -12.05 6.81
CA LEU A 66 -0.07 -11.13 7.66
C LEU A 66 -0.61 -11.85 8.89
N PHE A 67 -1.24 -11.08 9.78
CA PHE A 67 -1.81 -11.64 11.00
C PHE A 67 -3.33 -11.51 11.02
N PRO A 68 -4.00 -12.46 11.68
CA PRO A 68 -5.46 -12.47 11.78
C PRO A 68 -5.99 -11.35 12.66
N SER A 69 -6.79 -10.46 12.08
CA SER A 69 -7.36 -9.34 12.81
C SER A 69 -6.26 -8.39 13.30
N THR A 70 -5.26 -8.16 12.44
CA THR A 70 -4.16 -7.28 12.78
C THR A 70 -4.09 -6.09 11.84
N SER A 71 -4.14 -4.89 12.40
CA SER A 71 -4.08 -3.66 11.61
C SER A 71 -2.68 -3.44 11.05
N TYR A 72 -2.63 -3.03 9.79
CA TYR A 72 -1.35 -2.79 9.13
C TYR A 72 -1.32 -1.39 8.50
N ASN A 73 -0.14 -0.77 8.52
CA ASN A 73 0.01 0.57 7.96
C ASN A 73 0.92 0.53 6.72
N ALA A 74 0.30 0.59 5.54
CA ALA A 74 1.05 0.56 4.30
C ALA A 74 1.28 1.97 3.76
N ARG A 75 2.41 2.16 3.08
CA ARG A 75 2.74 3.47 2.53
C ARG A 75 3.39 3.33 1.15
N LEU A 76 2.80 3.96 0.15
CA LEU A 76 3.31 3.90 -1.22
C LEU A 76 4.14 5.14 -1.54
N GLN A 77 5.44 4.96 -1.70
CA GLN A 77 6.34 6.06 -2.02
C GLN A 77 7.07 5.82 -3.33
N ALA A 78 6.81 6.68 -4.32
CA ALA A 78 7.43 6.56 -5.62
C ALA A 78 8.70 7.40 -5.70
N MET A 79 9.71 6.88 -6.40
CA MET A 79 10.97 7.59 -6.56
C MET A 79 10.93 8.52 -7.76
N TRP A 80 11.08 9.81 -7.50
CA TRP A 80 11.07 10.81 -8.57
C TRP A 80 12.38 11.58 -8.62
N GLY A 81 13.26 11.18 -9.54
CA GLY A 81 14.54 11.84 -9.67
C GLY A 81 15.11 12.29 -8.34
N GLN A 82 15.57 13.53 -8.29
CA GLN A 82 16.15 14.08 -7.06
C GLN A 82 15.05 14.56 -6.11
N SER A 83 14.00 13.77 -5.98
CA SER A 83 12.87 14.11 -5.11
C SER A 83 12.07 12.87 -4.73
N LEU A 84 11.40 12.94 -3.60
CA LEU A 84 10.59 11.82 -3.12
C LEU A 84 9.17 12.28 -2.76
N LEU A 85 8.35 12.46 -3.77
CA LEU A 85 6.97 12.90 -3.57
C LEU A 85 6.38 12.26 -2.31
N PRO A 86 5.41 12.95 -1.70
CA PRO A 86 4.75 12.47 -0.48
C PRO A 86 3.85 11.27 -0.75
N PRO A 87 4.18 10.15 -0.09
CA PRO A 87 3.42 8.89 -0.24
C PRO A 87 2.03 8.99 0.39
N VAL A 88 1.34 7.85 0.47
CA VAL A 88 0.01 7.80 1.05
C VAL A 88 -0.10 6.67 2.08
N SER A 89 -0.34 7.04 3.33
CA SER A 89 -0.46 6.07 4.41
C SER A 89 -1.93 5.78 4.71
N THR A 90 -2.25 4.50 4.83
CA THR A 90 -3.61 4.07 5.12
C THR A 90 -3.64 2.91 6.09
N SER A 91 -4.69 2.85 6.91
CA SER A 91 -4.83 1.78 7.90
C SER A 91 -5.93 0.81 7.50
N PHE A 92 -5.59 -0.48 7.44
CA PHE A 92 -6.55 -1.51 7.07
C PHE A 92 -6.48 -2.69 8.04
N THR A 93 -7.64 -3.19 8.42
CA THR A 93 -7.73 -4.32 9.34
C THR A 93 -8.02 -5.61 8.60
N THR A 94 -7.30 -6.68 8.97
CA THR A 94 -7.48 -7.97 8.33
C THR A 94 -8.60 -8.76 9.00
N GLY A 95 -9.13 -9.75 8.29
CA GLY A 95 -10.21 -10.56 8.84
C GLY A 95 -9.73 -11.52 9.91
N GLY A 96 -10.60 -12.43 10.33
CA GLY A 96 -10.24 -13.39 11.35
C GLY A 96 -10.16 -14.80 10.82
N LEU A 97 -9.33 -15.63 11.45
CA LEU A 97 -9.17 -17.01 11.03
C LEU A 97 -10.38 -17.86 11.43
N ARG A 98 -11.45 -17.74 10.67
CA ARG A 98 -12.67 -18.49 10.94
C ARG A 98 -13.62 -18.43 9.75
N ILE A 99 -14.17 -19.58 9.38
CA ILE A 99 -15.11 -19.66 8.26
C ILE A 99 -16.54 -19.82 8.75
N SER A 100 -17.41 -18.91 8.32
CA SER A 100 -18.81 -18.96 8.71
C SER A 100 -19.66 -19.66 7.65
N GLY A 101 -20.90 -19.97 7.99
CA GLY A 101 -21.79 -20.64 7.06
C GLY A 101 -21.70 -20.07 5.66
N PRO A 102 -21.88 -20.93 4.65
CA PRO A 102 -21.82 -20.52 3.25
C PRO A 102 -23.01 -19.65 2.85
N SER A 103 -22.71 -18.50 2.23
CA SER A 103 -23.75 -17.58 1.80
C SER A 103 -23.86 -17.55 0.28
N SER A 104 -24.66 -18.46 -0.26
CA SER A 104 -24.84 -18.54 -1.71
C SER A 104 -26.14 -19.27 -2.05
N GLY A 105 -26.73 -18.91 -3.19
CA GLY A 105 -27.97 -19.54 -3.60
C GLY A 105 -27.92 -20.02 -5.05
N GLY A 1 4.75 33.34 -5.78
CA GLY A 1 5.71 32.28 -5.55
C GLY A 1 5.14 30.91 -5.86
N SER A 2 5.88 30.12 -6.64
CA SER A 2 5.44 28.78 -7.01
C SER A 2 6.49 27.75 -6.66
N SER A 3 6.08 26.71 -5.94
CA SER A 3 6.99 25.65 -5.53
C SER A 3 7.01 24.52 -6.55
N GLY A 4 8.20 23.99 -6.82
CA GLY A 4 8.33 22.91 -7.78
C GLY A 4 8.10 23.37 -9.21
N SER A 5 9.17 23.45 -9.98
CA SER A 5 9.09 23.88 -11.37
C SER A 5 8.35 22.86 -12.22
N SER A 6 8.84 21.62 -12.20
CA SER A 6 8.23 20.55 -12.98
C SER A 6 6.82 20.25 -12.48
N GLY A 7 5.99 19.70 -13.36
CA GLY A 7 4.62 19.38 -12.98
C GLY A 7 4.45 17.93 -12.60
N LEU A 8 4.94 17.58 -11.41
CA LEU A 8 4.84 16.21 -10.91
C LEU A 8 3.42 15.90 -10.45
N GLU A 9 3.16 14.62 -10.17
CA GLU A 9 1.84 14.20 -9.72
C GLU A 9 1.95 12.98 -8.81
N ALA A 10 1.18 13.00 -7.72
CA ALA A 10 1.19 11.90 -6.77
C ALA A 10 -0.04 11.00 -6.96
N PRO A 11 0.11 9.72 -6.59
CA PRO A 11 -0.96 8.73 -6.71
C PRO A 11 -2.10 8.98 -5.73
N ARG A 12 -3.27 8.41 -6.03
CA ARG A 12 -4.43 8.57 -5.16
C ARG A 12 -5.32 7.35 -5.22
N ASP A 13 -6.41 7.37 -4.46
CA ASP A 13 -7.35 6.25 -4.42
C ASP A 13 -6.74 5.04 -3.74
N LEU A 14 -6.06 5.27 -2.62
CA LEU A 14 -5.42 4.20 -1.88
C LEU A 14 -6.36 3.63 -0.81
N GLU A 15 -6.88 2.44 -1.06
CA GLU A 15 -7.79 1.80 -0.13
C GLU A 15 -7.55 0.29 -0.09
N ALA A 16 -7.55 -0.27 1.12
CA ALA A 16 -7.34 -1.70 1.30
C ALA A 16 -8.42 -2.51 0.59
N LYS A 17 -8.02 -3.56 -0.12
CA LYS A 17 -8.96 -4.41 -0.83
C LYS A 17 -8.56 -5.88 -0.70
N GLU A 18 -9.48 -6.77 -1.08
CA GLU A 18 -9.22 -8.20 -1.00
C GLU A 18 -8.47 -8.56 0.27
N VAL A 19 -8.81 -7.88 1.36
CA VAL A 19 -8.17 -8.12 2.65
C VAL A 19 -8.49 -9.51 3.17
N THR A 20 -7.50 -10.16 3.79
CA THR A 20 -7.68 -11.48 4.34
C THR A 20 -6.80 -11.70 5.57
N PRO A 21 -7.17 -12.71 6.38
CA PRO A 21 -6.43 -13.03 7.61
C PRO A 21 -5.05 -13.62 7.32
N ARG A 22 -4.71 -13.71 6.05
CA ARG A 22 -3.42 -14.26 5.63
C ARG A 22 -2.69 -13.30 4.70
N THR A 23 -3.45 -12.65 3.82
CA THR A 23 -2.88 -11.71 2.86
C THR A 23 -3.74 -10.46 2.73
N ALA A 24 -3.29 -9.52 1.92
CA ALA A 24 -4.03 -8.28 1.70
C ALA A 24 -3.55 -7.57 0.44
N LEU A 25 -4.49 -7.03 -0.33
CA LEU A 25 -4.17 -6.33 -1.56
C LEU A 25 -4.48 -4.84 -1.42
N LEU A 26 -3.53 -4.00 -1.83
CA LEU A 26 -3.70 -2.55 -1.76
C LEU A 26 -3.73 -1.94 -3.15
N THR A 27 -4.91 -1.53 -3.59
CA THR A 27 -5.07 -0.91 -4.91
C THR A 27 -4.98 0.60 -4.83
N TRP A 28 -4.30 1.20 -5.81
CA TRP A 28 -4.15 2.65 -5.85
C TRP A 28 -4.14 3.15 -7.28
N THR A 29 -4.09 4.48 -7.45
CA THR A 29 -4.07 5.08 -8.77
C THR A 29 -2.70 5.65 -9.10
N GLU A 30 -2.27 5.46 -10.35
CA GLU A 30 -0.98 5.95 -10.79
C GLU A 30 -1.12 7.26 -11.55
N PRO A 31 -0.18 8.20 -11.30
CA PRO A 31 -0.19 9.51 -11.95
C PRO A 31 0.16 9.42 -13.43
N PRO A 32 -0.05 10.53 -14.16
CA PRO A 32 0.23 10.61 -15.60
C PRO A 32 1.73 10.58 -15.89
N VAL A 33 2.54 10.67 -14.84
CA VAL A 33 3.99 10.66 -14.99
C VAL A 33 4.59 9.41 -14.35
N ARG A 34 4.55 8.30 -15.08
CA ARG A 34 5.09 7.04 -14.59
C ARG A 34 6.37 7.27 -13.80
N PRO A 35 6.34 6.93 -12.50
CA PRO A 35 7.50 7.10 -11.61
C PRO A 35 8.62 6.12 -11.93
N ALA A 36 9.79 6.37 -11.37
CA ALA A 36 10.94 5.51 -11.59
C ALA A 36 10.82 4.21 -10.81
N GLY A 37 10.36 4.31 -9.58
CA GLY A 37 10.19 3.12 -8.75
C GLY A 37 9.22 3.34 -7.61
N TYR A 38 8.92 2.27 -6.88
CA TYR A 38 7.98 2.35 -5.75
C TYR A 38 8.54 1.62 -4.53
N LEU A 39 8.28 2.16 -3.36
CA LEU A 39 8.74 1.55 -2.11
C LEU A 39 7.59 1.36 -1.13
N LEU A 40 7.00 0.18 -1.15
CA LEU A 40 5.88 -0.15 -0.26
C LEU A 40 6.39 -0.61 1.11
N SER A 41 6.15 0.21 2.12
CA SER A 41 6.59 -0.13 3.48
C SER A 41 5.39 -0.36 4.39
N PHE A 42 5.34 -1.55 4.98
CA PHE A 42 4.24 -1.91 5.88
C PHE A 42 4.78 -2.40 7.22
N HIS A 43 4.37 -1.72 8.29
CA HIS A 43 4.81 -2.09 9.63
C HIS A 43 3.61 -2.35 10.55
N THR A 44 3.84 -3.11 11.61
CA THR A 44 2.77 -3.44 12.55
C THR A 44 2.93 -2.64 13.85
N PRO A 45 1.79 -2.25 14.44
CA PRO A 45 1.78 -1.48 15.69
C PRO A 45 2.22 -2.31 16.88
N GLY A 46 2.52 -3.58 16.63
CA GLY A 46 2.95 -4.45 17.71
C GLY A 46 4.12 -5.34 17.30
N GLY A 47 4.86 -4.91 16.29
CA GLY A 47 5.99 -5.67 15.81
C GLY A 47 7.08 -4.80 15.21
N GLN A 48 7.78 -5.33 14.21
CA GLN A 48 8.86 -4.58 13.56
C GLN A 48 8.39 -4.04 12.22
N THR A 49 9.28 -3.31 11.54
CA THR A 49 8.97 -2.73 10.25
C THR A 49 9.71 -3.44 9.12
N GLN A 50 9.06 -3.58 7.98
CA GLN A 50 9.64 -4.25 6.83
C GLN A 50 9.44 -3.44 5.55
N GLU A 51 10.41 -3.50 4.65
CA GLU A 51 10.34 -2.77 3.40
C GLU A 51 10.24 -3.73 2.21
N ILE A 52 9.70 -3.23 1.10
CA ILE A 52 9.56 -4.05 -0.10
C ILE A 52 9.74 -3.21 -1.36
N LEU A 53 10.53 -3.72 -2.30
CA LEU A 53 10.79 -3.02 -3.55
C LEU A 53 9.71 -3.33 -4.58
N LEU A 54 9.22 -2.29 -5.25
CA LEU A 54 8.18 -2.46 -6.26
C LEU A 54 8.78 -2.40 -7.67
N PRO A 55 8.14 -3.10 -8.62
CA PRO A 55 8.59 -3.14 -10.01
C PRO A 55 8.38 -1.81 -10.72
N GLY A 56 7.42 -1.03 -10.25
CA GLY A 56 7.15 0.26 -10.85
C GLY A 56 6.30 0.15 -12.10
N GLY A 57 5.01 0.40 -11.97
CA GLY A 57 4.11 0.32 -13.11
C GLY A 57 2.91 -0.56 -12.84
N ILE A 58 2.35 -0.45 -11.64
CA ILE A 58 1.19 -1.24 -11.27
C ILE A 58 0.21 -0.42 -10.43
N THR A 59 -0.99 -0.95 -10.26
CA THR A 59 -2.01 -0.27 -9.47
C THR A 59 -2.51 -1.14 -8.32
N SER A 60 -1.96 -2.34 -8.23
CA SER A 60 -2.34 -3.27 -7.17
C SER A 60 -1.20 -4.25 -6.87
N HIS A 61 -0.82 -4.33 -5.59
CA HIS A 61 0.26 -5.22 -5.18
C HIS A 61 -0.23 -6.19 -4.10
N GLN A 62 0.11 -7.46 -4.26
CA GLN A 62 -0.29 -8.48 -3.31
C GLN A 62 0.74 -8.61 -2.17
N LEU A 63 0.27 -8.42 -0.94
CA LEU A 63 1.14 -8.51 0.22
C LEU A 63 1.14 -9.92 0.79
N LEU A 64 2.31 -10.39 1.21
CA LEU A 64 2.45 -11.73 1.77
C LEU A 64 3.04 -11.67 3.17
N GLY A 65 2.63 -12.61 4.03
CA GLY A 65 3.12 -12.64 5.39
C GLY A 65 2.44 -11.62 6.28
N LEU A 66 1.20 -11.90 6.65
CA LEU A 66 0.43 -11.01 7.51
C LEU A 66 -0.12 -11.75 8.73
N PHE A 67 -0.68 -11.00 9.66
CA PHE A 67 -1.24 -11.58 10.87
C PHE A 67 -2.77 -11.46 10.89
N PRO A 68 -3.44 -12.46 11.48
CA PRO A 68 -4.90 -12.48 11.57
C PRO A 68 -5.43 -11.41 12.53
N SER A 69 -6.26 -10.52 12.01
CA SER A 69 -6.83 -9.45 12.81
C SER A 69 -5.75 -8.51 13.33
N THR A 70 -4.76 -8.23 12.49
CA THR A 70 -3.65 -7.36 12.86
C THR A 70 -3.62 -6.11 11.97
N SER A 71 -3.77 -4.95 12.60
CA SER A 71 -3.75 -3.68 11.87
C SER A 71 -2.38 -3.42 11.27
N TYR A 72 -2.36 -2.96 10.03
CA TYR A 72 -1.11 -2.66 9.34
C TYR A 72 -1.16 -1.27 8.70
N ASN A 73 0.01 -0.66 8.58
CA ASN A 73 0.11 0.68 7.99
C ASN A 73 0.96 0.65 6.72
N ALA A 74 0.30 0.76 5.57
CA ALA A 74 0.99 0.75 4.29
C ALA A 74 1.37 2.16 3.85
N ARG A 75 2.47 2.28 3.13
CA ARG A 75 2.94 3.57 2.66
C ARG A 75 3.56 3.46 1.26
N LEU A 76 2.92 4.08 0.28
CA LEU A 76 3.41 4.04 -1.09
C LEU A 76 4.19 5.31 -1.43
N GLN A 77 5.46 5.14 -1.77
CA GLN A 77 6.32 6.26 -2.12
C GLN A 77 7.08 6.00 -3.41
N ALA A 78 6.84 6.84 -4.41
CA ALA A 78 7.50 6.69 -5.70
C ALA A 78 8.73 7.59 -5.79
N MET A 79 9.73 7.15 -6.55
CA MET A 79 10.96 7.91 -6.72
C MET A 79 10.90 8.78 -7.98
N TRP A 80 10.92 10.09 -7.78
CA TRP A 80 10.86 11.03 -8.89
C TRP A 80 12.15 11.83 -9.00
N GLY A 81 13.02 11.43 -9.92
CA GLY A 81 14.29 12.13 -10.09
C GLY A 81 15.02 12.32 -8.79
N GLN A 82 15.09 13.57 -8.32
CA GLN A 82 15.78 13.87 -7.07
C GLN A 82 14.79 14.05 -5.93
N SER A 83 13.61 14.56 -6.26
CA SER A 83 12.57 14.79 -5.26
C SER A 83 11.82 13.49 -4.95
N LEU A 84 11.07 13.49 -3.85
CA LEU A 84 10.30 12.32 -3.45
C LEU A 84 8.88 12.72 -3.03
N LEU A 85 7.98 12.78 -4.00
CA LEU A 85 6.60 13.14 -3.74
C LEU A 85 6.11 12.50 -2.43
N PRO A 86 5.14 13.17 -1.78
CA PRO A 86 4.56 12.68 -0.53
C PRO A 86 3.72 11.42 -0.71
N PRO A 87 4.13 10.34 -0.04
CA PRO A 87 3.42 9.05 -0.11
C PRO A 87 2.06 9.10 0.57
N VAL A 88 1.24 8.09 0.31
CA VAL A 88 -0.10 8.01 0.90
C VAL A 88 -0.16 6.91 1.96
N SER A 89 -0.69 7.26 3.14
CA SER A 89 -0.81 6.30 4.23
C SER A 89 -2.24 5.82 4.37
N THR A 90 -2.40 4.50 4.51
CA THR A 90 -3.72 3.91 4.65
C THR A 90 -3.70 2.74 5.62
N SER A 91 -4.58 2.78 6.61
CA SER A 91 -4.66 1.72 7.62
C SER A 91 -5.73 0.69 7.25
N PHE A 92 -5.38 -0.59 7.35
CA PHE A 92 -6.30 -1.67 7.02
C PHE A 92 -6.17 -2.81 8.02
N THR A 93 -7.31 -3.40 8.38
CA THR A 93 -7.33 -4.50 9.33
C THR A 93 -7.64 -5.82 8.63
N THR A 94 -6.87 -6.86 8.96
CA THR A 94 -7.06 -8.17 8.37
C THR A 94 -8.18 -8.94 9.09
N GLY A 95 -8.72 -9.95 8.41
CA GLY A 95 -9.78 -10.74 9.00
C GLY A 95 -9.27 -11.69 10.07
N GLY A 96 -9.84 -12.89 10.12
CA GLY A 96 -9.43 -13.87 11.09
C GLY A 96 -9.60 -15.29 10.61
N LEU A 97 -8.56 -16.11 10.79
CA LEU A 97 -8.59 -17.50 10.36
C LEU A 97 -9.99 -18.10 10.53
N ARG A 98 -10.77 -18.06 9.46
CA ARG A 98 -12.14 -18.59 9.50
C ARG A 98 -12.60 -18.97 8.10
N ILE A 99 -13.59 -19.85 8.03
CA ILE A 99 -14.13 -20.30 6.76
C ILE A 99 -15.11 -19.27 6.18
N SER A 100 -16.14 -18.95 6.97
CA SER A 100 -17.14 -17.98 6.54
C SER A 100 -17.79 -18.43 5.23
N GLY A 101 -18.14 -19.70 5.15
CA GLY A 101 -18.78 -20.23 3.95
C GLY A 101 -20.20 -20.69 4.20
N PRO A 102 -21.14 -19.73 4.23
CA PRO A 102 -22.56 -20.02 4.47
C PRO A 102 -23.20 -20.74 3.29
N SER A 103 -24.53 -20.81 3.30
CA SER A 103 -25.26 -21.48 2.24
C SER A 103 -24.97 -20.84 0.88
N SER A 104 -25.54 -19.65 0.67
CA SER A 104 -25.34 -18.93 -0.58
C SER A 104 -24.12 -18.01 -0.50
N GLY A 105 -23.89 -17.26 -1.57
CA GLY A 105 -22.75 -16.35 -1.60
C GLY A 105 -22.86 -15.32 -2.70
N GLY A 1 11.95 25.57 -6.06
CA GLY A 1 12.90 24.51 -5.74
C GLY A 1 12.55 23.21 -6.44
N SER A 2 12.53 22.11 -5.67
CA SER A 2 12.22 20.80 -6.23
C SER A 2 10.95 20.24 -5.60
N SER A 3 10.38 20.98 -4.65
CA SER A 3 9.17 20.56 -3.98
C SER A 3 8.06 21.59 -4.17
N GLY A 4 6.85 21.11 -4.45
CA GLY A 4 5.72 22.00 -4.65
C GLY A 4 4.86 21.61 -5.84
N SER A 5 4.70 22.52 -6.78
CA SER A 5 3.90 22.28 -7.97
C SER A 5 4.77 22.25 -9.22
N SER A 6 5.31 21.07 -9.54
CA SER A 6 6.16 20.92 -10.71
C SER A 6 5.60 19.86 -11.65
N GLY A 7 4.27 19.79 -11.71
CA GLY A 7 3.63 18.82 -12.59
C GLY A 7 3.47 17.45 -11.93
N LEU A 8 4.49 17.04 -11.19
CA LEU A 8 4.45 15.74 -10.51
C LEU A 8 3.23 15.64 -9.61
N GLU A 9 2.75 14.42 -9.42
CA GLU A 9 1.57 14.19 -8.58
C GLU A 9 1.66 12.82 -7.89
N ALA A 10 1.19 12.75 -6.66
CA ALA A 10 1.20 11.51 -5.90
C ALA A 10 -0.01 10.64 -6.22
N PRO A 11 0.06 9.36 -5.83
CA PRO A 11 -1.04 8.41 -6.08
C PRO A 11 -2.26 8.71 -5.23
N ARG A 12 -3.43 8.36 -5.75
CA ARG A 12 -4.68 8.58 -5.04
C ARG A 12 -5.61 7.38 -5.15
N ASP A 13 -6.73 7.43 -4.45
CA ASP A 13 -7.70 6.34 -4.48
C ASP A 13 -7.12 5.08 -3.84
N LEU A 14 -6.18 5.28 -2.92
CA LEU A 14 -5.55 4.15 -2.22
C LEU A 14 -6.48 3.56 -1.18
N GLU A 15 -6.85 2.30 -1.37
CA GLU A 15 -7.74 1.60 -0.45
C GLU A 15 -7.41 0.12 -0.39
N ALA A 16 -7.57 -0.47 0.80
CA ALA A 16 -7.29 -1.88 0.99
C ALA A 16 -8.41 -2.75 0.44
N LYS A 17 -8.07 -3.62 -0.52
CA LYS A 17 -9.06 -4.50 -1.13
C LYS A 17 -8.70 -5.96 -0.89
N GLU A 18 -9.70 -6.82 -0.95
CA GLU A 18 -9.50 -8.25 -0.73
C GLU A 18 -8.70 -8.50 0.55
N VAL A 19 -9.13 -7.88 1.63
CA VAL A 19 -8.45 -8.03 2.91
C VAL A 19 -8.82 -9.35 3.59
N THR A 20 -7.82 -10.05 4.09
CA THR A 20 -8.03 -11.33 4.74
C THR A 20 -6.98 -11.59 5.81
N PRO A 21 -7.30 -12.49 6.76
CA PRO A 21 -6.38 -12.84 7.85
C PRO A 21 -5.18 -13.64 7.37
N ARG A 22 -5.11 -13.85 6.06
CA ARG A 22 -4.00 -14.60 5.47
C ARG A 22 -3.14 -13.69 4.58
N THR A 23 -3.78 -12.72 3.95
CA THR A 23 -3.08 -11.79 3.07
C THR A 23 -3.87 -10.50 2.89
N ALA A 24 -3.31 -9.57 2.12
CA ALA A 24 -3.97 -8.29 1.88
C ALA A 24 -3.47 -7.66 0.57
N LEU A 25 -4.37 -7.03 -0.15
CA LEU A 25 -4.04 -6.40 -1.42
C LEU A 25 -4.36 -4.90 -1.39
N LEU A 26 -3.47 -4.10 -1.94
CA LEU A 26 -3.66 -2.65 -1.98
C LEU A 26 -3.63 -2.14 -3.41
N THR A 27 -4.65 -1.37 -3.77
CA THR A 27 -4.76 -0.80 -5.12
C THR A 27 -4.74 0.72 -5.08
N TRP A 28 -3.99 1.33 -6.00
CA TRP A 28 -3.89 2.78 -6.07
C TRP A 28 -4.03 3.26 -7.51
N THR A 29 -4.51 4.50 -7.66
CA THR A 29 -4.70 5.08 -8.98
C THR A 29 -3.39 5.61 -9.56
N GLU A 30 -3.07 5.22 -10.78
CA GLU A 30 -1.84 5.65 -11.43
C GLU A 30 -1.87 7.15 -11.71
N PRO A 31 -0.84 7.86 -11.24
CA PRO A 31 -0.73 9.31 -11.41
C PRO A 31 -0.44 9.69 -12.87
N PRO A 32 -0.54 11.00 -13.17
CA PRO A 32 -0.30 11.52 -14.51
C PRO A 32 1.16 11.44 -14.91
N VAL A 33 1.98 10.89 -14.02
CA VAL A 33 3.41 10.75 -14.27
C VAL A 33 3.89 9.33 -14.00
N ARG A 34 4.86 8.88 -14.79
CA ARG A 34 5.40 7.53 -14.62
C ARG A 34 6.67 7.56 -13.79
N PRO A 35 6.57 7.13 -12.52
CA PRO A 35 7.70 7.09 -11.59
C PRO A 35 8.72 6.02 -11.97
N ALA A 36 9.92 6.14 -11.41
CA ALA A 36 11.00 5.19 -11.69
C ALA A 36 10.80 3.90 -10.88
N GLY A 37 10.27 4.04 -9.67
CA GLY A 37 10.05 2.89 -8.82
C GLY A 37 9.06 3.17 -7.71
N TYR A 38 8.79 2.16 -6.90
CA TYR A 38 7.85 2.30 -5.78
C TYR A 38 8.41 1.68 -4.51
N LEU A 39 8.33 2.43 -3.41
CA LEU A 39 8.83 1.96 -2.12
C LEU A 39 7.68 1.76 -1.14
N LEU A 40 7.13 0.54 -1.12
CA LEU A 40 6.03 0.23 -0.22
C LEU A 40 6.55 -0.16 1.16
N SER A 41 6.37 0.73 2.13
CA SER A 41 6.82 0.47 3.50
C SER A 41 5.64 0.18 4.41
N PHE A 42 5.55 -1.06 4.88
CA PHE A 42 4.47 -1.46 5.77
C PHE A 42 5.02 -2.12 7.03
N HIS A 43 4.69 -1.55 8.19
CA HIS A 43 5.15 -2.07 9.47
C HIS A 43 3.97 -2.48 10.34
N THR A 44 4.20 -3.42 11.24
CA THR A 44 3.16 -3.90 12.15
C THR A 44 3.27 -3.24 13.52
N PRO A 45 2.11 -2.90 14.10
CA PRO A 45 2.06 -2.25 15.41
C PRO A 45 2.45 -3.20 16.54
N GLY A 46 2.81 -4.43 16.18
CA GLY A 46 3.21 -5.42 17.17
C GLY A 46 4.38 -6.26 16.71
N GLY A 47 5.18 -5.70 15.80
CA GLY A 47 6.33 -6.43 15.30
C GLY A 47 7.40 -5.52 14.74
N GLN A 48 8.14 -6.00 13.74
CA GLN A 48 9.19 -5.21 13.12
C GLN A 48 8.76 -4.70 11.74
N THR A 49 9.38 -3.62 11.30
CA THR A 49 9.06 -3.03 10.00
C THR A 49 9.52 -3.93 8.87
N GLN A 50 8.76 -3.94 7.78
CA GLN A 50 9.09 -4.76 6.62
C GLN A 50 9.01 -3.94 5.34
N GLU A 51 10.12 -3.91 4.60
CA GLU A 51 10.17 -3.16 3.35
C GLU A 51 10.06 -4.09 2.14
N ILE A 52 9.57 -3.56 1.03
CA ILE A 52 9.42 -4.35 -0.19
C ILE A 52 9.75 -3.52 -1.42
N LEU A 53 10.60 -4.08 -2.29
CA LEU A 53 10.99 -3.38 -3.51
C LEU A 53 10.01 -3.67 -4.64
N LEU A 54 9.34 -2.63 -5.13
CA LEU A 54 8.38 -2.77 -6.21
C LEU A 54 9.07 -2.71 -7.56
N PRO A 55 8.44 -3.32 -8.58
CA PRO A 55 8.98 -3.35 -9.94
C PRO A 55 8.94 -1.98 -10.61
N GLY A 56 8.00 -1.14 -10.18
CA GLY A 56 7.87 0.20 -10.74
C GLY A 56 7.10 0.20 -12.04
N GLY A 57 5.78 0.34 -11.94
CA GLY A 57 4.94 0.36 -13.13
C GLY A 57 3.70 -0.48 -12.97
N ILE A 58 3.12 -0.46 -11.78
CA ILE A 58 1.91 -1.23 -11.49
C ILE A 58 0.83 -0.35 -10.88
N THR A 59 -0.29 -0.96 -10.53
CA THR A 59 -1.41 -0.23 -9.93
C THR A 59 -1.88 -0.91 -8.65
N SER A 60 -1.31 -2.06 -8.35
CA SER A 60 -1.67 -2.81 -7.15
C SER A 60 -0.64 -3.89 -6.84
N HIS A 61 -0.26 -4.00 -5.58
CA HIS A 61 0.73 -4.99 -5.16
C HIS A 61 0.17 -5.86 -4.03
N GLN A 62 0.37 -7.17 -4.15
CA GLN A 62 -0.11 -8.12 -3.15
C GLN A 62 0.88 -8.24 -2.00
N LEU A 63 0.36 -8.52 -0.81
CA LEU A 63 1.20 -8.67 0.37
C LEU A 63 1.09 -10.08 0.94
N LEU A 64 2.25 -10.70 1.20
CA LEU A 64 2.28 -12.05 1.75
C LEU A 64 2.86 -12.05 3.17
N GLY A 65 2.22 -12.80 4.05
CA GLY A 65 2.69 -12.88 5.43
C GLY A 65 2.05 -11.83 6.31
N LEU A 66 0.79 -12.07 6.69
CA LEU A 66 0.06 -11.13 7.54
C LEU A 66 -0.53 -11.84 8.75
N PHE A 67 -0.91 -11.08 9.76
CA PHE A 67 -1.50 -11.64 10.98
C PHE A 67 -3.02 -11.46 10.97
N PRO A 68 -3.73 -12.42 11.58
CA PRO A 68 -5.19 -12.38 11.68
C PRO A 68 -5.69 -11.28 12.60
N SER A 69 -6.49 -10.38 12.06
CA SER A 69 -7.04 -9.27 12.83
C SER A 69 -5.92 -8.35 13.34
N THR A 70 -4.92 -8.13 12.50
CA THR A 70 -3.80 -7.28 12.86
C THR A 70 -3.72 -6.05 11.95
N SER A 71 -3.80 -4.87 12.56
CA SER A 71 -3.74 -3.62 11.82
C SER A 71 -2.36 -3.41 11.22
N TYR A 72 -2.34 -2.90 9.98
CA TYR A 72 -1.08 -2.66 9.29
C TYR A 72 -1.06 -1.26 8.66
N ASN A 73 0.09 -0.62 8.70
CA ASN A 73 0.23 0.72 8.14
C ASN A 73 1.12 0.69 6.89
N ALA A 74 0.48 0.74 5.72
CA ALA A 74 1.22 0.72 4.46
C ALA A 74 1.38 2.13 3.90
N ARG A 75 2.48 2.36 3.19
CA ARG A 75 2.76 3.66 2.60
C ARG A 75 3.28 3.51 1.18
N LEU A 76 2.73 4.32 0.27
CA LEU A 76 3.13 4.28 -1.13
C LEU A 76 3.98 5.50 -1.49
N GLN A 77 5.29 5.29 -1.58
CA GLN A 77 6.21 6.38 -1.91
C GLN A 77 6.99 6.05 -3.18
N ALA A 78 6.64 6.72 -4.27
CA ALA A 78 7.31 6.51 -5.55
C ALA A 78 8.54 7.40 -5.68
N MET A 79 9.52 6.93 -6.44
CA MET A 79 10.75 7.70 -6.65
C MET A 79 10.70 8.48 -7.96
N TRP A 80 10.82 9.80 -7.86
CA TRP A 80 10.79 10.66 -9.04
C TRP A 80 12.09 11.43 -9.18
N GLY A 81 12.38 11.86 -10.41
CA GLY A 81 13.60 12.61 -10.67
C GLY A 81 13.92 13.59 -9.54
N GLN A 82 15.03 13.34 -8.85
CA GLN A 82 15.44 14.19 -7.75
C GLN A 82 14.23 14.74 -7.00
N SER A 83 13.34 13.84 -6.60
CA SER A 83 12.14 14.23 -5.87
C SER A 83 11.46 13.01 -5.25
N LEU A 84 10.76 13.23 -4.15
CA LEU A 84 10.07 12.15 -3.45
C LEU A 84 8.65 12.58 -3.07
N LEU A 85 7.77 12.65 -4.06
CA LEU A 85 6.39 13.04 -3.81
C LEU A 85 5.87 12.47 -2.50
N PRO A 86 4.92 13.16 -1.88
CA PRO A 86 4.31 12.72 -0.62
C PRO A 86 3.45 11.48 -0.77
N PRO A 87 3.86 10.39 -0.09
CA PRO A 87 3.14 9.12 -0.15
C PRO A 87 1.79 9.18 0.57
N VAL A 88 1.01 8.10 0.47
CA VAL A 88 -0.30 8.04 1.11
C VAL A 88 -0.36 6.91 2.12
N SER A 89 -0.60 7.25 3.38
CA SER A 89 -0.69 6.26 4.44
C SER A 89 -2.13 5.90 4.74
N THR A 90 -2.41 4.61 4.86
CA THR A 90 -3.75 4.13 5.15
C THR A 90 -3.73 2.93 6.09
N SER A 91 -4.65 2.92 7.05
CA SER A 91 -4.72 1.83 8.02
C SER A 91 -5.78 0.82 7.62
N PHE A 92 -5.40 -0.46 7.57
CA PHE A 92 -6.32 -1.53 7.19
C PHE A 92 -6.21 -2.70 8.16
N THR A 93 -7.36 -3.24 8.55
CA THR A 93 -7.40 -4.36 9.47
C THR A 93 -7.75 -5.66 8.75
N THR A 94 -7.05 -6.73 9.10
CA THR A 94 -7.28 -8.03 8.48
C THR A 94 -8.43 -8.76 9.15
N GLY A 95 -8.99 -9.75 8.46
CA GLY A 95 -10.10 -10.51 9.01
C GLY A 95 -9.67 -11.46 10.11
N GLY A 96 -10.40 -12.56 10.27
CA GLY A 96 -10.08 -13.53 11.28
C GLY A 96 -10.19 -14.96 10.78
N LEU A 97 -9.16 -15.75 11.04
CA LEU A 97 -9.15 -17.15 10.62
C LEU A 97 -10.38 -17.89 11.13
N ARG A 98 -10.96 -18.73 10.27
CA ARG A 98 -12.14 -19.51 10.63
C ARG A 98 -12.31 -20.70 9.71
N ILE A 99 -12.69 -21.84 10.29
CA ILE A 99 -12.89 -23.06 9.51
C ILE A 99 -14.18 -23.00 8.72
N SER A 100 -14.08 -22.55 7.47
CA SER A 100 -15.25 -22.43 6.60
C SER A 100 -16.08 -23.71 6.64
N GLY A 101 -17.40 -23.55 6.75
CA GLY A 101 -18.28 -24.69 6.80
C GLY A 101 -18.61 -25.24 5.43
N PRO A 102 -19.00 -26.52 5.37
CA PRO A 102 -19.35 -27.18 4.11
C PRO A 102 -20.65 -26.66 3.52
N SER A 103 -20.52 -25.76 2.54
CA SER A 103 -21.68 -25.18 1.88
C SER A 103 -21.38 -24.84 0.43
N SER A 104 -22.27 -25.24 -0.47
CA SER A 104 -22.09 -24.98 -1.89
C SER A 104 -22.94 -23.79 -2.34
N GLY A 105 -22.33 -22.92 -3.14
CA GLY A 105 -23.04 -21.74 -3.62
C GLY A 105 -22.48 -20.45 -3.07
N GLY A 1 15.86 26.09 -16.02
CA GLY A 1 15.84 26.47 -17.42
C GLY A 1 14.47 26.94 -17.88
N SER A 2 14.02 26.41 -19.01
CA SER A 2 12.72 26.77 -19.57
C SER A 2 11.59 26.35 -18.61
N SER A 3 11.54 25.06 -18.31
CA SER A 3 10.51 24.53 -17.42
C SER A 3 11.03 24.42 -16.00
N GLY A 4 10.10 24.25 -15.05
CA GLY A 4 10.49 24.14 -13.65
C GLY A 4 9.63 23.13 -12.90
N SER A 5 8.47 23.57 -12.45
CA SER A 5 7.56 22.71 -11.70
C SER A 5 6.42 22.22 -12.59
N SER A 6 6.61 21.06 -13.21
CA SER A 6 5.61 20.48 -14.10
C SER A 6 4.38 20.06 -13.31
N GLY A 7 3.32 19.67 -14.02
CA GLY A 7 2.10 19.25 -13.38
C GLY A 7 2.18 17.82 -12.85
N LEU A 8 3.29 17.50 -12.21
CA LEU A 8 3.48 16.16 -11.66
C LEU A 8 2.52 15.89 -10.50
N GLU A 9 1.74 14.83 -10.62
CA GLU A 9 0.78 14.47 -9.58
C GLU A 9 1.20 13.17 -8.90
N ALA A 10 0.70 12.97 -7.68
CA ALA A 10 1.01 11.78 -6.91
C ALA A 10 -0.12 10.76 -6.98
N PRO A 11 0.15 9.54 -6.50
CA PRO A 11 -0.84 8.45 -6.50
C PRO A 11 -1.96 8.70 -5.50
N ARG A 12 -3.20 8.43 -5.93
CA ARG A 12 -4.36 8.63 -5.07
C ARG A 12 -5.26 7.40 -5.09
N ASP A 13 -6.35 7.45 -4.34
CA ASP A 13 -7.29 6.34 -4.27
C ASP A 13 -6.63 5.09 -3.71
N LEU A 14 -5.87 5.27 -2.63
CA LEU A 14 -5.17 4.15 -1.99
C LEU A 14 -6.06 3.50 -0.94
N GLU A 15 -6.73 2.43 -1.32
CA GLU A 15 -7.61 1.70 -0.41
C GLU A 15 -7.24 0.23 -0.34
N ALA A 16 -7.53 -0.40 0.79
CA ALA A 16 -7.22 -1.82 0.98
C ALA A 16 -8.32 -2.70 0.42
N LYS A 17 -7.95 -3.63 -0.45
CA LYS A 17 -8.91 -4.54 -1.06
C LYS A 17 -8.52 -6.00 -0.81
N GLU A 18 -9.47 -6.90 -0.95
CA GLU A 18 -9.23 -8.32 -0.75
C GLU A 18 -8.46 -8.56 0.55
N VAL A 19 -8.90 -7.88 1.61
CA VAL A 19 -8.26 -8.01 2.91
C VAL A 19 -8.56 -9.37 3.53
N THR A 20 -7.51 -10.06 3.98
CA THR A 20 -7.66 -11.37 4.60
C THR A 20 -6.67 -11.55 5.75
N PRO A 21 -6.98 -12.51 6.64
CA PRO A 21 -6.12 -12.81 7.80
C PRO A 21 -4.81 -13.47 7.40
N ARG A 22 -4.66 -13.71 6.10
CA ARG A 22 -3.44 -14.34 5.59
C ARG A 22 -2.69 -13.39 4.66
N THR A 23 -3.42 -12.67 3.83
CA THR A 23 -2.83 -11.72 2.89
C THR A 23 -3.64 -10.44 2.81
N ALA A 24 -3.21 -9.53 1.95
CA ALA A 24 -3.90 -8.25 1.78
C ALA A 24 -3.45 -7.55 0.50
N LEU A 25 -4.42 -7.23 -0.36
CA LEU A 25 -4.12 -6.56 -1.62
C LEU A 25 -4.42 -5.06 -1.52
N LEU A 26 -3.44 -4.24 -1.89
CA LEU A 26 -3.60 -2.80 -1.84
C LEU A 26 -3.54 -2.20 -3.25
N THR A 27 -4.62 -1.54 -3.65
CA THR A 27 -4.68 -0.92 -4.96
C THR A 27 -4.60 0.60 -4.87
N TRP A 28 -3.98 1.22 -5.87
CA TRP A 28 -3.83 2.68 -5.89
C TRP A 28 -3.84 3.20 -7.32
N THR A 29 -4.05 4.50 -7.47
CA THR A 29 -4.08 5.12 -8.78
C THR A 29 -2.73 5.74 -9.13
N GLU A 30 -2.27 5.53 -10.36
CA GLU A 30 -0.99 6.05 -10.80
C GLU A 30 -1.18 7.42 -11.48
N PRO A 31 -0.24 8.33 -11.23
CA PRO A 31 -0.28 9.68 -11.80
C PRO A 31 -0.02 9.69 -13.30
N PRO A 32 -0.24 10.85 -13.94
CA PRO A 32 -0.03 11.00 -15.38
C PRO A 32 1.45 10.96 -15.76
N VAL A 33 2.31 11.02 -14.75
CA VAL A 33 3.75 10.99 -14.98
C VAL A 33 4.39 9.77 -14.32
N ARG A 34 4.35 8.64 -15.01
CA ARG A 34 4.92 7.40 -14.49
C ARG A 34 6.24 7.67 -13.77
N PRO A 35 6.26 7.39 -12.46
CA PRO A 35 7.45 7.60 -11.63
C PRO A 35 8.57 6.61 -11.97
N ALA A 36 9.71 6.77 -11.29
CA ALA A 36 10.85 5.89 -11.52
C ALA A 36 10.65 4.54 -10.84
N GLY A 37 10.15 4.59 -9.61
CA GLY A 37 9.91 3.36 -8.86
C GLY A 37 8.92 3.53 -7.74
N TYR A 38 8.77 2.51 -6.90
CA TYR A 38 7.83 2.56 -5.79
C TYR A 38 8.43 1.91 -4.55
N LEU A 39 8.09 2.45 -3.38
CA LEU A 39 8.58 1.92 -2.12
C LEU A 39 7.44 1.60 -1.17
N LEU A 40 7.17 0.31 -1.00
CA LEU A 40 6.09 -0.13 -0.11
C LEU A 40 6.64 -0.62 1.23
N SER A 41 6.34 0.12 2.29
CA SER A 41 6.81 -0.23 3.62
C SER A 41 5.64 -0.38 4.59
N PHE A 42 5.33 -1.62 4.95
CA PHE A 42 4.24 -1.90 5.87
C PHE A 42 4.76 -2.34 7.24
N HIS A 43 4.42 -1.59 8.28
CA HIS A 43 4.87 -1.91 9.63
C HIS A 43 3.69 -2.41 10.48
N THR A 44 4.01 -3.11 11.56
CA THR A 44 2.99 -3.64 12.45
C THR A 44 3.06 -2.97 13.82
N PRO A 45 1.91 -2.92 14.51
CA PRO A 45 1.81 -2.31 15.84
C PRO A 45 2.52 -3.14 16.91
N GLY A 46 2.91 -4.35 16.54
CA GLY A 46 3.60 -5.21 17.49
C GLY A 46 4.76 -5.96 16.84
N GLY A 47 5.36 -5.35 15.83
CA GLY A 47 6.49 -5.98 15.15
C GLY A 47 7.30 -4.99 14.34
N GLN A 48 8.51 -5.39 13.98
CA GLN A 48 9.39 -4.53 13.20
C GLN A 48 8.75 -4.15 11.87
N THR A 49 9.36 -3.19 11.17
CA THR A 49 8.84 -2.73 9.89
C THR A 49 9.55 -3.43 8.73
N GLN A 50 8.80 -3.77 7.70
CA GLN A 50 9.35 -4.44 6.53
C GLN A 50 9.17 -3.60 5.28
N GLU A 51 10.19 -3.57 4.43
CA GLU A 51 10.13 -2.80 3.19
C GLU A 51 10.20 -3.72 1.97
N ILE A 52 9.56 -3.29 0.88
CA ILE A 52 9.55 -4.07 -0.35
C ILE A 52 9.83 -3.19 -1.56
N LEU A 53 10.19 -3.82 -2.68
CA LEU A 53 10.48 -3.10 -3.90
C LEU A 53 9.35 -3.26 -4.92
N LEU A 54 8.56 -2.20 -5.09
CA LEU A 54 7.45 -2.23 -6.03
C LEU A 54 7.88 -1.71 -7.40
N PRO A 55 7.67 -2.55 -8.43
CA PRO A 55 8.03 -2.21 -9.81
C PRO A 55 7.14 -1.12 -10.38
N GLY A 56 7.74 0.02 -10.75
CA GLY A 56 6.98 1.11 -11.31
C GLY A 56 6.16 0.70 -12.51
N GLY A 57 4.85 0.90 -12.42
CA GLY A 57 3.97 0.54 -13.51
C GLY A 57 2.80 -0.31 -13.06
N ILE A 58 2.68 -0.50 -11.75
CA ILE A 58 1.59 -1.30 -11.19
C ILE A 58 0.65 -0.43 -10.37
N THR A 59 -0.56 -0.94 -10.15
CA THR A 59 -1.56 -0.21 -9.38
C THR A 59 -2.12 -1.08 -8.25
N SER A 60 -1.49 -2.22 -8.02
CA SER A 60 -1.92 -3.13 -6.97
C SER A 60 -0.82 -4.13 -6.62
N HIS A 61 -0.71 -4.46 -5.34
CA HIS A 61 0.31 -5.40 -4.87
C HIS A 61 -0.26 -6.34 -3.83
N GLN A 62 0.13 -7.62 -3.90
CA GLN A 62 -0.35 -8.62 -2.95
C GLN A 62 0.65 -8.81 -1.81
N LEU A 63 0.26 -8.40 -0.61
CA LEU A 63 1.12 -8.53 0.56
C LEU A 63 0.94 -9.88 1.22
N LEU A 64 2.04 -10.48 1.66
CA LEU A 64 2.00 -11.79 2.31
C LEU A 64 2.40 -11.67 3.79
N GLY A 65 2.37 -12.80 4.48
CA GLY A 65 2.73 -12.80 5.90
C GLY A 65 1.99 -11.74 6.68
N LEU A 66 0.74 -12.01 7.01
CA LEU A 66 -0.09 -11.07 7.77
C LEU A 66 -0.72 -11.76 8.98
N PHE A 67 -0.89 -10.99 10.05
CA PHE A 67 -1.49 -11.52 11.27
C PHE A 67 -3.01 -11.32 11.27
N PRO A 68 -3.72 -12.20 11.99
CA PRO A 68 -5.18 -12.15 12.08
C PRO A 68 -5.67 -10.96 12.90
N SER A 69 -6.67 -10.26 12.37
CA SER A 69 -7.22 -9.09 13.06
C SER A 69 -6.11 -8.13 13.47
N THR A 70 -5.05 -8.08 12.67
CA THR A 70 -3.92 -7.20 12.96
C THR A 70 -3.92 -5.99 12.04
N SER A 71 -3.95 -4.79 12.64
CA SER A 71 -3.95 -3.56 11.86
C SER A 71 -2.57 -3.29 11.27
N TYR A 72 -2.54 -2.99 9.97
CA TYR A 72 -1.29 -2.71 9.28
C TYR A 72 -1.34 -1.34 8.60
N ASN A 73 -0.18 -0.68 8.53
CA ASN A 73 -0.10 0.63 7.91
C ASN A 73 0.92 0.62 6.77
N ALA A 74 0.41 0.71 5.54
CA ALA A 74 1.27 0.71 4.36
C ALA A 74 1.59 2.13 3.92
N ARG A 75 2.66 2.27 3.15
CA ARG A 75 3.10 3.58 2.67
C ARG A 75 3.74 3.47 1.30
N LEU A 76 3.11 4.06 0.29
CA LEU A 76 3.62 4.02 -1.07
C LEU A 76 4.26 5.35 -1.45
N GLN A 77 5.52 5.30 -1.86
CA GLN A 77 6.25 6.50 -2.25
C GLN A 77 6.98 6.29 -3.56
N ALA A 78 6.60 7.05 -4.58
CA ALA A 78 7.22 6.95 -5.90
C ALA A 78 8.51 7.76 -5.96
N MET A 79 9.59 7.11 -6.37
CA MET A 79 10.90 7.76 -6.47
C MET A 79 10.96 8.66 -7.70
N TRP A 80 10.83 9.97 -7.47
CA TRP A 80 10.88 10.94 -8.55
C TRP A 80 12.24 11.62 -8.62
N GLY A 81 13.00 11.31 -9.66
CA GLY A 81 14.31 11.91 -9.82
C GLY A 81 14.37 13.33 -9.31
N GLN A 82 13.34 14.11 -9.62
CA GLN A 82 13.27 15.50 -9.20
C GLN A 82 13.21 15.61 -7.67
N SER A 83 12.18 15.00 -7.08
CA SER A 83 12.02 15.04 -5.63
C SER A 83 11.33 13.76 -5.15
N LEU A 84 11.04 13.71 -3.85
CA LEU A 84 10.38 12.55 -3.26
C LEU A 84 8.97 12.91 -2.79
N LEU A 85 8.05 13.05 -3.74
CA LEU A 85 6.66 13.38 -3.42
C LEU A 85 6.20 12.64 -2.17
N PRO A 86 5.24 13.24 -1.45
CA PRO A 86 4.69 12.65 -0.23
C PRO A 86 3.84 11.42 -0.51
N PRO A 87 4.22 10.29 0.10
CA PRO A 87 3.52 9.02 -0.07
C PRO A 87 2.14 9.03 0.61
N VAL A 88 1.35 8.00 0.33
CA VAL A 88 0.02 7.89 0.91
C VAL A 88 -0.06 6.71 1.88
N SER A 89 -0.28 7.01 3.16
CA SER A 89 -0.37 5.98 4.18
C SER A 89 -1.83 5.67 4.51
N THR A 90 -2.16 4.38 4.54
CA THR A 90 -3.52 3.95 4.84
C THR A 90 -3.53 2.81 5.85
N SER A 91 -4.61 2.70 6.61
CA SER A 91 -4.75 1.66 7.62
C SER A 91 -5.82 0.66 7.22
N PHE A 92 -5.52 -0.62 7.38
CA PHE A 92 -6.47 -1.68 7.05
C PHE A 92 -6.36 -2.85 8.02
N THR A 93 -7.50 -3.36 8.46
CA THR A 93 -7.53 -4.48 9.40
C THR A 93 -7.78 -5.79 8.67
N THR A 94 -7.01 -6.82 9.03
CA THR A 94 -7.16 -8.13 8.40
C THR A 94 -8.25 -8.95 9.09
N GLY A 95 -8.85 -9.87 8.35
CA GLY A 95 -9.90 -10.70 8.90
C GLY A 95 -9.40 -11.62 9.99
N GLY A 96 -9.91 -12.84 10.02
CA GLY A 96 -9.50 -13.80 11.04
C GLY A 96 -9.39 -15.21 10.49
N LEU A 97 -8.43 -15.97 11.01
CA LEU A 97 -8.22 -17.34 10.57
C LEU A 97 -9.40 -18.22 10.96
N ARG A 98 -10.01 -18.86 9.96
CA ARG A 98 -11.16 -19.73 10.19
C ARG A 98 -12.37 -18.93 10.64
N ILE A 99 -12.56 -17.75 10.04
CA ILE A 99 -13.68 -16.89 10.39
C ILE A 99 -14.63 -16.74 9.20
N SER A 100 -15.84 -17.27 9.35
CA SER A 100 -16.85 -17.19 8.31
C SER A 100 -17.24 -15.74 8.02
N GLY A 101 -17.47 -14.98 9.09
CA GLY A 101 -17.85 -13.59 8.95
C GLY A 101 -19.34 -13.42 8.69
N PRO A 102 -19.78 -12.15 8.62
CA PRO A 102 -21.18 -11.82 8.38
C PRO A 102 -21.63 -12.16 6.97
N SER A 103 -22.82 -12.74 6.85
CA SER A 103 -23.37 -13.11 5.54
C SER A 103 -24.24 -12.01 4.98
N SER A 104 -24.73 -12.21 3.76
CA SER A 104 -25.58 -11.22 3.11
C SER A 104 -27.06 -11.51 3.38
N GLY A 105 -27.91 -10.54 3.06
CA GLY A 105 -29.33 -10.70 3.28
C GLY A 105 -30.09 -9.39 3.15
N GLY A 1 -3.03 29.77 -7.64
CA GLY A 1 -1.61 29.71 -7.96
C GLY A 1 -1.18 28.34 -8.43
N SER A 2 -0.09 28.30 -9.18
CA SER A 2 0.44 27.04 -9.70
C SER A 2 1.08 26.21 -8.59
N SER A 3 0.35 25.20 -8.12
CA SER A 3 0.85 24.34 -7.05
C SER A 3 2.01 23.48 -7.55
N GLY A 4 3.23 23.93 -7.27
CA GLY A 4 4.40 23.18 -7.69
C GLY A 4 5.18 23.91 -8.78
N SER A 5 6.49 23.68 -8.80
CA SER A 5 7.36 24.32 -9.79
C SER A 5 7.43 23.49 -11.06
N SER A 6 7.82 22.22 -10.92
CA SER A 6 7.93 21.33 -12.07
C SER A 6 6.56 20.86 -12.53
N GLY A 7 5.87 20.12 -11.67
CA GLY A 7 4.54 19.63 -12.02
C GLY A 7 4.40 18.14 -11.77
N LEU A 8 4.58 17.73 -10.52
CA LEU A 8 4.47 16.32 -10.15
C LEU A 8 3.23 16.07 -9.31
N GLU A 9 2.77 14.82 -9.28
CA GLU A 9 1.58 14.45 -8.51
C GLU A 9 1.76 13.08 -7.88
N ALA A 10 1.19 12.90 -6.69
CA ALA A 10 1.27 11.63 -5.98
C ALA A 10 0.04 10.77 -6.24
N PRO A 11 0.11 9.50 -5.83
CA PRO A 11 -0.98 8.54 -6.01
C PRO A 11 -2.17 8.87 -5.11
N ARG A 12 -3.38 8.58 -5.62
CA ARG A 12 -4.60 8.84 -4.85
C ARG A 12 -5.52 7.62 -4.88
N ASP A 13 -6.63 7.72 -4.16
CA ASP A 13 -7.60 6.62 -4.10
C ASP A 13 -6.93 5.35 -3.60
N LEU A 14 -6.03 5.49 -2.63
CA LEU A 14 -5.32 4.36 -2.07
C LEU A 14 -6.16 3.66 -1.00
N GLU A 15 -6.69 2.48 -1.35
CA GLU A 15 -7.52 1.72 -0.42
C GLU A 15 -7.13 0.23 -0.45
N ALA A 16 -7.47 -0.47 0.63
CA ALA A 16 -7.16 -1.89 0.74
C ALA A 16 -8.29 -2.74 0.17
N LYS A 17 -7.92 -3.81 -0.53
CA LYS A 17 -8.91 -4.71 -1.13
C LYS A 17 -8.52 -6.17 -0.89
N GLU A 18 -9.49 -7.06 -1.10
CA GLU A 18 -9.26 -8.49 -0.90
C GLU A 18 -8.54 -8.74 0.43
N VAL A 19 -8.84 -7.93 1.42
CA VAL A 19 -8.22 -8.06 2.74
C VAL A 19 -8.54 -9.43 3.35
N THR A 20 -7.51 -10.07 3.90
CA THR A 20 -7.67 -11.38 4.51
C THR A 20 -6.72 -11.55 5.69
N PRO A 21 -7.06 -12.49 6.60
CA PRO A 21 -6.23 -12.77 7.78
C PRO A 21 -4.92 -13.46 7.42
N ARG A 22 -4.68 -13.65 6.13
CA ARG A 22 -3.47 -14.29 5.66
C ARG A 22 -2.69 -13.36 4.74
N THR A 23 -3.41 -12.56 3.96
CA THR A 23 -2.79 -11.63 3.02
C THR A 23 -3.66 -10.40 2.81
N ALA A 24 -3.12 -9.42 2.10
CA ALA A 24 -3.85 -8.18 1.83
C ALA A 24 -3.34 -7.52 0.55
N LEU A 25 -4.26 -7.20 -0.35
CA LEU A 25 -3.90 -6.56 -1.61
C LEU A 25 -4.24 -5.07 -1.58
N LEU A 26 -3.28 -4.25 -1.98
CA LEU A 26 -3.47 -2.80 -2.00
C LEU A 26 -3.37 -2.26 -3.43
N THR A 27 -4.37 -1.49 -3.84
CA THR A 27 -4.39 -0.91 -5.17
C THR A 27 -4.50 0.62 -5.11
N TRP A 28 -3.69 1.30 -5.92
CA TRP A 28 -3.70 2.75 -5.95
C TRP A 28 -3.89 3.26 -7.38
N THR A 29 -4.10 4.56 -7.51
CA THR A 29 -4.30 5.18 -8.82
C THR A 29 -2.98 5.68 -9.40
N GLU A 30 -2.71 5.33 -10.64
CA GLU A 30 -1.48 5.75 -11.31
C GLU A 30 -1.50 7.25 -11.57
N PRO A 31 -0.45 7.95 -11.09
CA PRO A 31 -0.31 9.40 -11.26
C PRO A 31 -0.04 9.79 -12.71
N PRO A 32 -0.16 11.09 -13.00
CA PRO A 32 0.08 11.63 -14.35
C PRO A 32 1.54 11.56 -14.75
N VAL A 33 2.43 11.50 -13.75
CA VAL A 33 3.86 11.43 -14.00
C VAL A 33 4.43 10.07 -13.60
N ARG A 34 4.51 9.17 -14.58
CA ARG A 34 5.04 7.83 -14.33
C ARG A 34 6.37 7.89 -13.60
N PRO A 35 6.34 7.55 -12.30
CA PRO A 35 7.55 7.56 -11.46
C PRO A 35 8.54 6.46 -11.83
N ALA A 36 9.77 6.58 -11.35
CA ALA A 36 10.80 5.59 -11.64
C ALA A 36 10.48 4.26 -10.96
N GLY A 37 10.20 4.30 -9.67
CA GLY A 37 9.89 3.09 -8.93
C GLY A 37 8.97 3.35 -7.76
N TYR A 38 8.54 2.28 -7.10
CA TYR A 38 7.63 2.39 -5.96
C TYR A 38 8.24 1.73 -4.73
N LEU A 39 7.93 2.27 -3.55
CA LEU A 39 8.44 1.74 -2.30
C LEU A 39 7.30 1.52 -1.30
N LEU A 40 6.89 0.26 -1.17
CA LEU A 40 5.81 -0.09 -0.25
C LEU A 40 6.37 -0.60 1.07
N SER A 41 6.13 0.16 2.14
CA SER A 41 6.62 -0.20 3.47
C SER A 41 5.45 -0.47 4.41
N PHE A 42 5.25 -1.74 4.75
CA PHE A 42 4.17 -2.13 5.65
C PHE A 42 4.71 -2.53 7.02
N HIS A 43 4.26 -1.85 8.06
CA HIS A 43 4.70 -2.13 9.42
C HIS A 43 3.52 -2.17 10.38
N THR A 44 3.67 -2.92 11.47
CA THR A 44 2.61 -3.03 12.47
C THR A 44 2.68 -1.89 13.48
N PRO A 45 1.52 -1.55 14.06
CA PRO A 45 1.43 -0.47 15.05
C PRO A 45 2.10 -0.84 16.37
N GLY A 46 2.72 -2.01 16.41
CA GLY A 46 3.40 -2.46 17.62
C GLY A 46 4.50 -3.45 17.32
N GLY A 47 5.17 -3.28 16.19
CA GLY A 47 6.25 -4.19 15.82
C GLY A 47 7.27 -3.52 14.92
N GLN A 48 8.12 -4.34 14.29
CA GLN A 48 9.15 -3.83 13.40
C GLN A 48 8.55 -3.40 12.07
N THR A 49 9.39 -2.88 11.18
CA THR A 49 8.95 -2.44 9.87
C THR A 49 9.71 -3.16 8.76
N GLN A 50 9.06 -3.29 7.60
CA GLN A 50 9.67 -3.96 6.46
C GLN A 50 9.50 -3.15 5.19
N GLU A 51 10.41 -3.31 4.25
CA GLU A 51 10.36 -2.59 2.98
C GLU A 51 10.34 -3.56 1.80
N ILE A 52 9.54 -3.25 0.79
CA ILE A 52 9.44 -4.08 -0.39
C ILE A 52 9.57 -3.26 -1.66
N LEU A 53 10.67 -3.47 -2.39
CA LEU A 53 10.91 -2.75 -3.63
C LEU A 53 9.96 -3.21 -4.74
N LEU A 54 8.96 -2.38 -5.05
CA LEU A 54 7.98 -2.71 -6.07
C LEU A 54 8.44 -2.19 -7.43
N PRO A 55 8.14 -2.97 -8.48
CA PRO A 55 8.51 -2.61 -9.86
C PRO A 55 7.71 -1.42 -10.38
N GLY A 56 8.37 -0.29 -10.55
CA GLY A 56 7.71 0.90 -11.04
C GLY A 56 6.88 0.64 -12.29
N GLY A 57 5.56 0.64 -12.12
CA GLY A 57 4.68 0.40 -13.25
C GLY A 57 3.51 -0.51 -12.88
N ILE A 58 3.03 -0.38 -11.65
CA ILE A 58 1.92 -1.20 -11.17
C ILE A 58 0.92 -0.35 -10.39
N THR A 59 -0.30 -0.85 -10.26
CA THR A 59 -1.35 -0.15 -9.53
C THR A 59 -1.99 -1.06 -8.48
N SER A 60 -1.34 -2.18 -8.20
CA SER A 60 -1.85 -3.13 -7.23
C SER A 60 -0.80 -4.17 -6.86
N HIS A 61 -0.67 -4.45 -5.57
CA HIS A 61 0.31 -5.42 -5.08
C HIS A 61 -0.28 -6.27 -3.98
N GLN A 62 0.17 -7.53 -3.89
CA GLN A 62 -0.31 -8.45 -2.86
C GLN A 62 0.69 -8.56 -1.72
N LEU A 63 0.18 -8.48 -0.49
CA LEU A 63 1.03 -8.57 0.70
C LEU A 63 0.82 -9.90 1.40
N LEU A 64 1.90 -10.68 1.52
CA LEU A 64 1.84 -11.98 2.18
C LEU A 64 2.51 -11.92 3.55
N GLY A 65 2.07 -12.80 4.45
CA GLY A 65 2.63 -12.83 5.79
C GLY A 65 2.03 -11.79 6.70
N LEU A 66 0.78 -12.00 7.10
CA LEU A 66 0.08 -11.06 7.97
C LEU A 66 -0.47 -11.78 9.20
N PHE A 67 -1.18 -11.04 10.05
CA PHE A 67 -1.76 -11.60 11.25
C PHE A 67 -3.28 -11.41 11.27
N PRO A 68 -3.98 -12.32 11.95
CA PRO A 68 -5.45 -12.27 12.05
C PRO A 68 -5.92 -11.11 12.92
N SER A 69 -6.86 -10.33 12.39
CA SER A 69 -7.40 -9.18 13.11
C SER A 69 -6.28 -8.25 13.57
N THR A 70 -5.24 -8.15 12.77
CA THR A 70 -4.09 -7.30 13.09
C THR A 70 -4.03 -6.08 12.17
N SER A 71 -4.12 -4.90 12.75
CA SER A 71 -4.07 -3.66 11.99
C SER A 71 -2.68 -3.43 11.41
N TYR A 72 -2.64 -2.98 10.16
CA TYR A 72 -1.36 -2.71 9.49
C TYR A 72 -1.37 -1.34 8.83
N ASN A 73 -0.18 -0.80 8.60
CA ASN A 73 -0.05 0.51 7.97
C ASN A 73 0.86 0.44 6.76
N ALA A 74 0.27 0.53 5.57
CA ALA A 74 1.02 0.49 4.32
C ALA A 74 1.27 1.88 3.78
N ARG A 75 2.51 2.12 3.32
CA ARG A 75 2.88 3.42 2.78
C ARG A 75 3.41 3.28 1.36
N LEU A 76 2.92 4.12 0.46
CA LEU A 76 3.35 4.09 -0.94
C LEU A 76 4.14 5.35 -1.30
N GLN A 77 5.39 5.17 -1.66
CA GLN A 77 6.26 6.29 -2.02
C GLN A 77 7.01 5.99 -3.31
N ALA A 78 6.77 6.81 -4.34
CA ALA A 78 7.43 6.63 -5.62
C ALA A 78 8.70 7.48 -5.71
N MET A 79 9.71 6.95 -6.40
CA MET A 79 10.97 7.66 -6.55
C MET A 79 10.93 8.58 -7.77
N TRP A 80 11.19 9.86 -7.55
CA TRP A 80 11.18 10.84 -8.63
C TRP A 80 12.53 11.52 -8.75
N GLY A 81 12.81 12.08 -9.93
CA GLY A 81 14.08 12.76 -10.15
C GLY A 81 14.48 13.63 -8.97
N GLN A 82 15.61 13.28 -8.35
CA GLN A 82 16.11 14.04 -7.20
C GLN A 82 14.95 14.56 -6.36
N SER A 83 13.96 13.72 -6.12
CA SER A 83 12.80 14.11 -5.33
C SER A 83 12.06 12.87 -4.81
N LEU A 84 11.39 13.04 -3.67
CA LEU A 84 10.65 11.94 -3.06
C LEU A 84 9.24 12.39 -2.66
N LEU A 85 8.38 12.58 -3.66
CA LEU A 85 7.01 12.99 -3.42
C LEU A 85 6.47 12.38 -2.13
N PRO A 86 5.49 13.07 -1.51
CA PRO A 86 4.87 12.61 -0.27
C PRO A 86 4.01 11.37 -0.48
N PRO A 87 4.38 10.26 0.17
CA PRO A 87 3.65 8.99 0.07
C PRO A 87 2.30 9.06 0.76
N VAL A 88 1.46 8.04 0.52
CA VAL A 88 0.14 7.97 1.13
C VAL A 88 0.04 6.80 2.11
N SER A 89 -0.20 7.12 3.38
CA SER A 89 -0.32 6.10 4.41
C SER A 89 -1.79 5.80 4.70
N THR A 90 -2.12 4.50 4.72
CA THR A 90 -3.49 4.07 4.98
C THR A 90 -3.51 2.90 5.96
N SER A 91 -4.57 2.83 6.77
CA SER A 91 -4.72 1.76 7.75
C SER A 91 -5.79 0.78 7.32
N PHE A 92 -5.54 -0.51 7.57
CA PHE A 92 -6.48 -1.56 7.21
C PHE A 92 -6.37 -2.75 8.17
N THR A 93 -7.51 -3.29 8.55
CA THR A 93 -7.55 -4.43 9.46
C THR A 93 -7.89 -5.73 8.72
N THR A 94 -7.16 -6.78 9.05
CA THR A 94 -7.38 -8.08 8.41
C THR A 94 -8.50 -8.85 9.11
N GLY A 95 -9.18 -9.70 8.35
CA GLY A 95 -10.26 -10.50 8.91
C GLY A 95 -9.78 -11.49 9.96
N GLY A 96 -10.52 -12.58 10.10
CA GLY A 96 -10.15 -13.60 11.07
C GLY A 96 -10.04 -14.98 10.44
N LEU A 97 -9.17 -15.81 11.00
CA LEU A 97 -8.96 -17.16 10.49
C LEU A 97 -10.25 -17.98 10.61
N ARG A 98 -10.95 -18.12 9.50
CA ARG A 98 -12.20 -18.88 9.47
C ARG A 98 -11.93 -20.36 9.19
N ILE A 99 -12.75 -21.22 9.78
CA ILE A 99 -12.60 -22.66 9.59
C ILE A 99 -13.74 -23.23 8.75
N SER A 100 -13.48 -24.34 8.07
CA SER A 100 -14.48 -24.98 7.23
C SER A 100 -15.30 -23.94 6.48
N GLY A 101 -14.67 -22.82 6.16
CA GLY A 101 -15.36 -21.76 5.44
C GLY A 101 -16.43 -21.09 6.29
N PRO A 102 -16.77 -19.84 5.94
CA PRO A 102 -17.78 -19.07 6.65
C PRO A 102 -19.19 -19.61 6.45
N SER A 103 -19.54 -19.86 5.18
CA SER A 103 -20.86 -20.38 4.85
C SER A 103 -20.85 -21.04 3.48
N SER A 104 -21.06 -22.35 3.45
CA SER A 104 -21.07 -23.11 2.20
C SER A 104 -22.19 -22.61 1.28
N GLY A 105 -21.83 -21.77 0.32
CA GLY A 105 -22.81 -21.24 -0.62
C GLY A 105 -22.59 -21.74 -2.03
N GLY A 1 -0.16 28.45 -0.45
CA GLY A 1 -0.70 27.26 -1.08
C GLY A 1 0.14 26.78 -2.24
N SER A 2 -0.29 27.13 -3.46
CA SER A 2 0.43 26.72 -4.65
C SER A 2 0.09 27.64 -5.83
N SER A 3 1.11 28.07 -6.57
CA SER A 3 0.92 28.95 -7.70
C SER A 3 1.55 28.36 -8.96
N GLY A 4 0.77 27.56 -9.69
CA GLY A 4 1.27 26.95 -10.90
C GLY A 4 1.50 25.45 -10.74
N SER A 5 0.41 24.70 -10.59
CA SER A 5 0.50 23.26 -10.42
C SER A 5 1.55 22.66 -11.35
N SER A 6 2.21 21.61 -10.90
CA SER A 6 3.23 20.95 -11.70
C SER A 6 2.66 19.74 -12.44
N GLY A 7 3.02 19.61 -13.71
CA GLY A 7 2.52 18.50 -14.51
C GLY A 7 2.54 17.19 -13.75
N LEU A 8 3.61 16.95 -13.00
CA LEU A 8 3.75 15.73 -12.23
C LEU A 8 2.76 15.71 -11.07
N GLU A 9 2.23 14.53 -10.76
CA GLU A 9 1.28 14.38 -9.68
C GLU A 9 1.58 13.12 -8.86
N ALA A 10 0.90 12.98 -7.73
CA ALA A 10 1.10 11.82 -6.86
C ALA A 10 -0.12 10.90 -6.92
N PRO A 11 0.05 9.67 -6.39
CA PRO A 11 -1.02 8.67 -6.37
C PRO A 11 -2.15 9.04 -5.42
N ARG A 12 -3.30 8.40 -5.59
CA ARG A 12 -4.45 8.67 -4.74
C ARG A 12 -5.42 7.49 -4.75
N ASP A 13 -6.50 7.60 -3.97
CA ASP A 13 -7.50 6.54 -3.89
C ASP A 13 -6.87 5.23 -3.43
N LEU A 14 -5.90 5.33 -2.53
CA LEU A 14 -5.22 4.16 -2.00
C LEU A 14 -6.06 3.47 -0.93
N GLU A 15 -6.71 2.37 -1.31
CA GLU A 15 -7.55 1.63 -0.38
C GLU A 15 -7.19 0.14 -0.40
N ALA A 16 -7.35 -0.52 0.74
CA ALA A 16 -7.04 -1.94 0.86
C ALA A 16 -8.23 -2.80 0.41
N LYS A 17 -7.99 -3.63 -0.60
CA LYS A 17 -9.04 -4.50 -1.13
C LYS A 17 -8.69 -5.97 -0.88
N GLU A 18 -9.69 -6.84 -1.05
CA GLU A 18 -9.49 -8.27 -0.85
C GLU A 18 -8.75 -8.54 0.46
N VAL A 19 -9.14 -7.83 1.51
CA VAL A 19 -8.52 -7.98 2.82
C VAL A 19 -8.90 -9.32 3.45
N THR A 20 -7.90 -10.15 3.73
CA THR A 20 -8.12 -11.45 4.34
C THR A 20 -7.12 -11.73 5.44
N PRO A 21 -7.45 -12.69 6.32
CA PRO A 21 -6.58 -13.06 7.45
C PRO A 21 -5.33 -13.80 6.99
N ARG A 22 -5.28 -14.13 5.70
CA ARG A 22 -4.14 -14.84 5.14
C ARG A 22 -3.30 -13.90 4.26
N THR A 23 -3.97 -12.95 3.61
CA THR A 23 -3.28 -11.99 2.75
C THR A 23 -4.08 -10.70 2.63
N ALA A 24 -3.50 -9.72 1.94
CA ALA A 24 -4.17 -8.44 1.76
C ALA A 24 -3.65 -7.73 0.51
N LEU A 25 -4.57 -7.22 -0.31
CA LEU A 25 -4.20 -6.53 -1.55
C LEU A 25 -4.49 -5.04 -1.43
N LEU A 26 -3.61 -4.22 -2.00
CA LEU A 26 -3.78 -2.77 -1.97
C LEU A 26 -3.82 -2.20 -3.38
N THR A 27 -4.87 -1.44 -3.69
CA THR A 27 -5.02 -0.84 -5.00
C THR A 27 -4.90 0.69 -4.92
N TRP A 28 -4.02 1.25 -5.74
CA TRP A 28 -3.82 2.69 -5.77
C TRP A 28 -3.94 3.24 -7.18
N THR A 29 -4.34 4.50 -7.30
CA THR A 29 -4.50 5.14 -8.60
C THR A 29 -3.17 5.70 -9.09
N GLU A 30 -2.39 4.84 -9.75
CA GLU A 30 -1.09 5.26 -10.28
C GLU A 30 -1.19 6.62 -10.97
N PRO A 31 -0.17 7.46 -10.76
CA PRO A 31 -0.12 8.81 -11.34
C PRO A 31 0.09 8.77 -12.86
N PRO A 32 -0.05 9.93 -13.50
CA PRO A 32 0.12 10.06 -14.96
C PRO A 32 1.58 9.90 -15.38
N VAL A 33 2.49 10.28 -14.50
CA VAL A 33 3.92 10.18 -14.78
C VAL A 33 4.52 8.94 -14.12
N ARG A 34 4.72 7.89 -14.91
CA ARG A 34 5.29 6.65 -14.40
C ARG A 34 6.59 6.91 -13.64
N PRO A 35 6.56 6.70 -12.32
CA PRO A 35 7.73 6.91 -11.46
C PRO A 35 8.82 5.88 -11.70
N ALA A 36 10.07 6.26 -11.45
CA ALA A 36 11.20 5.37 -11.64
C ALA A 36 10.99 4.05 -10.91
N GLY A 37 10.36 4.13 -9.73
CA GLY A 37 10.11 2.93 -8.95
C GLY A 37 9.09 3.16 -7.85
N TYR A 38 8.73 2.10 -7.14
CA TYR A 38 7.76 2.20 -6.06
C TYR A 38 8.32 1.62 -4.77
N LEU A 39 7.93 2.21 -3.64
CA LEU A 39 8.39 1.75 -2.33
C LEU A 39 7.22 1.57 -1.37
N LEU A 40 6.87 0.33 -1.08
CA LEU A 40 5.77 0.03 -0.18
C LEU A 40 6.29 -0.32 1.22
N SER A 41 6.25 0.66 2.12
CA SER A 41 6.72 0.45 3.48
C SER A 41 5.56 0.11 4.42
N PHE A 42 5.54 -1.12 4.89
CA PHE A 42 4.48 -1.57 5.79
C PHE A 42 5.07 -2.04 7.12
N HIS A 43 4.57 -1.46 8.21
CA HIS A 43 5.05 -1.82 9.55
C HIS A 43 3.88 -2.13 10.48
N THR A 44 4.05 -3.11 11.35
CA THR A 44 3.01 -3.49 12.29
C THR A 44 3.00 -2.57 13.51
N PRO A 45 1.81 -2.32 14.07
CA PRO A 45 1.64 -1.47 15.24
C PRO A 45 2.22 -2.09 16.51
N GLY A 46 2.61 -3.35 16.41
CA GLY A 46 3.16 -4.05 17.55
C GLY A 46 4.37 -4.89 17.19
N GLY A 47 5.14 -4.43 16.21
CA GLY A 47 6.31 -5.16 15.78
C GLY A 47 7.28 -4.31 15.00
N GLN A 48 8.28 -4.94 14.39
CA GLN A 48 9.29 -4.21 13.62
C GLN A 48 8.72 -3.77 12.27
N THR A 49 9.51 -3.03 11.51
CA THR A 49 9.09 -2.55 10.20
C THR A 49 9.79 -3.30 9.08
N GLN A 50 9.11 -3.44 7.95
CA GLN A 50 9.67 -4.14 6.80
C GLN A 50 9.45 -3.36 5.51
N GLU A 51 10.46 -3.34 4.65
CA GLU A 51 10.38 -2.61 3.38
C GLU A 51 10.36 -3.58 2.21
N ILE A 52 9.66 -3.20 1.14
CA ILE A 52 9.57 -4.03 -0.05
C ILE A 52 9.81 -3.22 -1.32
N LEU A 53 10.73 -3.69 -2.15
CA LEU A 53 11.04 -3.00 -3.40
C LEU A 53 10.09 -3.41 -4.51
N LEU A 54 9.34 -2.45 -5.04
CA LEU A 54 8.39 -2.71 -6.10
C LEU A 54 9.07 -2.65 -7.46
N PRO A 55 8.46 -3.31 -8.47
CA PRO A 55 9.00 -3.36 -9.83
C PRO A 55 8.87 -2.01 -10.53
N GLY A 56 8.09 -1.11 -9.95
CA GLY A 56 7.91 0.20 -10.54
C GLY A 56 7.18 0.15 -11.87
N GLY A 57 5.87 -0.02 -11.81
CA GLY A 57 5.07 -0.08 -13.03
C GLY A 57 3.76 -0.81 -12.83
N ILE A 58 3.18 -0.65 -11.64
CA ILE A 58 1.91 -1.30 -11.33
C ILE A 58 0.95 -0.34 -10.64
N THR A 59 -0.22 -0.83 -10.28
CA THR A 59 -1.22 -0.01 -9.61
C THR A 59 -1.79 -0.72 -8.38
N SER A 60 -1.33 -1.95 -8.15
CA SER A 60 -1.79 -2.73 -7.02
C SER A 60 -0.82 -3.88 -6.72
N HIS A 61 -0.37 -3.96 -5.48
CA HIS A 61 0.56 -5.01 -5.07
C HIS A 61 -0.06 -5.88 -3.99
N GLN A 62 0.19 -7.19 -4.07
CA GLN A 62 -0.34 -8.14 -3.11
C GLN A 62 0.67 -8.41 -2.00
N LEU A 63 0.20 -8.38 -0.76
CA LEU A 63 1.07 -8.64 0.40
C LEU A 63 0.89 -10.06 0.91
N LEU A 64 1.99 -10.69 1.30
CA LEU A 64 1.96 -12.04 1.82
C LEU A 64 2.50 -12.10 3.25
N GLY A 65 2.01 -13.05 4.03
CA GLY A 65 2.46 -13.20 5.40
C GLY A 65 1.94 -12.09 6.30
N LEU A 66 0.71 -12.24 6.77
CA LEU A 66 0.09 -11.24 7.63
C LEU A 66 -0.54 -11.90 8.86
N PHE A 67 -0.88 -11.10 9.86
CA PHE A 67 -1.49 -11.60 11.07
C PHE A 67 -3.01 -11.43 11.03
N PRO A 68 -3.73 -12.35 11.68
CA PRO A 68 -5.19 -12.32 11.74
C PRO A 68 -5.71 -11.18 12.59
N SER A 69 -6.63 -10.39 12.03
CA SER A 69 -7.21 -9.26 12.74
C SER A 69 -6.12 -8.30 13.22
N THR A 70 -5.04 -8.20 12.43
CA THR A 70 -3.93 -7.33 12.78
C THR A 70 -3.87 -6.12 11.83
N SER A 71 -3.92 -4.92 12.41
CA SER A 71 -3.87 -3.71 11.62
C SER A 71 -2.47 -3.47 11.07
N TYR A 72 -2.41 -3.01 9.82
CA TYR A 72 -1.12 -2.74 9.18
C TYR A 72 -1.12 -1.37 8.51
N ASN A 73 0.00 -0.67 8.59
CA ASN A 73 0.13 0.65 8.00
C ASN A 73 1.02 0.60 6.75
N ALA A 74 0.38 0.65 5.59
CA ALA A 74 1.11 0.62 4.33
C ALA A 74 1.35 2.02 3.78
N ARG A 75 2.51 2.23 3.17
CA ARG A 75 2.85 3.53 2.61
C ARG A 75 3.39 3.39 1.20
N LEU A 76 2.72 4.03 0.25
CA LEU A 76 3.13 3.98 -1.15
C LEU A 76 3.94 5.21 -1.53
N GLN A 77 5.23 5.01 -1.79
CA GLN A 77 6.11 6.10 -2.15
C GLN A 77 6.88 5.78 -3.43
N ALA A 78 6.73 6.64 -4.44
CA ALA A 78 7.41 6.45 -5.72
C ALA A 78 8.65 7.31 -5.81
N MET A 79 9.70 6.76 -6.42
CA MET A 79 10.95 7.49 -6.58
C MET A 79 10.96 8.29 -7.88
N TRP A 80 11.08 9.61 -7.77
CA TRP A 80 11.10 10.48 -8.94
C TRP A 80 12.46 11.15 -9.09
N GLY A 81 12.76 11.59 -10.30
CA GLY A 81 14.03 12.24 -10.57
C GLY A 81 14.37 13.29 -9.52
N GLN A 82 15.49 13.09 -8.84
CA GLN A 82 15.92 14.03 -7.80
C GLN A 82 14.73 14.62 -7.07
N SER A 83 13.71 13.79 -6.84
CA SER A 83 12.51 14.24 -6.15
C SER A 83 11.71 13.05 -5.61
N LEU A 84 10.99 13.27 -4.52
CA LEU A 84 10.19 12.22 -3.91
C LEU A 84 8.81 12.75 -3.53
N LEU A 85 7.82 12.43 -4.36
CA LEU A 85 6.45 12.88 -4.11
C LEU A 85 5.94 12.34 -2.78
N PRO A 86 4.98 13.06 -2.18
CA PRO A 86 4.38 12.67 -0.90
C PRO A 86 3.52 11.42 -1.01
N PRO A 87 3.94 10.34 -0.33
CA PRO A 87 3.23 9.07 -0.33
C PRO A 87 1.90 9.16 0.42
N VAL A 88 1.11 8.09 0.33
CA VAL A 88 -0.19 8.03 1.01
C VAL A 88 -0.25 6.87 1.98
N SER A 89 -0.48 7.17 3.25
CA SER A 89 -0.56 6.15 4.28
C SER A 89 -2.02 5.81 4.60
N THR A 90 -2.31 4.52 4.68
CA THR A 90 -3.66 4.05 4.97
C THR A 90 -3.65 2.87 5.92
N SER A 91 -4.61 2.82 6.83
CA SER A 91 -4.70 1.74 7.80
C SER A 91 -5.77 0.73 7.38
N PHE A 92 -5.40 -0.54 7.38
CA PHE A 92 -6.32 -1.61 7.00
C PHE A 92 -6.21 -2.80 7.95
N THR A 93 -7.36 -3.35 8.33
CA THR A 93 -7.39 -4.49 9.24
C THR A 93 -7.69 -5.78 8.50
N THR A 94 -7.00 -6.85 8.89
CA THR A 94 -7.20 -8.16 8.25
C THR A 94 -8.34 -8.92 8.91
N GLY A 95 -8.88 -9.91 8.20
CA GLY A 95 -9.97 -10.70 8.72
C GLY A 95 -9.55 -11.59 9.87
N GLY A 96 -10.25 -12.70 10.05
CA GLY A 96 -9.93 -13.63 11.12
C GLY A 96 -10.03 -15.08 10.70
N LEU A 97 -9.17 -15.92 11.25
CA LEU A 97 -9.16 -17.34 10.93
C LEU A 97 -10.12 -18.11 11.83
N ARG A 98 -11.35 -18.30 11.36
CA ARG A 98 -12.36 -19.02 12.12
C ARG A 98 -13.02 -20.10 11.27
N ILE A 99 -12.24 -21.11 10.90
CA ILE A 99 -12.75 -22.20 10.08
C ILE A 99 -14.13 -22.64 10.55
N SER A 100 -14.97 -23.09 9.61
CA SER A 100 -16.31 -23.53 9.93
C SER A 100 -16.67 -24.79 9.16
N GLY A 101 -17.72 -25.47 9.59
CA GLY A 101 -18.15 -26.69 8.92
C GLY A 101 -19.65 -26.81 8.83
N PRO A 102 -20.28 -25.92 8.03
CA PRO A 102 -21.73 -25.91 7.84
C PRO A 102 -22.23 -27.11 7.05
N SER A 103 -23.14 -27.87 7.65
CA SER A 103 -23.68 -29.06 7.01
C SER A 103 -25.05 -28.77 6.40
N SER A 104 -25.29 -29.29 5.21
CA SER A 104 -26.56 -29.08 4.52
C SER A 104 -27.73 -29.45 5.42
N GLY A 105 -27.75 -30.68 5.90
CA GLY A 105 -28.82 -31.13 6.77
C GLY A 105 -29.65 -32.23 6.14
N GLY A 1 9.74 32.09 -2.93
CA GLY A 1 10.09 30.86 -2.24
C GLY A 1 9.77 29.62 -3.06
N SER A 2 9.53 28.51 -2.37
CA SER A 2 9.22 27.25 -3.04
C SER A 2 7.95 26.63 -2.48
N SER A 3 6.80 27.02 -3.03
CA SER A 3 5.52 26.51 -2.58
C SER A 3 4.87 25.65 -3.66
N GLY A 4 5.17 24.36 -3.66
CA GLY A 4 4.62 23.46 -4.64
C GLY A 4 5.03 23.81 -6.06
N SER A 5 6.33 23.72 -6.33
CA SER A 5 6.85 24.03 -7.65
C SER A 5 7.18 22.75 -8.42
N SER A 6 6.27 21.78 -8.35
CA SER A 6 6.47 20.51 -9.04
C SER A 6 5.20 20.09 -9.77
N GLY A 7 5.36 19.57 -10.99
CA GLY A 7 4.21 19.14 -11.77
C GLY A 7 4.06 17.64 -11.80
N LEU A 8 4.39 16.99 -10.68
CA LEU A 8 4.30 15.53 -10.59
C LEU A 8 2.95 15.13 -9.99
N GLU A 9 2.74 13.82 -9.88
CA GLU A 9 1.49 13.29 -9.34
C GLU A 9 1.77 12.15 -8.36
N ALA A 10 0.72 11.66 -7.71
CA ALA A 10 0.86 10.58 -6.74
C ALA A 10 -0.33 9.63 -6.83
N PRO A 11 -0.22 8.47 -6.17
CA PRO A 11 -1.27 7.45 -6.14
C PRO A 11 -2.50 7.90 -5.35
N ARG A 12 -3.59 8.17 -6.06
CA ARG A 12 -4.82 8.61 -5.42
C ARG A 12 -5.79 7.44 -5.24
N ASP A 13 -6.70 7.57 -4.29
CA ASP A 13 -7.68 6.52 -4.01
C ASP A 13 -7.00 5.28 -3.45
N LEU A 14 -6.21 5.46 -2.40
CA LEU A 14 -5.50 4.36 -1.77
C LEU A 14 -6.39 3.65 -0.76
N GLU A 15 -6.89 2.47 -1.14
CA GLU A 15 -7.75 1.69 -0.25
C GLU A 15 -7.35 0.21 -0.26
N ALA A 16 -7.57 -0.46 0.86
CA ALA A 16 -7.24 -1.87 0.98
C ALA A 16 -8.30 -2.75 0.32
N LYS A 17 -7.87 -3.66 -0.54
CA LYS A 17 -8.78 -4.56 -1.24
C LYS A 17 -8.52 -6.01 -0.85
N GLU A 18 -9.50 -6.87 -1.11
CA GLU A 18 -9.36 -8.30 -0.80
C GLU A 18 -8.59 -8.49 0.50
N VAL A 19 -9.02 -7.78 1.54
CA VAL A 19 -8.37 -7.89 2.84
C VAL A 19 -8.65 -9.23 3.50
N THR A 20 -7.58 -9.96 3.83
CA THR A 20 -7.72 -11.27 4.46
C THR A 20 -6.61 -11.50 5.48
N PRO A 21 -6.85 -12.42 6.41
CA PRO A 21 -5.88 -12.77 7.46
C PRO A 21 -4.66 -13.49 6.91
N ARG A 22 -4.69 -13.78 5.61
CA ARG A 22 -3.58 -14.48 4.96
C ARG A 22 -2.88 -13.57 3.95
N THR A 23 -3.61 -12.57 3.45
CA THR A 23 -3.05 -11.64 2.48
C THR A 23 -3.85 -10.34 2.46
N ALA A 24 -3.25 -9.29 1.90
CA ALA A 24 -3.90 -7.99 1.81
C ALA A 24 -3.42 -7.23 0.59
N LEU A 25 -4.33 -7.03 -0.37
CA LEU A 25 -3.99 -6.30 -1.59
C LEU A 25 -4.29 -4.81 -1.44
N LEU A 26 -3.47 -3.99 -2.08
CA LEU A 26 -3.65 -2.55 -2.02
C LEU A 26 -3.74 -1.95 -3.42
N THR A 27 -4.92 -1.43 -3.76
CA THR A 27 -5.14 -0.83 -5.07
C THR A 27 -5.08 0.69 -4.99
N TRP A 28 -4.24 1.29 -5.84
CA TRP A 28 -4.09 2.74 -5.87
C TRP A 28 -4.22 3.27 -7.29
N THR A 29 -4.61 4.54 -7.41
CA THR A 29 -4.76 5.16 -8.72
C THR A 29 -3.43 5.68 -9.25
N GLU A 30 -2.80 4.89 -10.11
CA GLU A 30 -1.51 5.27 -10.69
C GLU A 30 -1.61 6.63 -11.37
N PRO A 31 -0.64 7.52 -11.06
CA PRO A 31 -0.59 8.86 -11.63
C PRO A 31 -0.25 8.85 -13.11
N PRO A 32 -0.42 10.01 -13.77
CA PRO A 32 -0.13 10.16 -15.20
C PRO A 32 1.36 10.10 -15.50
N VAL A 33 2.17 10.11 -14.45
CA VAL A 33 3.62 10.06 -14.60
C VAL A 33 4.20 8.79 -13.96
N ARG A 34 4.86 7.99 -14.78
CA ARG A 34 5.46 6.74 -14.29
C ARG A 34 6.71 7.02 -13.47
N PRO A 35 6.63 6.75 -12.16
CA PRO A 35 7.76 6.97 -11.25
C PRO A 35 8.90 5.97 -11.49
N ALA A 36 10.13 6.44 -11.31
CA ALA A 36 11.30 5.61 -11.51
C ALA A 36 11.17 4.30 -10.75
N GLY A 37 10.55 4.35 -9.57
CA GLY A 37 10.37 3.15 -8.77
C GLY A 37 9.36 3.36 -7.65
N TYR A 38 8.83 2.26 -7.13
CA TYR A 38 7.84 2.32 -6.05
C TYR A 38 8.41 1.72 -4.77
N LEU A 39 8.09 2.35 -3.64
CA LEU A 39 8.57 1.88 -2.35
C LEU A 39 7.40 1.63 -1.40
N LEU A 40 7.09 0.36 -1.18
CA LEU A 40 5.99 -0.02 -0.29
C LEU A 40 6.52 -0.54 1.04
N SER A 41 6.33 0.24 2.09
CA SER A 41 6.80 -0.14 3.43
C SER A 41 5.62 -0.42 4.35
N PHE A 42 5.41 -1.69 4.68
CA PHE A 42 4.31 -2.08 5.55
C PHE A 42 4.84 -2.54 6.91
N HIS A 43 4.38 -1.89 7.97
CA HIS A 43 4.80 -2.23 9.32
C HIS A 43 3.61 -2.29 10.27
N THR A 44 3.77 -3.01 11.38
CA THR A 44 2.71 -3.15 12.36
C THR A 44 2.77 -2.03 13.39
N PRO A 45 1.60 -1.71 13.98
CA PRO A 45 1.49 -0.66 15.00
C PRO A 45 2.17 -1.04 16.31
N GLY A 46 2.81 -2.20 16.32
CA GLY A 46 3.49 -2.66 17.52
C GLY A 46 4.63 -3.61 17.21
N GLY A 47 5.31 -3.37 16.10
CA GLY A 47 6.43 -4.22 15.70
C GLY A 47 7.37 -3.53 14.72
N GLN A 48 8.47 -4.19 14.40
CA GLN A 48 9.45 -3.64 13.48
C GLN A 48 8.80 -3.30 12.14
N THR A 49 9.60 -2.76 11.22
CA THR A 49 9.10 -2.39 9.90
C THR A 49 9.82 -3.17 8.80
N GLN A 50 9.17 -3.31 7.65
CA GLN A 50 9.74 -4.03 6.52
C GLN A 50 9.56 -3.24 5.22
N GLU A 51 10.63 -3.13 4.46
CA GLU A 51 10.59 -2.41 3.19
C GLU A 51 10.62 -3.38 2.01
N ILE A 52 9.84 -3.08 0.98
CA ILE A 52 9.77 -3.92 -0.21
C ILE A 52 9.96 -3.10 -1.47
N LEU A 53 10.88 -3.54 -2.33
CA LEU A 53 11.15 -2.84 -3.59
C LEU A 53 10.22 -3.33 -4.69
N LEU A 54 9.33 -2.45 -5.14
CA LEU A 54 8.38 -2.79 -6.19
C LEU A 54 9.01 -2.61 -7.57
N PRO A 55 8.52 -3.37 -8.56
CA PRO A 55 9.02 -3.31 -9.93
C PRO A 55 8.66 -2.01 -10.63
N GLY A 56 7.84 -1.19 -9.96
CA GLY A 56 7.44 0.08 -10.53
C GLY A 56 6.62 -0.08 -11.80
N GLY A 57 5.30 0.03 -11.66
CA GLY A 57 4.43 -0.11 -12.81
C GLY A 57 3.25 -1.03 -12.53
N ILE A 58 2.80 -1.06 -11.28
CA ILE A 58 1.69 -1.90 -10.88
C ILE A 58 0.57 -1.07 -10.24
N THR A 59 -0.64 -1.60 -10.28
CA THR A 59 -1.79 -0.92 -9.70
C THR A 59 -2.29 -1.62 -8.45
N SER A 60 -1.63 -2.73 -8.10
CA SER A 60 -2.01 -3.50 -6.92
C SER A 60 -0.89 -4.46 -6.53
N HIS A 61 -0.65 -4.58 -5.23
CA HIS A 61 0.39 -5.47 -4.72
C HIS A 61 -0.17 -6.41 -3.65
N GLN A 62 -0.04 -7.71 -3.89
CA GLN A 62 -0.54 -8.70 -2.95
C GLN A 62 0.46 -8.94 -1.82
N LEU A 63 0.05 -8.60 -0.60
CA LEU A 63 0.92 -8.78 0.56
C LEU A 63 0.70 -10.14 1.20
N LEU A 64 1.79 -10.82 1.52
CA LEU A 64 1.73 -12.14 2.14
C LEU A 64 2.35 -12.12 3.53
N GLY A 65 1.95 -13.07 4.37
CA GLY A 65 2.48 -13.15 5.72
C GLY A 65 1.92 -12.07 6.62
N LEU A 66 0.64 -12.17 6.93
CA LEU A 66 -0.02 -11.19 7.80
C LEU A 66 -0.58 -11.86 9.04
N PHE A 67 -1.15 -11.05 9.94
CA PHE A 67 -1.73 -11.57 11.17
C PHE A 67 -3.24 -11.37 11.18
N PRO A 68 -3.94 -12.26 11.91
CA PRO A 68 -5.40 -12.21 12.02
C PRO A 68 -5.88 -11.01 12.84
N SER A 69 -6.81 -10.26 12.28
CA SER A 69 -7.35 -9.08 12.95
C SER A 69 -6.23 -8.15 13.40
N THR A 70 -5.18 -8.05 12.58
CA THR A 70 -4.04 -7.20 12.90
C THR A 70 -3.97 -6.02 11.94
N SER A 71 -4.11 -4.81 12.47
CA SER A 71 -4.05 -3.59 11.67
C SER A 71 -2.64 -3.39 11.11
N TYR A 72 -2.57 -2.98 9.85
CA TYR A 72 -1.30 -2.74 9.19
C TYR A 72 -1.27 -1.37 8.52
N ASN A 73 -0.10 -0.73 8.53
CA ASN A 73 0.05 0.59 7.93
C ASN A 73 0.96 0.52 6.71
N ALA A 74 0.38 0.69 5.52
CA ALA A 74 1.15 0.65 4.29
C ALA A 74 1.52 2.05 3.83
N ARG A 75 2.74 2.20 3.32
CA ARG A 75 3.23 3.49 2.85
C ARG A 75 3.76 3.38 1.42
N LEU A 76 3.12 4.09 0.50
CA LEU A 76 3.53 4.07 -0.90
C LEU A 76 4.31 5.33 -1.25
N GLN A 77 5.62 5.16 -1.47
CA GLN A 77 6.48 6.29 -1.82
C GLN A 77 7.25 6.00 -3.10
N ALA A 78 6.86 6.70 -4.17
CA ALA A 78 7.52 6.54 -5.46
C ALA A 78 8.74 7.44 -5.59
N MET A 79 9.81 6.90 -6.18
CA MET A 79 11.04 7.66 -6.36
C MET A 79 10.97 8.52 -7.62
N TRP A 80 11.14 9.82 -7.46
CA TRP A 80 11.10 10.74 -8.59
C TRP A 80 12.42 11.50 -8.72
N GLY A 81 12.70 11.98 -9.92
CA GLY A 81 13.93 12.72 -10.15
C GLY A 81 14.27 13.66 -9.01
N GLN A 82 15.38 13.38 -8.34
CA GLN A 82 15.81 14.21 -7.21
C GLN A 82 14.61 14.72 -6.42
N SER A 83 13.60 13.87 -6.27
CA SER A 83 12.41 14.23 -5.52
C SER A 83 11.71 13.00 -4.98
N LEU A 84 11.07 13.15 -3.81
CA LEU A 84 10.37 12.05 -3.16
C LEU A 84 8.94 12.46 -2.80
N LEU A 85 8.08 12.55 -3.80
CA LEU A 85 6.69 12.92 -3.58
C LEU A 85 6.17 12.34 -2.27
N PRO A 86 5.17 13.01 -1.68
CA PRO A 86 4.56 12.57 -0.42
C PRO A 86 3.73 11.31 -0.59
N PRO A 87 4.13 10.24 0.13
CA PRO A 87 3.43 8.95 0.07
C PRO A 87 2.05 9.01 0.72
N VAL A 88 1.25 7.97 0.49
CA VAL A 88 -0.09 7.90 1.06
C VAL A 88 -0.20 6.80 2.11
N SER A 89 -0.54 7.18 3.33
CA SER A 89 -0.67 6.22 4.43
C SER A 89 -2.13 5.84 4.64
N THR A 90 -2.38 4.54 4.74
CA THR A 90 -3.73 4.04 4.95
C THR A 90 -3.74 2.84 5.88
N SER A 91 -4.62 2.87 6.88
CA SER A 91 -4.72 1.79 7.85
C SER A 91 -5.78 0.79 7.43
N PHE A 92 -5.41 -0.49 7.37
CA PHE A 92 -6.32 -1.54 6.98
C PHE A 92 -6.26 -2.70 7.97
N THR A 93 -7.43 -3.25 8.31
CA THR A 93 -7.52 -4.36 9.24
C THR A 93 -7.79 -5.67 8.52
N THR A 94 -7.06 -6.72 8.91
CA THR A 94 -7.23 -8.03 8.29
C THR A 94 -8.35 -8.82 8.94
N GLY A 95 -9.02 -9.66 8.17
CA GLY A 95 -10.11 -10.45 8.69
C GLY A 95 -9.66 -11.41 9.78
N GLY A 96 -10.52 -12.37 10.11
CA GLY A 96 -10.19 -13.33 11.14
C GLY A 96 -10.20 -14.76 10.62
N LEU A 97 -9.57 -15.66 11.37
CA LEU A 97 -9.49 -17.07 10.97
C LEU A 97 -10.72 -17.82 11.46
N ARG A 98 -11.87 -17.54 10.84
CA ARG A 98 -13.12 -18.20 11.21
C ARG A 98 -13.16 -18.49 12.71
N ILE A 99 -12.86 -17.47 13.51
CA ILE A 99 -12.87 -17.62 14.96
C ILE A 99 -14.07 -18.44 15.42
N SER A 100 -15.23 -18.15 14.84
CA SER A 100 -16.46 -18.85 15.18
C SER A 100 -17.17 -19.38 13.94
N GLY A 101 -16.43 -20.13 13.12
CA GLY A 101 -17.00 -20.68 11.91
C GLY A 101 -17.40 -19.61 10.92
N PRO A 102 -18.32 -19.95 10.00
CA PRO A 102 -18.80 -19.03 8.98
C PRO A 102 -19.66 -17.92 9.56
N SER A 103 -19.79 -16.82 8.81
CA SER A 103 -20.59 -15.68 9.26
C SER A 103 -22.08 -16.00 9.20
N SER A 104 -22.69 -16.17 10.37
CA SER A 104 -24.12 -16.49 10.45
C SER A 104 -24.87 -15.40 11.22
N GLY A 105 -26.00 -14.99 10.70
CA GLY A 105 -26.80 -13.96 11.35
C GLY A 105 -28.20 -14.45 11.68
N GLY A 1 10.96 30.63 -8.60
CA GLY A 1 9.73 30.40 -7.87
C GLY A 1 9.85 30.75 -6.40
N SER A 2 8.74 30.69 -5.68
CA SER A 2 8.72 31.01 -4.26
C SER A 2 9.49 29.96 -3.46
N SER A 3 9.21 28.70 -3.75
CA SER A 3 9.87 27.59 -3.05
C SER A 3 10.52 26.64 -4.05
N GLY A 4 11.62 26.01 -3.62
CA GLY A 4 12.33 25.08 -4.48
C GLY A 4 11.87 23.65 -4.28
N SER A 5 10.56 23.44 -4.30
CA SER A 5 10.00 22.10 -4.11
C SER A 5 9.37 21.59 -5.39
N SER A 6 9.56 20.30 -5.67
CA SER A 6 9.02 19.69 -6.88
C SER A 6 7.56 20.09 -7.08
N GLY A 7 7.01 19.74 -8.23
CA GLY A 7 5.63 20.08 -8.53
C GLY A 7 4.93 18.99 -9.34
N LEU A 8 5.04 17.75 -8.89
CA LEU A 8 4.42 16.63 -9.58
C LEU A 8 3.16 16.17 -8.85
N GLU A 9 2.53 15.11 -9.36
CA GLU A 9 1.32 14.58 -8.75
C GLU A 9 1.60 13.25 -8.06
N ALA A 10 1.09 13.10 -6.84
CA ALA A 10 1.28 11.89 -6.07
C ALA A 10 0.12 10.92 -6.28
N PRO A 11 0.30 9.66 -5.83
CA PRO A 11 -0.71 8.62 -5.96
C PRO A 11 -1.91 8.87 -5.06
N ARG A 12 -3.10 8.46 -5.52
CA ARG A 12 -4.32 8.64 -4.76
C ARG A 12 -5.21 7.40 -4.84
N ASP A 13 -6.35 7.45 -4.17
CA ASP A 13 -7.27 6.32 -4.17
C ASP A 13 -6.61 5.07 -3.61
N LEU A 14 -5.78 5.25 -2.60
CA LEU A 14 -5.07 4.13 -1.97
C LEU A 14 -5.95 3.45 -0.92
N GLU A 15 -6.48 2.28 -1.28
CA GLU A 15 -7.34 1.54 -0.37
C GLU A 15 -7.00 0.05 -0.39
N ALA A 16 -7.29 -0.64 0.71
CA ALA A 16 -7.02 -2.07 0.81
C ALA A 16 -8.21 -2.89 0.35
N LYS A 17 -8.00 -3.68 -0.70
CA LYS A 17 -9.06 -4.52 -1.25
C LYS A 17 -8.80 -5.99 -0.95
N GLU A 18 -9.84 -6.80 -1.04
CA GLU A 18 -9.71 -8.24 -0.78
C GLU A 18 -8.90 -8.49 0.49
N VAL A 19 -9.25 -7.78 1.56
CA VAL A 19 -8.54 -7.93 2.82
C VAL A 19 -8.88 -9.25 3.49
N THR A 20 -7.87 -10.10 3.65
CA THR A 20 -8.06 -11.40 4.27
C THR A 20 -7.06 -11.62 5.40
N PRO A 21 -7.38 -12.56 6.30
CA PRO A 21 -6.52 -12.89 7.45
C PRO A 21 -5.25 -13.60 7.03
N ARG A 22 -5.19 -14.01 5.77
CA ARG A 22 -4.01 -14.70 5.24
C ARG A 22 -3.20 -13.79 4.33
N THR A 23 -3.88 -12.82 3.73
CA THR A 23 -3.22 -11.87 2.83
C THR A 23 -4.05 -10.60 2.67
N ALA A 24 -3.46 -9.59 2.02
CA ALA A 24 -4.14 -8.33 1.80
C ALA A 24 -3.65 -7.65 0.53
N LEU A 25 -4.58 -7.35 -0.37
CA LEU A 25 -4.24 -6.70 -1.63
C LEU A 25 -4.55 -5.20 -1.58
N LEU A 26 -3.57 -4.39 -1.95
CA LEU A 26 -3.74 -2.93 -1.95
C LEU A 26 -3.70 -2.38 -3.37
N THR A 27 -4.51 -1.37 -3.63
CA THR A 27 -4.57 -0.74 -4.94
C THR A 27 -4.44 0.77 -4.83
N TRP A 28 -3.80 1.38 -5.82
CA TRP A 28 -3.62 2.83 -5.85
C TRP A 28 -3.67 3.36 -7.28
N THR A 29 -3.97 4.65 -7.41
CA THR A 29 -4.06 5.28 -8.71
C THR A 29 -2.70 5.84 -9.14
N GLU A 30 -2.38 5.69 -10.42
CA GLU A 30 -1.11 6.20 -10.95
C GLU A 30 -1.27 7.62 -11.48
N PRO A 31 -0.31 8.48 -11.11
CA PRO A 31 -0.32 9.89 -11.53
C PRO A 31 -0.03 10.05 -13.03
N PRO A 32 -0.22 11.27 -13.53
CA PRO A 32 0.02 11.58 -14.95
C PRO A 32 1.50 11.56 -15.31
N VAL A 33 2.34 11.29 -14.31
CA VAL A 33 3.78 11.23 -14.52
C VAL A 33 4.39 10.00 -13.87
N ARG A 34 4.14 8.84 -14.47
CA ARG A 34 4.66 7.58 -13.95
C ARG A 34 6.07 7.76 -13.40
N PRO A 35 6.23 7.56 -12.09
CA PRO A 35 7.53 7.69 -11.42
C PRO A 35 8.50 6.58 -11.80
N ALA A 36 9.76 6.74 -11.41
CA ALA A 36 10.78 5.74 -11.71
C ALA A 36 10.46 4.40 -11.06
N GLY A 37 10.25 4.42 -9.75
CA GLY A 37 9.92 3.20 -9.04
C GLY A 37 8.92 3.42 -7.92
N TYR A 38 8.79 2.44 -7.04
CA TYR A 38 7.85 2.53 -5.93
C TYR A 38 8.42 1.87 -4.68
N LEU A 39 7.93 2.28 -3.52
CA LEU A 39 8.38 1.73 -2.25
C LEU A 39 7.23 1.55 -1.28
N LEU A 40 6.84 0.30 -1.05
CA LEU A 40 5.73 0.00 -0.15
C LEU A 40 6.26 -0.43 1.21
N SER A 41 6.09 0.43 2.22
CA SER A 41 6.55 0.14 3.57
C SER A 41 5.37 -0.22 4.47
N PHE A 42 5.30 -1.50 4.86
CA PHE A 42 4.22 -1.96 5.72
C PHE A 42 4.78 -2.43 7.07
N HIS A 43 4.29 -1.80 8.14
CA HIS A 43 4.73 -2.13 9.49
C HIS A 43 3.55 -2.23 10.44
N THR A 44 3.74 -2.92 11.55
CA THR A 44 2.69 -3.09 12.55
C THR A 44 2.79 -2.03 13.64
N PRO A 45 1.64 -1.68 14.25
CA PRO A 45 1.58 -0.69 15.31
C PRO A 45 2.23 -1.18 16.60
N GLY A 46 2.71 -2.41 16.59
CA GLY A 46 3.34 -2.98 17.77
C GLY A 46 4.43 -3.98 17.42
N GLY A 47 5.12 -3.72 16.30
CA GLY A 47 6.19 -4.61 15.88
C GLY A 47 7.31 -3.88 15.17
N GLN A 48 7.75 -4.42 14.04
CA GLN A 48 8.83 -3.80 13.27
C GLN A 48 8.33 -3.31 11.92
N THR A 49 9.24 -2.76 11.12
CA THR A 49 8.88 -2.26 9.80
C THR A 49 9.68 -2.97 8.70
N GLN A 50 9.00 -3.31 7.61
CA GLN A 50 9.64 -3.99 6.50
C GLN A 50 9.50 -3.19 5.22
N GLU A 51 10.52 -3.26 4.36
CA GLU A 51 10.51 -2.53 3.10
C GLU A 51 10.45 -3.50 1.92
N ILE A 52 9.68 -3.13 0.89
CA ILE A 52 9.54 -3.96 -0.29
C ILE A 52 9.62 -3.11 -1.57
N LEU A 53 10.37 -3.61 -2.55
CA LEU A 53 10.52 -2.90 -3.82
C LEU A 53 9.31 -3.12 -4.71
N LEU A 54 8.64 -2.04 -5.07
CA LEU A 54 7.46 -2.10 -5.93
C LEU A 54 7.75 -1.53 -7.32
N PRO A 55 7.41 -2.31 -8.36
CA PRO A 55 7.62 -1.90 -9.75
C PRO A 55 6.71 -0.76 -10.17
N GLY A 56 6.86 -0.31 -11.41
CA GLY A 56 6.04 0.77 -11.91
C GLY A 56 5.03 0.31 -12.95
N GLY A 57 3.75 0.38 -12.61
CA GLY A 57 2.71 -0.04 -13.53
C GLY A 57 2.00 -1.29 -13.07
N ILE A 58 1.57 -1.29 -11.80
CA ILE A 58 0.87 -2.43 -11.24
C ILE A 58 -0.39 -1.99 -10.50
N THR A 59 -0.33 -0.81 -9.88
CA THR A 59 -1.47 -0.28 -9.15
C THR A 59 -2.16 -1.37 -8.34
N SER A 60 -1.42 -2.42 -7.99
CA SER A 60 -1.97 -3.53 -7.23
C SER A 60 -0.87 -4.51 -6.84
N HIS A 61 -0.85 -4.90 -5.57
CA HIS A 61 0.15 -5.84 -5.08
C HIS A 61 -0.43 -6.71 -3.97
N GLN A 62 0.04 -7.95 -3.87
CA GLN A 62 -0.42 -8.88 -2.86
C GLN A 62 0.62 -9.06 -1.76
N LEU A 63 0.27 -8.65 -0.54
CA LEU A 63 1.18 -8.76 0.59
C LEU A 63 1.03 -10.12 1.26
N LEU A 64 2.14 -10.85 1.37
CA LEU A 64 2.14 -12.17 2.00
C LEU A 64 2.78 -12.11 3.38
N GLY A 65 2.22 -12.88 4.32
CA GLY A 65 2.74 -12.91 5.67
C GLY A 65 2.10 -11.87 6.56
N LEU A 66 0.81 -12.03 6.82
CA LEU A 66 0.08 -11.10 7.67
C LEU A 66 -0.51 -11.81 8.88
N PHE A 67 -1.06 -11.04 9.82
CA PHE A 67 -1.65 -11.60 11.02
C PHE A 67 -3.17 -11.43 11.01
N PRO A 68 -3.87 -12.41 11.60
CA PRO A 68 -5.34 -12.40 11.66
C PRO A 68 -5.87 -11.32 12.60
N SER A 69 -6.68 -10.42 12.06
CA SER A 69 -7.25 -9.34 12.85
C SER A 69 -6.16 -8.39 13.35
N THR A 70 -5.15 -8.17 12.51
CA THR A 70 -4.04 -7.30 12.87
C THR A 70 -4.01 -6.06 11.97
N SER A 71 -3.91 -4.89 12.59
CA SER A 71 -3.88 -3.64 11.85
C SER A 71 -2.50 -3.40 11.25
N TYR A 72 -2.47 -2.90 10.02
CA TYR A 72 -1.21 -2.62 9.33
C TYR A 72 -1.24 -1.24 8.69
N ASN A 73 -0.05 -0.65 8.54
CA ASN A 73 0.06 0.67 7.94
C ASN A 73 0.97 0.63 6.70
N ALA A 74 0.36 0.76 5.53
CA ALA A 74 1.10 0.74 4.28
C ALA A 74 1.44 2.16 3.82
N ARG A 75 2.54 2.29 3.09
CA ARG A 75 2.97 3.60 2.60
C ARG A 75 3.58 3.47 1.19
N LEU A 76 2.84 3.95 0.20
CA LEU A 76 3.30 3.89 -1.18
C LEU A 76 4.08 5.15 -1.55
N GLN A 77 5.37 4.98 -1.82
CA GLN A 77 6.23 6.10 -2.19
C GLN A 77 6.86 5.87 -3.55
N ALA A 78 7.06 6.95 -4.30
CA ALA A 78 7.67 6.87 -5.62
C ALA A 78 8.97 7.65 -5.67
N MET A 79 10.00 7.04 -6.28
CA MET A 79 11.30 7.68 -6.39
C MET A 79 11.35 8.59 -7.62
N TRP A 80 11.51 9.89 -7.38
CA TRP A 80 11.58 10.87 -8.46
C TRP A 80 12.97 11.47 -8.56
N GLY A 81 13.30 12.01 -9.73
CA GLY A 81 14.60 12.62 -9.94
C GLY A 81 14.92 13.65 -8.88
N GLN A 82 16.03 13.45 -8.18
CA GLN A 82 16.45 14.39 -7.13
C GLN A 82 15.25 14.91 -6.35
N SER A 83 14.25 14.06 -6.17
CA SER A 83 13.04 14.44 -5.45
C SER A 83 12.17 13.22 -5.16
N LEU A 84 11.37 13.31 -4.11
CA LEU A 84 10.49 12.22 -3.72
C LEU A 84 9.16 12.74 -3.18
N LEU A 85 8.11 12.63 -4.00
CA LEU A 85 6.79 13.10 -3.61
C LEU A 85 6.32 12.41 -2.34
N PRO A 86 5.46 13.09 -1.57
CA PRO A 86 4.92 12.57 -0.31
C PRO A 86 3.95 11.42 -0.54
N PRO A 87 4.29 10.24 0.02
CA PRO A 87 3.46 9.04 -0.10
C PRO A 87 2.15 9.16 0.68
N VAL A 88 1.30 8.15 0.54
CA VAL A 88 0.02 8.13 1.25
C VAL A 88 -0.05 6.98 2.24
N SER A 89 -0.34 7.31 3.50
CA SER A 89 -0.43 6.31 4.55
C SER A 89 -1.89 5.97 4.86
N THR A 90 -2.21 4.68 4.82
CA THR A 90 -3.57 4.23 5.09
C THR A 90 -3.57 3.10 6.11
N SER A 91 -4.72 2.89 6.76
CA SER A 91 -4.86 1.85 7.77
C SER A 91 -5.89 0.81 7.33
N PHE A 92 -5.53 -0.46 7.45
CA PHE A 92 -6.42 -1.55 7.07
C PHE A 92 -6.27 -2.73 8.03
N THR A 93 -7.40 -3.33 8.41
CA THR A 93 -7.40 -4.46 9.32
C THR A 93 -7.77 -5.74 8.59
N THR A 94 -7.11 -6.83 8.97
CA THR A 94 -7.37 -8.14 8.35
C THR A 94 -8.54 -8.83 9.03
N GLY A 95 -9.13 -9.80 8.32
CA GLY A 95 -10.25 -10.53 8.87
C GLY A 95 -9.85 -11.47 9.99
N GLY A 96 -10.44 -12.66 10.02
CA GLY A 96 -10.13 -13.62 11.06
C GLY A 96 -10.17 -15.06 10.55
N LEU A 97 -9.36 -15.91 11.16
CA LEU A 97 -9.31 -17.32 10.76
C LEU A 97 -10.62 -18.04 11.09
N ARG A 98 -11.52 -18.07 10.12
CA ARG A 98 -12.82 -18.72 10.30
C ARG A 98 -13.38 -19.19 8.97
N ILE A 99 -14.60 -19.74 9.01
CA ILE A 99 -15.25 -20.22 7.80
C ILE A 99 -16.18 -19.16 7.22
N SER A 100 -17.00 -18.57 8.07
CA SER A 100 -17.94 -17.54 7.64
C SER A 100 -17.42 -16.15 8.00
N GLY A 101 -16.76 -15.50 7.05
CA GLY A 101 -16.23 -14.17 7.28
C GLY A 101 -16.34 -13.28 6.06
N PRO A 102 -15.44 -12.28 5.98
CA PRO A 102 -15.43 -11.33 4.86
C PRO A 102 -14.99 -11.98 3.55
N SER A 103 -14.70 -13.29 3.61
CA SER A 103 -14.27 -14.02 2.43
C SER A 103 -15.29 -13.90 1.30
N SER A 104 -14.99 -13.04 0.33
CA SER A 104 -15.88 -12.83 -0.80
C SER A 104 -15.40 -13.61 -2.03
N GLY A 105 -16.26 -13.70 -3.03
CA GLY A 105 -15.91 -14.42 -4.24
C GLY A 105 -14.70 -13.83 -4.93
N GLY A 1 2.71 25.18 4.94
CA GLY A 1 2.39 25.37 3.53
C GLY A 1 2.80 24.17 2.69
N SER A 2 3.02 24.41 1.40
CA SER A 2 3.41 23.35 0.48
C SER A 2 4.90 23.48 0.12
N SER A 3 5.53 22.34 -0.13
CA SER A 3 6.95 22.31 -0.48
C SER A 3 7.13 22.39 -1.99
N GLY A 4 7.15 23.61 -2.53
CA GLY A 4 7.33 23.79 -3.96
C GLY A 4 6.48 22.83 -4.77
N SER A 5 5.29 23.28 -5.17
CA SER A 5 4.38 22.45 -5.95
C SER A 5 4.72 22.53 -7.43
N SER A 6 4.53 21.43 -8.14
CA SER A 6 4.81 21.38 -9.57
C SER A 6 3.93 20.34 -10.26
N GLY A 7 3.99 20.31 -11.59
CA GLY A 7 3.20 19.36 -12.35
C GLY A 7 3.13 18.00 -11.68
N LEU A 8 4.28 17.50 -11.23
CA LEU A 8 4.34 16.20 -10.57
C LEU A 8 3.16 16.01 -9.64
N GLU A 9 2.73 14.76 -9.48
CA GLU A 9 1.61 14.45 -8.61
C GLU A 9 1.81 13.09 -7.94
N ALA A 10 1.24 12.93 -6.75
CA ALA A 10 1.35 11.69 -6.00
C ALA A 10 0.15 10.79 -6.25
N PRO A 11 0.27 9.51 -5.86
CA PRO A 11 -0.80 8.52 -6.04
C PRO A 11 -1.99 8.78 -5.11
N ARG A 12 -3.18 8.39 -5.57
CA ARG A 12 -4.39 8.59 -4.78
C ARG A 12 -5.28 7.35 -4.83
N ASP A 13 -6.37 7.37 -4.06
CA ASP A 13 -7.29 6.25 -4.02
C ASP A 13 -6.59 5.00 -3.47
N LEU A 14 -5.87 5.16 -2.37
CA LEU A 14 -5.16 4.06 -1.75
C LEU A 14 -6.03 3.38 -0.68
N GLU A 15 -6.66 2.28 -1.06
CA GLU A 15 -7.51 1.54 -0.13
C GLU A 15 -7.14 0.06 -0.10
N ALA A 16 -7.37 -0.57 1.03
CA ALA A 16 -7.06 -1.99 1.19
C ALA A 16 -8.10 -2.87 0.51
N LYS A 17 -7.63 -3.86 -0.23
CA LYS A 17 -8.53 -4.77 -0.95
C LYS A 17 -8.22 -6.22 -0.59
N GLU A 18 -9.18 -7.11 -0.86
CA GLU A 18 -9.01 -8.53 -0.57
C GLU A 18 -8.19 -8.73 0.70
N VAL A 19 -8.65 -8.11 1.79
CA VAL A 19 -7.96 -8.22 3.07
C VAL A 19 -8.24 -9.56 3.73
N THR A 20 -7.18 -10.25 4.16
CA THR A 20 -7.32 -11.54 4.81
C THR A 20 -6.26 -11.73 5.89
N PRO A 21 -6.54 -12.64 6.84
CA PRO A 21 -5.63 -12.93 7.95
C PRO A 21 -4.36 -13.65 7.48
N ARG A 22 -4.28 -13.90 6.17
CA ARG A 22 -3.12 -14.58 5.60
C ARG A 22 -2.45 -13.72 4.54
N THR A 23 -3.22 -12.78 3.98
CA THR A 23 -2.70 -11.89 2.95
C THR A 23 -3.46 -10.58 2.92
N ALA A 24 -3.05 -9.67 2.04
CA ALA A 24 -3.70 -8.38 1.91
C ALA A 24 -3.21 -7.64 0.66
N LEU A 25 -4.15 -7.30 -0.21
CA LEU A 25 -3.82 -6.59 -1.44
C LEU A 25 -4.13 -5.10 -1.32
N LEU A 26 -3.37 -4.28 -2.03
CA LEU A 26 -3.56 -2.84 -2.00
C LEU A 26 -3.76 -2.29 -3.42
N THR A 27 -4.79 -1.46 -3.57
CA THR A 27 -5.09 -0.86 -4.87
C THR A 27 -4.99 0.66 -4.81
N TRP A 28 -4.23 1.24 -5.73
CA TRP A 28 -4.05 2.68 -5.78
C TRP A 28 -4.08 3.18 -7.22
N THR A 29 -4.25 4.50 -7.39
CA THR A 29 -4.30 5.10 -8.71
C THR A 29 -2.95 5.69 -9.10
N GLU A 30 -2.46 5.32 -10.27
CA GLU A 30 -1.17 5.81 -10.76
C GLU A 30 -1.27 7.28 -11.15
N PRO A 31 -0.23 8.05 -10.83
CA PRO A 31 -0.18 9.49 -11.15
C PRO A 31 -0.02 9.75 -12.64
N PRO A 32 -0.17 11.03 -13.03
CA PRO A 32 -0.07 11.43 -14.44
C PRO A 32 1.37 11.33 -14.95
N VAL A 33 2.31 11.11 -14.05
CA VAL A 33 3.71 10.99 -14.42
C VAL A 33 4.33 9.71 -13.85
N ARG A 34 4.51 8.72 -14.72
CA ARG A 34 5.09 7.44 -14.31
C ARG A 34 6.44 7.65 -13.64
N PRO A 35 6.49 7.40 -12.32
CA PRO A 35 7.71 7.54 -11.53
C PRO A 35 8.75 6.48 -11.87
N ALA A 36 10.01 6.75 -11.51
CA ALA A 36 11.10 5.82 -11.78
C ALA A 36 10.83 4.47 -11.13
N GLY A 37 10.30 4.50 -9.90
CA GLY A 37 10.02 3.26 -9.19
C GLY A 37 9.00 3.45 -8.09
N TYR A 38 8.82 2.43 -7.26
CA TYR A 38 7.86 2.49 -6.16
C TYR A 38 8.38 1.73 -4.95
N LEU A 39 8.05 2.22 -3.76
CA LEU A 39 8.48 1.59 -2.52
C LEU A 39 7.34 1.53 -1.52
N LEU A 40 6.78 0.34 -1.33
CA LEU A 40 5.67 0.14 -0.40
C LEU A 40 6.14 -0.63 0.84
N SER A 41 6.09 0.04 1.99
CA SER A 41 6.51 -0.59 3.23
C SER A 41 5.41 -0.48 4.29
N PHE A 42 4.91 -1.64 4.73
CA PHE A 42 3.86 -1.68 5.74
C PHE A 42 4.44 -1.89 7.13
N HIS A 43 4.19 -0.93 8.02
CA HIS A 43 4.69 -1.01 9.39
C HIS A 43 3.54 -1.26 10.37
N THR A 44 3.62 -2.36 11.09
CA THR A 44 2.60 -2.72 12.07
C THR A 44 2.62 -1.77 13.26
N PRO A 45 1.42 -1.45 13.78
CA PRO A 45 1.27 -0.55 14.93
C PRO A 45 1.78 -1.17 16.23
N GLY A 46 2.42 -2.34 16.11
CA GLY A 46 2.95 -3.00 17.27
C GLY A 46 4.43 -2.71 17.49
N GLY A 47 5.19 -2.66 16.40
CA GLY A 47 6.60 -2.39 16.50
C GLY A 47 7.39 -2.99 15.35
N GLN A 48 6.75 -3.86 14.58
CA GLN A 48 7.39 -4.50 13.44
C GLN A 48 7.22 -3.67 12.18
N THR A 49 7.96 -4.03 11.13
CA THR A 49 7.88 -3.32 9.86
C THR A 49 8.50 -4.14 8.73
N GLN A 50 7.94 -4.02 7.54
CA GLN A 50 8.44 -4.75 6.38
C GLN A 50 8.52 -3.84 5.16
N GLU A 51 9.65 -3.91 4.45
CA GLU A 51 9.86 -3.09 3.26
C GLU A 51 9.83 -3.95 2.00
N ILE A 52 9.05 -3.51 1.01
CA ILE A 52 8.94 -4.23 -0.24
C ILE A 52 9.19 -3.31 -1.43
N LEU A 53 10.09 -3.74 -2.32
CA LEU A 53 10.41 -2.95 -3.50
C LEU A 53 9.49 -3.31 -4.68
N LEU A 54 8.95 -2.28 -5.32
CA LEU A 54 8.05 -2.48 -6.46
C LEU A 54 8.82 -2.46 -7.76
N PRO A 55 8.28 -3.15 -8.78
CA PRO A 55 8.90 -3.23 -10.11
C PRO A 55 8.84 -1.91 -10.85
N GLY A 56 7.94 -1.03 -10.41
CA GLY A 56 7.79 0.27 -11.05
C GLY A 56 6.89 0.22 -12.27
N GLY A 57 5.60 0.02 -12.04
CA GLY A 57 4.65 -0.05 -13.13
C GLY A 57 3.44 -0.91 -12.80
N ILE A 58 2.83 -0.63 -11.67
CA ILE A 58 1.66 -1.39 -11.24
C ILE A 58 0.65 -0.49 -10.52
N THR A 59 -0.57 -0.99 -10.35
CA THR A 59 -1.61 -0.24 -9.68
C THR A 59 -2.06 -0.94 -8.40
N SER A 60 -1.36 -2.01 -8.04
CA SER A 60 -1.69 -2.77 -6.84
C SER A 60 -0.65 -3.86 -6.59
N HIS A 61 -0.21 -3.99 -5.34
CA HIS A 61 0.78 -4.99 -4.97
C HIS A 61 0.25 -5.90 -3.87
N GLN A 62 0.53 -7.19 -3.98
CA GLN A 62 0.07 -8.16 -2.99
C GLN A 62 1.06 -8.26 -1.84
N LEU A 63 0.54 -8.22 -0.61
CA LEU A 63 1.37 -8.30 0.58
C LEU A 63 1.23 -9.66 1.25
N LEU A 64 2.35 -10.22 1.69
CA LEU A 64 2.36 -11.52 2.35
C LEU A 64 2.76 -11.39 3.82
N GLY A 65 2.73 -12.51 4.53
CA GLY A 65 3.11 -12.50 5.94
C GLY A 65 2.35 -11.44 6.72
N LEU A 66 1.17 -11.80 7.21
CA LEU A 66 0.35 -10.88 7.99
C LEU A 66 -0.27 -11.57 9.19
N PHE A 67 -0.40 -10.84 10.29
CA PHE A 67 -0.98 -11.39 11.50
C PHE A 67 -2.51 -11.25 11.50
N PRO A 68 -3.18 -12.14 12.23
CA PRO A 68 -4.65 -12.14 12.34
C PRO A 68 -5.17 -10.94 13.12
N SER A 69 -6.17 -10.27 12.56
CA SER A 69 -6.76 -9.10 13.21
C SER A 69 -5.69 -8.08 13.58
N THR A 70 -4.64 -8.02 12.77
CA THR A 70 -3.54 -7.09 13.01
C THR A 70 -3.54 -5.96 12.00
N SER A 71 -3.85 -4.75 12.48
CA SER A 71 -3.88 -3.58 11.61
C SER A 71 -2.49 -3.25 11.06
N TYR A 72 -2.43 -2.88 9.80
CA TYR A 72 -1.18 -2.54 9.15
C TYR A 72 -1.28 -1.20 8.42
N ASN A 73 -0.15 -0.49 8.34
CA ASN A 73 -0.11 0.80 7.68
C ASN A 73 0.87 0.78 6.50
N ALA A 74 0.33 0.77 5.30
CA ALA A 74 1.15 0.75 4.09
C ALA A 74 1.57 2.16 3.69
N ARG A 75 2.78 2.28 3.17
CA ARG A 75 3.30 3.58 2.75
C ARG A 75 3.87 3.49 1.33
N LEU A 76 3.15 4.09 0.38
CA LEU A 76 3.58 4.08 -1.01
C LEU A 76 4.35 5.35 -1.35
N GLN A 77 5.63 5.18 -1.66
CA GLN A 77 6.49 6.31 -2.00
C GLN A 77 7.25 6.04 -3.30
N ALA A 78 6.93 6.82 -4.33
CA ALA A 78 7.59 6.67 -5.62
C ALA A 78 8.86 7.52 -5.71
N MET A 79 9.84 7.04 -6.46
CA MET A 79 11.11 7.75 -6.61
C MET A 79 11.04 8.72 -7.78
N TRP A 80 11.19 10.01 -7.49
CA TRP A 80 11.15 11.03 -8.53
C TRP A 80 12.46 11.80 -8.59
N GLY A 81 13.29 11.48 -9.58
CA GLY A 81 14.57 12.16 -9.72
C GLY A 81 15.33 12.24 -8.42
N GLN A 82 15.37 13.44 -7.83
CA GLN A 82 16.08 13.65 -6.57
C GLN A 82 15.08 13.88 -5.43
N SER A 83 13.90 14.37 -5.77
CA SER A 83 12.87 14.64 -4.78
C SER A 83 12.05 13.39 -4.50
N LEU A 84 11.37 13.38 -3.36
CA LEU A 84 10.54 12.24 -2.98
C LEU A 84 9.12 12.69 -2.64
N LEU A 85 8.28 12.78 -3.68
CA LEU A 85 6.90 13.20 -3.50
C LEU A 85 6.33 12.64 -2.21
N PRO A 86 5.32 13.33 -1.65
CA PRO A 86 4.66 12.92 -0.40
C PRO A 86 3.82 11.66 -0.59
N PRO A 87 4.27 10.55 0.00
CA PRO A 87 3.56 9.26 -0.09
C PRO A 87 2.26 9.26 0.69
N VAL A 88 1.39 8.30 0.40
CA VAL A 88 0.12 8.18 1.08
C VAL A 88 0.13 7.05 2.10
N SER A 89 -0.52 7.29 3.24
CA SER A 89 -0.58 6.29 4.31
C SER A 89 -2.03 5.86 4.57
N THR A 90 -2.24 4.55 4.65
CA THR A 90 -3.57 4.01 4.90
C THR A 90 -3.53 2.95 6.00
N SER A 91 -4.69 2.69 6.60
CA SER A 91 -4.79 1.70 7.66
C SER A 91 -5.83 0.63 7.31
N PHE A 92 -5.41 -0.63 7.38
CA PHE A 92 -6.29 -1.74 7.07
C PHE A 92 -6.11 -2.89 8.07
N THR A 93 -7.21 -3.47 8.50
CA THR A 93 -7.17 -4.57 9.45
C THR A 93 -7.40 -5.92 8.76
N THR A 94 -6.62 -6.92 9.15
CA THR A 94 -6.73 -8.25 8.56
C THR A 94 -7.82 -9.06 9.26
N GLY A 95 -8.40 -10.00 8.53
CA GLY A 95 -9.44 -10.84 9.09
C GLY A 95 -8.93 -11.75 10.20
N GLY A 96 -9.73 -12.74 10.55
CA GLY A 96 -9.34 -13.67 11.61
C GLY A 96 -9.29 -15.11 11.12
N LEU A 97 -8.68 -15.98 11.92
CA LEU A 97 -8.56 -17.39 11.57
C LEU A 97 -9.75 -18.19 12.10
N ARG A 98 -10.80 -18.27 11.29
CA ARG A 98 -12.01 -19.01 11.69
C ARG A 98 -12.84 -19.36 10.47
N ILE A 99 -13.67 -20.40 10.60
CA ILE A 99 -14.53 -20.84 9.50
C ILE A 99 -15.94 -20.30 9.66
N SER A 100 -16.31 -19.36 8.81
CA SER A 100 -17.64 -18.76 8.85
C SER A 100 -18.71 -19.76 8.42
N GLY A 101 -18.48 -20.39 7.27
CA GLY A 101 -19.42 -21.36 6.76
C GLY A 101 -19.83 -21.09 5.32
N PRO A 102 -20.69 -21.95 4.77
CA PRO A 102 -21.16 -21.82 3.38
C PRO A 102 -22.08 -20.62 3.20
N SER A 103 -21.50 -19.49 2.81
CA SER A 103 -22.27 -18.27 2.59
C SER A 103 -23.20 -18.41 1.40
N SER A 104 -22.62 -18.71 0.24
CA SER A 104 -23.41 -18.87 -0.98
C SER A 104 -24.49 -19.93 -0.79
N GLY A 105 -25.72 -19.59 -1.21
CA GLY A 105 -26.82 -20.53 -1.08
C GLY A 105 -26.76 -21.65 -2.09
N GLY A 1 3.10 20.25 3.62
CA GLY A 1 1.70 20.65 3.65
C GLY A 1 1.32 21.53 2.48
N SER A 2 1.12 20.90 1.32
CA SER A 2 0.75 21.63 0.12
C SER A 2 1.51 22.94 0.02
N SER A 3 2.79 22.91 0.34
CA SER A 3 3.63 24.10 0.30
C SER A 3 4.59 24.05 -0.89
N GLY A 4 4.63 25.13 -1.67
CA GLY A 4 5.50 25.18 -2.82
C GLY A 4 4.86 24.59 -4.06
N SER A 5 5.20 25.14 -5.22
CA SER A 5 4.66 24.65 -6.48
C SER A 5 5.77 24.17 -7.41
N SER A 6 5.68 22.91 -7.83
CA SER A 6 6.68 22.33 -8.71
C SER A 6 6.03 21.81 -9.99
N GLY A 7 5.13 20.85 -9.84
CA GLY A 7 4.46 20.28 -10.99
C GLY A 7 4.14 18.81 -10.81
N LEU A 8 5.12 18.05 -10.35
CA LEU A 8 4.95 16.61 -10.13
C LEU A 8 3.69 16.33 -9.33
N GLU A 9 3.36 15.06 -9.18
CA GLU A 9 2.16 14.66 -8.44
C GLU A 9 2.39 13.33 -7.73
N ALA A 10 1.56 13.04 -6.73
CA ALA A 10 1.67 11.80 -5.97
C ALA A 10 0.46 10.91 -6.19
N PRO A 11 0.54 9.65 -5.75
CA PRO A 11 -0.54 8.67 -5.89
C PRO A 11 -1.74 9.00 -5.00
N ARG A 12 -2.91 8.53 -5.41
CA ARG A 12 -4.14 8.79 -4.65
C ARG A 12 -5.07 7.58 -4.72
N ASP A 13 -6.20 7.68 -4.05
CA ASP A 13 -7.19 6.61 -4.04
C ASP A 13 -6.57 5.32 -3.50
N LEU A 14 -5.73 5.45 -2.48
CA LEU A 14 -5.06 4.30 -1.87
C LEU A 14 -5.95 3.68 -0.79
N GLU A 15 -6.32 2.42 -1.00
CA GLU A 15 -7.16 1.70 -0.04
C GLU A 15 -6.78 0.22 0.01
N ALA A 16 -7.50 -0.53 0.83
CA ALA A 16 -7.24 -1.96 0.97
C ALA A 16 -8.32 -2.79 0.28
N LYS A 17 -7.90 -3.68 -0.60
CA LYS A 17 -8.84 -4.53 -1.33
C LYS A 17 -8.61 -6.00 -0.98
N GLU A 18 -9.59 -6.84 -1.33
CA GLU A 18 -9.50 -8.27 -1.05
C GLU A 18 -8.78 -8.51 0.27
N VAL A 19 -9.21 -7.81 1.32
CA VAL A 19 -8.60 -7.96 2.63
C VAL A 19 -8.92 -9.33 3.24
N THR A 20 -7.88 -10.09 3.56
CA THR A 20 -8.05 -11.41 4.14
C THR A 20 -7.10 -11.62 5.32
N PRO A 21 -7.44 -12.58 6.19
CA PRO A 21 -6.62 -12.90 7.37
C PRO A 21 -5.30 -13.57 7.00
N ARG A 22 -5.18 -13.97 5.74
CA ARG A 22 -3.96 -14.61 5.25
C ARG A 22 -3.16 -13.67 4.37
N THR A 23 -3.86 -12.77 3.69
CA THR A 23 -3.21 -11.81 2.80
C THR A 23 -4.02 -10.52 2.70
N ALA A 24 -3.53 -9.58 1.90
CA ALA A 24 -4.22 -8.30 1.71
C ALA A 24 -3.69 -7.58 0.48
N LEU A 25 -4.57 -7.39 -0.50
CA LEU A 25 -4.19 -6.71 -1.74
C LEU A 25 -4.44 -5.21 -1.64
N LEU A 26 -3.40 -4.42 -1.90
CA LEU A 26 -3.51 -2.97 -1.83
C LEU A 26 -3.45 -2.35 -3.23
N THR A 27 -4.48 -1.61 -3.60
CA THR A 27 -4.53 -0.97 -4.90
C THR A 27 -4.41 0.55 -4.78
N TRP A 28 -3.75 1.16 -5.75
CA TRP A 28 -3.55 2.61 -5.75
C TRP A 28 -3.66 3.18 -7.16
N THR A 29 -3.85 4.49 -7.26
CA THR A 29 -3.96 5.15 -8.56
C THR A 29 -2.64 5.79 -8.96
N GLU A 30 -2.19 5.47 -10.17
CA GLU A 30 -0.93 6.01 -10.67
C GLU A 30 -1.08 7.49 -11.02
N PRO A 31 -0.06 8.29 -10.70
CA PRO A 31 -0.05 9.73 -10.97
C PRO A 31 0.06 10.04 -12.45
N PRO A 32 -0.17 11.31 -12.82
CA PRO A 32 -0.10 11.76 -14.21
C PRO A 32 1.32 11.76 -14.75
N VAL A 33 2.28 11.38 -13.90
CA VAL A 33 3.69 11.34 -14.28
C VAL A 33 4.33 10.04 -13.83
N ARG A 34 4.10 8.97 -14.57
CA ARG A 34 4.66 7.66 -14.24
C ARG A 34 6.06 7.82 -13.64
N PRO A 35 6.17 7.57 -12.33
CA PRO A 35 7.45 7.67 -11.61
C PRO A 35 8.43 6.57 -12.02
N ALA A 36 9.61 6.58 -11.41
CA ALA A 36 10.63 5.59 -11.70
C ALA A 36 10.30 4.25 -11.04
N GLY A 37 9.94 4.30 -9.76
CA GLY A 37 9.60 3.09 -9.05
C GLY A 37 8.66 3.34 -7.89
N TYR A 38 8.55 2.37 -6.98
CA TYR A 38 7.68 2.50 -5.83
C TYR A 38 8.28 1.77 -4.61
N LEU A 39 7.98 2.29 -3.43
CA LEU A 39 8.48 1.71 -2.19
C LEU A 39 7.36 1.52 -1.18
N LEU A 40 6.78 0.33 -1.16
CA LEU A 40 5.69 0.01 -0.24
C LEU A 40 6.24 -0.43 1.12
N SER A 41 6.19 0.46 2.09
CA SER A 41 6.68 0.16 3.43
C SER A 41 5.52 -0.12 4.38
N PHE A 42 5.35 -1.39 4.73
CA PHE A 42 4.28 -1.79 5.63
C PHE A 42 4.84 -2.29 6.97
N HIS A 43 4.42 -1.64 8.05
CA HIS A 43 4.89 -2.01 9.39
C HIS A 43 3.71 -2.37 10.30
N THR A 44 3.96 -3.25 11.26
CA THR A 44 2.93 -3.67 12.20
C THR A 44 2.99 -2.88 13.49
N PRO A 45 1.84 -2.73 14.15
CA PRO A 45 1.73 -1.99 15.41
C PRO A 45 2.41 -2.72 16.57
N GLY A 46 2.95 -3.89 16.27
CA GLY A 46 3.62 -4.68 17.31
C GLY A 46 4.85 -5.38 16.79
N GLY A 47 5.47 -4.81 15.74
CA GLY A 47 6.66 -5.41 15.17
C GLY A 47 7.59 -4.38 14.57
N GLN A 48 8.42 -4.81 13.62
CA GLN A 48 9.36 -3.91 12.95
C GLN A 48 8.89 -3.58 11.54
N THR A 49 9.37 -2.46 11.02
CA THR A 49 9.00 -2.02 9.68
C THR A 49 9.64 -2.91 8.61
N GLN A 50 8.96 -3.03 7.48
CA GLN A 50 9.47 -3.85 6.38
C GLN A 50 9.34 -3.12 5.06
N GLU A 51 10.46 -2.97 4.35
CA GLU A 51 10.48 -2.29 3.07
C GLU A 51 10.40 -3.28 1.92
N ILE A 52 9.84 -2.85 0.80
CA ILE A 52 9.71 -3.70 -0.37
C ILE A 52 9.82 -2.89 -1.66
N LEU A 53 10.86 -3.19 -2.44
CA LEU A 53 11.08 -2.49 -3.70
C LEU A 53 10.12 -2.98 -4.78
N LEU A 54 9.19 -2.11 -5.16
CA LEU A 54 8.21 -2.45 -6.19
C LEU A 54 8.71 -2.07 -7.57
N PRO A 55 8.21 -2.79 -8.60
CA PRO A 55 8.59 -2.54 -9.99
C PRO A 55 8.04 -1.22 -10.52
N GLY A 56 6.76 -0.96 -10.24
CA GLY A 56 6.13 0.26 -10.69
C GLY A 56 5.23 0.04 -11.89
N GLY A 57 3.98 0.47 -11.77
CA GLY A 57 3.03 0.31 -12.86
C GLY A 57 2.15 -0.91 -12.68
N ILE A 58 1.88 -1.28 -11.43
CA ILE A 58 1.05 -2.43 -11.14
C ILE A 58 -0.27 -2.01 -10.49
N THR A 59 -0.23 -0.94 -9.71
CA THR A 59 -1.42 -0.43 -9.04
C THR A 59 -2.16 -1.55 -8.32
N SER A 60 -1.42 -2.59 -7.92
CA SER A 60 -2.01 -3.73 -7.22
C SER A 60 -0.93 -4.69 -6.76
N HIS A 61 -0.80 -4.84 -5.44
CA HIS A 61 0.19 -5.74 -4.87
C HIS A 61 -0.41 -6.56 -3.72
N GLN A 62 -0.27 -7.88 -3.80
CA GLN A 62 -0.80 -8.76 -2.77
C GLN A 62 0.21 -8.97 -1.66
N LEU A 63 -0.03 -8.34 -0.51
CA LEU A 63 0.87 -8.45 0.63
C LEU A 63 0.71 -9.81 1.31
N LEU A 64 1.82 -10.49 1.54
CA LEU A 64 1.80 -11.80 2.17
C LEU A 64 2.42 -11.73 3.57
N GLY A 65 2.23 -12.78 4.36
CA GLY A 65 2.78 -12.82 5.70
C GLY A 65 2.11 -11.82 6.63
N LEU A 66 0.80 -11.97 6.81
CA LEU A 66 0.05 -11.07 7.67
C LEU A 66 -0.50 -11.82 8.89
N PHE A 67 -1.29 -11.12 9.70
CA PHE A 67 -1.88 -11.71 10.90
C PHE A 67 -3.39 -11.55 10.89
N PRO A 68 -4.10 -12.52 11.49
CA PRO A 68 -5.56 -12.51 11.57
C PRO A 68 -6.08 -11.42 12.50
N SER A 69 -6.89 -10.51 11.96
CA SER A 69 -7.45 -9.42 12.74
C SER A 69 -6.36 -8.48 13.23
N THR A 70 -5.33 -8.31 12.41
CA THR A 70 -4.21 -7.44 12.76
C THR A 70 -4.14 -6.23 11.83
N SER A 71 -4.24 -5.04 12.41
CA SER A 71 -4.18 -3.81 11.63
C SER A 71 -2.77 -3.54 11.13
N TYR A 72 -2.67 -3.01 9.92
CA TYR A 72 -1.37 -2.72 9.31
C TYR A 72 -1.35 -1.31 8.72
N ASN A 73 -0.16 -0.81 8.42
CA ASN A 73 -0.01 0.52 7.85
C ASN A 73 0.88 0.48 6.61
N ALA A 74 0.25 0.55 5.44
CA ALA A 74 0.98 0.53 4.18
C ALA A 74 1.28 1.95 3.69
N ARG A 75 2.49 2.14 3.16
CA ARG A 75 2.90 3.44 2.66
C ARG A 75 3.55 3.32 1.29
N LEU A 76 2.88 3.86 0.28
CA LEU A 76 3.39 3.81 -1.09
C LEU A 76 4.13 5.10 -1.45
N GLN A 77 5.39 4.97 -1.84
CA GLN A 77 6.20 6.12 -2.21
C GLN A 77 6.92 5.88 -3.53
N ALA A 78 6.81 6.84 -4.45
CA ALA A 78 7.45 6.74 -5.75
C ALA A 78 8.76 7.52 -5.79
N MET A 79 9.76 6.96 -6.46
CA MET A 79 11.06 7.61 -6.57
C MET A 79 11.09 8.57 -7.75
N TRP A 80 11.35 9.84 -7.47
CA TRP A 80 11.41 10.86 -8.51
C TRP A 80 12.78 11.51 -8.55
N GLY A 81 13.59 11.12 -9.55
CA GLY A 81 14.93 11.68 -9.68
C GLY A 81 15.70 11.65 -8.38
N GLN A 82 15.77 12.81 -7.72
CA GLN A 82 16.49 12.91 -6.45
C GLN A 82 15.52 13.10 -5.29
N SER A 83 14.44 13.84 -5.53
CA SER A 83 13.44 14.10 -4.50
C SER A 83 12.55 12.87 -4.29
N LEU A 84 11.84 12.86 -3.17
CA LEU A 84 10.96 11.75 -2.84
C LEU A 84 9.57 12.25 -2.47
N LEU A 85 8.75 12.53 -3.49
CA LEU A 85 7.39 13.02 -3.26
C LEU A 85 6.77 12.36 -2.05
N PRO A 86 5.82 13.06 -1.40
CA PRO A 86 5.13 12.55 -0.21
C PRO A 86 4.18 11.40 -0.54
N PRO A 87 4.48 10.21 0.02
CA PRO A 87 3.66 9.02 -0.21
C PRO A 87 2.30 9.11 0.48
N VAL A 88 1.63 7.97 0.61
CA VAL A 88 0.32 7.92 1.24
C VAL A 88 0.22 6.75 2.22
N SER A 89 -0.26 7.04 3.43
CA SER A 89 -0.39 6.02 4.46
C SER A 89 -1.86 5.73 4.74
N THR A 90 -2.20 4.45 4.82
CA THR A 90 -3.57 4.03 5.08
C THR A 90 -3.62 2.87 6.08
N SER A 91 -4.73 2.76 6.79
CA SER A 91 -4.90 1.69 7.77
C SER A 91 -5.96 0.69 7.32
N PHE A 92 -5.64 -0.59 7.43
CA PHE A 92 -6.57 -1.64 7.03
C PHE A 92 -6.48 -2.84 7.97
N THR A 93 -7.64 -3.37 8.36
CA THR A 93 -7.69 -4.51 9.26
C THR A 93 -8.01 -5.80 8.50
N THR A 94 -7.31 -6.87 8.85
CA THR A 94 -7.52 -8.16 8.20
C THR A 94 -8.67 -8.92 8.84
N GLY A 95 -9.35 -9.74 8.05
CA GLY A 95 -10.46 -10.51 8.56
C GLY A 95 -10.04 -11.54 9.59
N GLY A 96 -10.66 -12.72 9.54
CA GLY A 96 -10.32 -13.76 10.49
C GLY A 96 -10.30 -15.13 9.85
N LEU A 97 -9.30 -15.94 10.20
CA LEU A 97 -9.17 -17.28 9.66
C LEU A 97 -10.41 -18.13 9.97
N ARG A 98 -11.29 -18.26 8.99
CA ARG A 98 -12.51 -19.05 9.15
C ARG A 98 -13.24 -19.21 7.83
N ILE A 99 -13.79 -20.40 7.60
CA ILE A 99 -14.52 -20.68 6.37
C ILE A 99 -16.02 -20.50 6.57
N SER A 100 -16.62 -19.67 5.72
CA SER A 100 -18.06 -19.41 5.80
C SER A 100 -18.78 -19.98 4.59
N GLY A 101 -20.08 -20.20 4.74
CA GLY A 101 -20.87 -20.74 3.64
C GLY A 101 -20.96 -19.80 2.47
N PRO A 102 -20.91 -20.35 1.25
CA PRO A 102 -20.98 -19.57 0.02
C PRO A 102 -22.36 -18.97 -0.21
N SER A 103 -22.42 -17.64 -0.29
CA SER A 103 -23.68 -16.95 -0.50
C SER A 103 -23.76 -16.36 -1.91
N SER A 104 -24.02 -17.23 -2.89
CA SER A 104 -24.11 -16.81 -4.28
C SER A 104 -25.53 -16.38 -4.63
N GLY A 105 -25.72 -15.87 -5.84
CA GLY A 105 -27.03 -15.43 -6.27
C GLY A 105 -27.32 -13.99 -5.87
N GLY A 1 2.25 29.24 -0.17
CA GLY A 1 2.92 28.38 -1.11
C GLY A 1 2.81 28.86 -2.54
N SER A 2 3.73 28.42 -3.39
CA SER A 2 3.73 28.83 -4.80
C SER A 2 3.49 27.63 -5.70
N SER A 3 2.30 27.55 -6.28
CA SER A 3 1.94 26.45 -7.17
C SER A 3 1.87 26.92 -8.62
N GLY A 4 2.50 26.18 -9.51
CA GLY A 4 2.50 26.54 -10.92
C GLY A 4 2.26 25.35 -11.82
N SER A 5 2.58 25.50 -13.10
CA SER A 5 2.40 24.44 -14.07
C SER A 5 3.44 23.34 -13.87
N SER A 6 3.02 22.23 -13.27
CA SER A 6 3.90 21.10 -13.02
C SER A 6 3.53 19.90 -13.87
N GLY A 7 2.23 19.60 -13.92
CA GLY A 7 1.75 18.48 -14.70
C GLY A 7 1.83 17.17 -13.94
N LEU A 8 2.99 16.90 -13.35
CA LEU A 8 3.19 15.67 -12.59
C LEU A 8 2.31 15.65 -11.34
N GLU A 9 1.79 14.47 -11.00
CA GLU A 9 0.93 14.32 -9.83
C GLU A 9 1.23 13.01 -9.09
N ALA A 10 0.87 12.97 -7.83
CA ALA A 10 1.09 11.77 -7.01
C ALA A 10 -0.13 10.87 -7.01
N PRO A 11 0.07 9.61 -6.56
CA PRO A 11 -1.01 8.62 -6.50
C PRO A 11 -2.05 8.95 -5.44
N ARG A 12 -3.25 8.40 -5.60
CA ARG A 12 -4.33 8.63 -4.66
C ARG A 12 -5.30 7.46 -4.64
N ASP A 13 -6.36 7.58 -3.83
CA ASP A 13 -7.35 6.53 -3.72
C ASP A 13 -6.73 5.23 -3.21
N LEU A 14 -5.72 5.38 -2.34
CA LEU A 14 -5.04 4.22 -1.77
C LEU A 14 -5.90 3.57 -0.68
N GLU A 15 -6.58 2.49 -1.05
CA GLU A 15 -7.43 1.77 -0.11
C GLU A 15 -7.06 0.29 -0.07
N ALA A 16 -7.63 -0.43 0.90
CA ALA A 16 -7.37 -1.85 1.05
C ALA A 16 -8.40 -2.69 0.29
N LYS A 17 -7.94 -3.75 -0.36
CA LYS A 17 -8.82 -4.61 -1.12
C LYS A 17 -8.56 -6.08 -0.78
N GLU A 18 -9.51 -6.95 -1.13
CA GLU A 18 -9.38 -8.37 -0.86
C GLU A 18 -8.62 -8.62 0.45
N VAL A 19 -9.10 -7.98 1.52
CA VAL A 19 -8.48 -8.13 2.83
C VAL A 19 -8.81 -9.48 3.44
N THR A 20 -7.77 -10.23 3.81
CA THR A 20 -7.95 -11.55 4.41
C THR A 20 -6.96 -11.76 5.55
N PRO A 21 -7.28 -12.74 6.43
CA PRO A 21 -6.43 -13.06 7.58
C PRO A 21 -5.13 -13.74 7.15
N ARG A 22 -5.02 -14.06 5.87
CA ARG A 22 -3.82 -14.71 5.34
C ARG A 22 -3.10 -13.79 4.36
N THR A 23 -3.86 -12.93 3.70
CA THR A 23 -3.29 -12.00 2.73
C THR A 23 -4.10 -10.72 2.65
N ALA A 24 -3.57 -9.71 1.96
CA ALA A 24 -4.25 -8.43 1.80
C ALA A 24 -3.68 -7.65 0.63
N LEU A 25 -4.54 -7.34 -0.34
CA LEU A 25 -4.13 -6.59 -1.52
C LEU A 25 -4.38 -5.10 -1.33
N LEU A 26 -3.51 -4.28 -1.91
CA LEU A 26 -3.64 -2.83 -1.81
C LEU A 26 -3.72 -2.19 -3.21
N THR A 27 -4.81 -1.50 -3.47
CA THR A 27 -5.01 -0.84 -4.76
C THR A 27 -4.83 0.68 -4.63
N TRP A 28 -4.09 1.25 -5.58
CA TRP A 28 -3.85 2.69 -5.58
C TRP A 28 -3.93 3.25 -6.99
N THR A 29 -4.33 4.52 -7.10
CA THR A 29 -4.45 5.18 -8.39
C THR A 29 -3.14 5.84 -8.80
N GLU A 30 -2.45 5.23 -9.76
CA GLU A 30 -1.17 5.76 -10.24
C GLU A 30 -1.40 6.93 -11.20
N PRO A 31 -0.49 7.91 -11.14
CA PRO A 31 -0.56 9.11 -11.99
C PRO A 31 -0.28 8.79 -13.45
N PRO A 32 -0.55 9.77 -14.34
CA PRO A 32 -0.33 9.61 -15.78
C PRO A 32 1.15 9.56 -16.14
N VAL A 33 2.00 9.64 -15.12
CA VAL A 33 3.45 9.59 -15.33
C VAL A 33 4.08 8.42 -14.59
N ARG A 34 4.55 7.44 -15.37
CA ARG A 34 5.18 6.26 -14.79
C ARG A 34 6.45 6.62 -14.02
N PRO A 35 6.40 6.47 -12.68
CA PRO A 35 7.53 6.78 -11.81
C PRO A 35 8.68 5.80 -11.99
N ALA A 36 9.89 6.24 -11.62
CA ALA A 36 11.07 5.40 -11.73
C ALA A 36 10.91 4.11 -10.93
N GLY A 37 10.52 4.24 -9.67
CA GLY A 37 10.34 3.08 -8.82
C GLY A 37 9.30 3.31 -7.73
N TYR A 38 8.91 2.24 -7.06
CA TYR A 38 7.91 2.33 -6.00
C TYR A 38 8.46 1.76 -4.69
N LEU A 39 8.03 2.33 -3.58
CA LEU A 39 8.47 1.88 -2.26
C LEU A 39 7.29 1.69 -1.32
N LEU A 40 6.88 0.44 -1.15
CA LEU A 40 5.76 0.12 -0.27
C LEU A 40 6.24 -0.27 1.12
N SER A 41 5.99 0.60 2.10
CA SER A 41 6.40 0.35 3.47
C SER A 41 5.22 -0.05 4.33
N PHE A 42 5.19 -1.32 4.73
CA PHE A 42 4.11 -1.84 5.56
C PHE A 42 4.64 -2.31 6.91
N HIS A 43 3.98 -1.87 7.99
CA HIS A 43 4.38 -2.25 9.34
C HIS A 43 3.17 -2.31 10.26
N THR A 44 3.29 -3.09 11.34
CA THR A 44 2.21 -3.23 12.30
C THR A 44 2.37 -2.25 13.46
N PRO A 45 1.25 -1.89 14.09
CA PRO A 45 1.24 -0.96 15.22
C PRO A 45 1.86 -1.57 16.48
N GLY A 46 3.19 -1.54 16.55
CA GLY A 46 3.89 -2.10 17.69
C GLY A 46 4.89 -3.17 17.30
N GLY A 47 4.93 -3.49 16.01
CA GLY A 47 5.85 -4.51 15.54
C GLY A 47 6.96 -3.93 14.68
N GLN A 48 7.74 -4.80 14.06
CA GLN A 48 8.85 -4.37 13.21
C GLN A 48 8.33 -3.82 11.88
N THR A 49 9.22 -3.23 11.09
CA THR A 49 8.85 -2.66 9.81
C THR A 49 9.63 -3.32 8.67
N GLN A 50 8.92 -3.65 7.60
CA GLN A 50 9.54 -4.28 6.44
C GLN A 50 9.37 -3.43 5.19
N GLU A 51 10.43 -3.33 4.40
CA GLU A 51 10.39 -2.55 3.17
C GLU A 51 10.47 -3.44 1.94
N ILE A 52 9.51 -3.28 1.03
CA ILE A 52 9.48 -4.07 -0.19
C ILE A 52 9.73 -3.21 -1.42
N LEU A 53 10.82 -3.47 -2.12
CA LEU A 53 11.17 -2.72 -3.32
C LEU A 53 10.31 -3.15 -4.50
N LEU A 54 9.36 -2.30 -4.87
CA LEU A 54 8.47 -2.59 -5.98
C LEU A 54 9.20 -2.47 -7.32
N PRO A 55 8.73 -3.21 -8.32
CA PRO A 55 9.32 -3.19 -9.67
C PRO A 55 9.09 -1.87 -10.40
N GLY A 56 8.21 -1.05 -9.84
CA GLY A 56 7.92 0.24 -10.45
C GLY A 56 7.08 0.12 -11.70
N GLY A 57 5.82 0.51 -11.60
CA GLY A 57 4.92 0.43 -12.74
C GLY A 57 3.73 -0.48 -12.49
N ILE A 58 3.21 -0.44 -11.27
CA ILE A 58 2.07 -1.26 -10.89
C ILE A 58 0.97 -0.43 -10.25
N THR A 59 -0.18 -1.05 -10.02
CA THR A 59 -1.31 -0.36 -9.41
C THR A 59 -1.80 -1.10 -8.18
N SER A 60 -1.16 -2.22 -7.87
CA SER A 60 -1.54 -3.03 -6.71
C SER A 60 -0.49 -4.11 -6.44
N HIS A 61 -0.30 -4.43 -5.16
CA HIS A 61 0.67 -5.44 -4.76
C HIS A 61 0.09 -6.37 -3.70
N GLN A 62 0.24 -7.67 -3.92
CA GLN A 62 -0.27 -8.67 -2.98
C GLN A 62 0.71 -8.93 -1.85
N LEU A 63 0.33 -8.54 -0.64
CA LEU A 63 1.18 -8.73 0.53
C LEU A 63 0.99 -10.12 1.13
N LEU A 64 2.09 -10.86 1.26
CA LEU A 64 2.04 -12.20 1.82
C LEU A 64 2.66 -12.24 3.21
N GLY A 65 1.98 -12.92 4.14
CA GLY A 65 2.49 -13.01 5.50
C GLY A 65 1.92 -11.94 6.40
N LEU A 66 0.65 -12.08 6.76
CA LEU A 66 -0.02 -11.11 7.63
C LEU A 66 -0.62 -11.80 8.84
N PHE A 67 -1.00 -11.00 9.84
CA PHE A 67 -1.59 -11.53 11.06
C PHE A 67 -3.11 -11.40 11.02
N PRO A 68 -3.80 -12.38 11.63
CA PRO A 68 -5.27 -12.40 11.69
C PRO A 68 -5.83 -11.30 12.59
N SER A 69 -6.65 -10.44 12.01
CA SER A 69 -7.25 -9.34 12.76
C SER A 69 -6.19 -8.36 13.25
N THR A 70 -5.17 -8.16 12.43
CA THR A 70 -4.08 -7.25 12.78
C THR A 70 -4.05 -6.05 11.83
N SER A 71 -3.95 -4.86 12.41
CA SER A 71 -3.92 -3.63 11.63
C SER A 71 -2.55 -3.43 10.99
N TYR A 72 -2.54 -2.94 9.76
CA TYR A 72 -1.29 -2.69 9.04
C TYR A 72 -1.28 -1.31 8.41
N ASN A 73 -0.13 -0.64 8.49
CA ASN A 73 0.01 0.69 7.92
C ASN A 73 0.93 0.68 6.71
N ALA A 74 0.34 0.75 5.52
CA ALA A 74 1.10 0.75 4.28
C ALA A 74 1.47 2.17 3.86
N ARG A 75 2.47 2.28 2.99
CA ARG A 75 2.92 3.58 2.51
C ARG A 75 3.56 3.46 1.13
N LEU A 76 2.86 3.95 0.12
CA LEU A 76 3.37 3.89 -1.25
C LEU A 76 4.08 5.18 -1.62
N GLN A 77 5.34 5.05 -2.04
CA GLN A 77 6.14 6.22 -2.42
C GLN A 77 6.90 5.95 -3.71
N ALA A 78 6.72 6.83 -4.70
CA ALA A 78 7.40 6.68 -5.98
C ALA A 78 8.63 7.59 -6.06
N MET A 79 9.70 7.08 -6.66
CA MET A 79 10.93 7.84 -6.81
C MET A 79 10.90 8.69 -8.07
N TRP A 80 10.94 10.01 -7.90
CA TRP A 80 10.92 10.93 -9.04
C TRP A 80 12.22 11.72 -9.12
N GLY A 81 13.11 11.30 -10.01
CA GLY A 81 14.38 11.99 -10.16
C GLY A 81 14.91 12.54 -8.84
N GLN A 82 15.31 13.80 -8.85
CA GLN A 82 15.84 14.44 -7.65
C GLN A 82 14.70 14.93 -6.75
N SER A 83 13.68 14.09 -6.60
CA SER A 83 12.53 14.43 -5.77
C SER A 83 11.77 13.18 -5.34
N LEU A 84 11.06 13.28 -4.22
CA LEU A 84 10.29 12.16 -3.70
C LEU A 84 8.88 12.59 -3.33
N LEU A 85 8.02 12.70 -4.32
CA LEU A 85 6.63 13.10 -4.09
C LEU A 85 6.11 12.53 -2.77
N PRO A 86 5.13 13.23 -2.18
CA PRO A 86 4.53 12.81 -0.91
C PRO A 86 3.67 11.55 -1.06
N PRO A 87 4.11 10.45 -0.42
CA PRO A 87 3.39 9.18 -0.46
C PRO A 87 2.07 9.22 0.30
N VAL A 88 1.29 8.15 0.18
CA VAL A 88 0.01 8.06 0.86
C VAL A 88 0.01 6.95 1.90
N SER A 89 -0.43 7.28 3.11
CA SER A 89 -0.48 6.31 4.20
C SER A 89 -1.91 5.98 4.57
N THR A 90 -2.23 4.68 4.60
CA THR A 90 -3.57 4.23 4.94
C THR A 90 -3.52 3.04 5.90
N SER A 91 -4.63 2.81 6.59
CA SER A 91 -4.72 1.69 7.53
C SER A 91 -5.81 0.72 7.13
N PHE A 92 -5.60 -0.56 7.42
CA PHE A 92 -6.56 -1.60 7.09
C PHE A 92 -6.44 -2.78 8.05
N THR A 93 -7.59 -3.32 8.46
CA THR A 93 -7.61 -4.45 9.38
C THR A 93 -7.87 -5.76 8.64
N THR A 94 -7.09 -6.78 8.97
CA THR A 94 -7.24 -8.08 8.33
C THR A 94 -8.37 -8.88 8.97
N GLY A 95 -8.82 -9.92 8.27
CA GLY A 95 -9.90 -10.75 8.78
C GLY A 95 -9.43 -11.71 9.87
N GLY A 96 -10.32 -12.59 10.30
CA GLY A 96 -9.97 -13.55 11.33
C GLY A 96 -9.95 -14.97 10.82
N LEU A 97 -9.33 -15.86 11.59
CA LEU A 97 -9.24 -17.27 11.21
C LEU A 97 -10.49 -18.03 11.62
N ARG A 98 -11.56 -17.86 10.85
CA ARG A 98 -12.82 -18.53 11.13
C ARG A 98 -13.55 -18.89 9.84
N ILE A 99 -14.29 -19.99 9.87
CA ILE A 99 -15.04 -20.43 8.70
C ILE A 99 -16.52 -20.64 9.03
N SER A 100 -17.39 -19.92 8.34
CA SER A 100 -18.82 -20.02 8.57
C SER A 100 -19.32 -21.42 8.21
N GLY A 101 -20.60 -21.68 8.50
CA GLY A 101 -21.18 -22.98 8.20
C GLY A 101 -21.96 -22.99 6.90
N PRO A 102 -22.88 -23.94 6.76
CA PRO A 102 -23.71 -24.07 5.57
C PRO A 102 -24.73 -22.94 5.43
N SER A 103 -25.26 -22.49 6.56
CA SER A 103 -26.24 -21.41 6.57
C SER A 103 -25.84 -20.31 5.60
N SER A 104 -26.81 -19.48 5.22
CA SER A 104 -26.57 -18.38 4.30
C SER A 104 -27.59 -17.27 4.48
N GLY A 105 -27.16 -16.04 4.25
CA GLY A 105 -28.05 -14.89 4.40
C GLY A 105 -29.03 -14.78 3.27
N GLY A 1 8.00 26.29 2.64
CA GLY A 1 8.82 26.44 1.44
C GLY A 1 8.55 25.36 0.42
N SER A 2 7.41 25.46 -0.27
CA SER A 2 7.04 24.48 -1.27
C SER A 2 7.02 25.10 -2.67
N SER A 3 7.56 24.38 -3.64
CA SER A 3 7.61 24.87 -5.02
C SER A 3 7.75 23.70 -6.00
N GLY A 4 7.05 23.81 -7.12
CA GLY A 4 7.11 22.76 -8.13
C GLY A 4 5.80 22.62 -8.89
N SER A 5 5.54 23.56 -9.79
CA SER A 5 4.31 23.55 -10.57
C SER A 5 4.58 22.98 -11.96
N SER A 6 5.35 21.90 -12.03
CA SER A 6 5.68 21.26 -13.29
C SER A 6 4.55 20.33 -13.74
N GLY A 7 4.02 19.55 -12.80
CA GLY A 7 2.96 18.63 -13.13
C GLY A 7 3.17 17.26 -12.52
N LEU A 8 3.42 17.22 -11.21
CA LEU A 8 3.64 15.96 -10.52
C LEU A 8 2.62 15.74 -9.41
N GLU A 9 1.99 14.57 -9.40
CA GLU A 9 0.99 14.25 -8.40
C GLU A 9 1.24 12.86 -7.82
N ALA A 10 0.94 12.70 -6.52
CA ALA A 10 1.13 11.43 -5.85
C ALA A 10 -0.03 10.48 -6.14
N PRO A 11 0.15 9.19 -5.78
CA PRO A 11 -0.87 8.17 -6.00
C PRO A 11 -2.08 8.35 -5.10
N ARG A 12 -3.23 8.58 -5.70
CA ARG A 12 -4.48 8.77 -4.95
C ARG A 12 -5.34 7.52 -5.00
N ASP A 13 -6.46 7.55 -4.29
CA ASP A 13 -7.38 6.42 -4.25
C ASP A 13 -6.68 5.18 -3.71
N LEU A 14 -6.08 5.31 -2.53
CA LEU A 14 -5.38 4.19 -1.91
C LEU A 14 -6.23 3.55 -0.82
N GLU A 15 -6.73 2.35 -1.10
CA GLU A 15 -7.56 1.62 -0.15
C GLU A 15 -7.22 0.14 -0.14
N ALA A 16 -7.41 -0.51 1.00
CA ALA A 16 -7.13 -1.93 1.14
C ALA A 16 -8.29 -2.78 0.63
N LYS A 17 -8.02 -3.61 -0.36
CA LYS A 17 -9.04 -4.48 -0.93
C LYS A 17 -8.68 -5.95 -0.75
N GLU A 18 -9.69 -6.81 -0.72
CA GLU A 18 -9.48 -8.24 -0.56
C GLU A 18 -8.67 -8.53 0.70
N VAL A 19 -9.00 -7.82 1.77
CA VAL A 19 -8.31 -8.00 3.05
C VAL A 19 -8.63 -9.35 3.67
N THR A 20 -7.59 -10.06 4.13
CA THR A 20 -7.77 -11.37 4.73
C THR A 20 -6.64 -11.68 5.71
N PRO A 21 -6.88 -12.63 6.62
CA PRO A 21 -5.90 -13.04 7.62
C PRO A 21 -4.72 -13.78 7.01
N ARG A 22 -4.75 -13.94 5.69
CA ARG A 22 -3.67 -14.63 4.98
C ARG A 22 -2.88 -13.65 4.11
N THR A 23 -3.60 -12.79 3.41
CA THR A 23 -2.96 -11.80 2.54
C THR A 23 -3.76 -10.51 2.49
N ALA A 24 -3.18 -9.47 1.91
CA ALA A 24 -3.84 -8.17 1.80
C ALA A 24 -3.43 -7.46 0.52
N LEU A 25 -4.41 -7.12 -0.32
CA LEU A 25 -4.14 -6.42 -1.57
C LEU A 25 -4.46 -4.94 -1.44
N LEU A 26 -3.56 -4.11 -1.95
CA LEU A 26 -3.74 -2.66 -1.91
C LEU A 26 -3.71 -2.05 -3.30
N THR A 27 -4.75 -1.31 -3.65
CA THR A 27 -4.85 -0.67 -4.96
C THR A 27 -4.63 0.83 -4.85
N TRP A 28 -4.33 1.46 -5.99
CA TRP A 28 -4.10 2.89 -6.02
C TRP A 28 -4.10 3.41 -7.45
N THR A 29 -4.41 4.69 -7.62
CA THR A 29 -4.45 5.31 -8.94
C THR A 29 -3.08 5.87 -9.33
N GLU A 30 -2.39 5.17 -10.21
CA GLU A 30 -1.07 5.60 -10.67
C GLU A 30 -1.12 7.03 -11.20
N PRO A 31 -0.10 7.82 -10.84
CA PRO A 31 0.01 9.22 -11.26
C PRO A 31 0.29 9.36 -12.75
N PRO A 32 0.20 10.60 -13.26
CA PRO A 32 0.44 10.90 -14.67
C PRO A 32 1.91 10.74 -15.05
N VAL A 33 2.79 10.90 -14.07
CA VAL A 33 4.23 10.78 -14.30
C VAL A 33 4.77 9.47 -13.73
N ARG A 34 4.92 8.47 -14.58
CA ARG A 34 5.42 7.17 -14.16
C ARG A 34 6.77 7.32 -13.44
N PRO A 35 6.76 7.09 -12.12
CA PRO A 35 7.97 7.20 -11.30
C PRO A 35 8.96 6.07 -11.59
N ALA A 36 10.22 6.31 -11.25
CA ALA A 36 11.27 5.31 -11.46
C ALA A 36 10.92 3.99 -10.78
N GLY A 37 10.64 4.06 -9.49
CA GLY A 37 10.30 2.85 -8.74
C GLY A 37 9.34 3.14 -7.61
N TYR A 38 8.76 2.08 -7.04
CA TYR A 38 7.81 2.21 -5.95
C TYR A 38 8.36 1.55 -4.68
N LEU A 39 8.31 2.28 -3.57
CA LEU A 39 8.80 1.77 -2.29
C LEU A 39 7.65 1.60 -1.31
N LEU A 40 7.11 0.39 -1.23
CA LEU A 40 6.00 0.09 -0.33
C LEU A 40 6.52 -0.44 1.00
N SER A 41 6.29 0.32 2.07
CA SER A 41 6.73 -0.08 3.40
C SER A 41 5.54 -0.25 4.34
N PHE A 42 5.39 -1.46 4.87
CA PHE A 42 4.29 -1.76 5.78
C PHE A 42 4.82 -2.23 7.13
N HIS A 43 4.40 -1.54 8.19
CA HIS A 43 4.83 -1.88 9.55
C HIS A 43 3.63 -2.13 10.45
N THR A 44 3.80 -3.04 11.40
CA THR A 44 2.73 -3.39 12.33
C THR A 44 2.76 -2.48 13.57
N PRO A 45 1.59 -2.18 14.12
CA PRO A 45 1.46 -1.33 15.31
C PRO A 45 1.99 -2.02 16.56
N GLY A 46 2.35 -3.29 16.44
CA GLY A 46 2.86 -4.03 17.57
C GLY A 46 4.07 -4.88 17.21
N GLY A 47 4.82 -4.44 16.19
CA GLY A 47 6.00 -5.16 15.78
C GLY A 47 7.06 -4.25 15.20
N GLN A 48 7.58 -4.62 14.02
CA GLN A 48 8.61 -3.82 13.37
C GLN A 48 8.14 -3.34 12.00
N THR A 49 9.04 -2.68 11.27
CA THR A 49 8.71 -2.16 9.95
C THR A 49 9.44 -2.94 8.87
N GLN A 50 8.74 -3.22 7.78
CA GLN A 50 9.31 -3.96 6.67
C GLN A 50 9.12 -3.21 5.35
N GLU A 51 10.11 -3.30 4.47
CA GLU A 51 10.05 -2.64 3.18
C GLU A 51 10.03 -3.65 2.04
N ILE A 52 9.49 -3.24 0.90
CA ILE A 52 9.41 -4.12 -0.27
C ILE A 52 9.65 -3.33 -1.56
N LEU A 53 10.67 -3.75 -2.30
CA LEU A 53 11.02 -3.08 -3.56
C LEU A 53 10.05 -3.49 -4.67
N LEU A 54 9.32 -2.52 -5.20
CA LEU A 54 8.37 -2.77 -6.27
C LEU A 54 9.01 -2.59 -7.63
N PRO A 55 8.48 -3.30 -8.64
CA PRO A 55 8.99 -3.24 -10.01
C PRO A 55 8.71 -1.90 -10.68
N GLY A 56 7.92 -1.06 -10.00
CA GLY A 56 7.58 0.24 -10.54
C GLY A 56 6.78 0.14 -11.83
N GLY A 57 5.46 0.27 -11.72
CA GLY A 57 4.61 0.19 -12.88
C GLY A 57 3.39 -0.67 -12.65
N ILE A 58 2.87 -0.65 -11.43
CA ILE A 58 1.70 -1.45 -11.09
C ILE A 58 0.64 -0.59 -10.40
N THR A 59 -0.59 -1.09 -10.36
CA THR A 59 -1.69 -0.37 -9.73
C THR A 59 -2.13 -1.05 -8.44
N SER A 60 -1.50 -2.19 -8.14
CA SER A 60 -1.83 -2.94 -6.93
C SER A 60 -0.76 -3.99 -6.64
N HIS A 61 -0.59 -4.31 -5.36
CA HIS A 61 0.40 -5.29 -4.94
C HIS A 61 -0.21 -6.29 -3.97
N GLN A 62 0.25 -7.54 -4.05
CA GLN A 62 -0.26 -8.60 -3.18
C GLN A 62 0.69 -8.83 -2.01
N LEU A 63 0.31 -8.35 -0.84
CA LEU A 63 1.13 -8.51 0.36
C LEU A 63 0.94 -9.89 0.97
N LEU A 64 2.05 -10.52 1.36
CA LEU A 64 2.00 -11.85 1.97
C LEU A 64 2.62 -11.83 3.36
N GLY A 65 2.26 -12.83 4.17
CA GLY A 65 2.79 -12.92 5.52
C GLY A 65 2.22 -11.86 6.43
N LEU A 66 1.00 -12.07 6.90
CA LEU A 66 0.34 -11.11 7.78
C LEU A 66 -0.19 -11.81 9.03
N PHE A 67 -0.70 -11.02 9.98
CA PHE A 67 -1.25 -11.57 11.22
C PHE A 67 -2.77 -11.43 11.25
N PRO A 68 -3.43 -12.35 11.97
CA PRO A 68 -4.89 -12.36 12.10
C PRO A 68 -5.41 -11.19 12.93
N SER A 69 -6.43 -10.52 12.40
CA SER A 69 -7.02 -9.37 13.09
C SER A 69 -5.93 -8.38 13.52
N THR A 70 -4.89 -8.27 12.71
CA THR A 70 -3.79 -7.37 13.01
C THR A 70 -3.78 -6.18 12.06
N SER A 71 -3.85 -4.97 12.63
CA SER A 71 -3.86 -3.76 11.83
C SER A 71 -2.47 -3.47 11.25
N TYR A 72 -2.44 -3.06 9.98
CA TYR A 72 -1.18 -2.77 9.31
C TYR A 72 -1.24 -1.40 8.63
N ASN A 73 -0.09 -0.73 8.59
CA ASN A 73 -0.01 0.59 7.96
C ASN A 73 0.96 0.57 6.77
N ALA A 74 0.39 0.63 5.58
CA ALA A 74 1.21 0.63 4.35
C ALA A 74 1.40 2.05 3.82
N ARG A 75 2.45 2.22 3.03
CA ARG A 75 2.75 3.53 2.44
C ARG A 75 3.34 3.38 1.05
N LEU A 76 2.74 4.08 0.08
CA LEU A 76 3.19 4.03 -1.30
C LEU A 76 4.00 5.27 -1.65
N GLN A 77 5.31 5.11 -1.79
CA GLN A 77 6.18 6.23 -2.12
C GLN A 77 6.98 5.93 -3.39
N ALA A 78 6.78 6.76 -4.41
CA ALA A 78 7.49 6.59 -5.68
C ALA A 78 8.77 7.40 -5.71
N MET A 79 9.80 6.84 -6.33
CA MET A 79 11.09 7.52 -6.43
C MET A 79 11.15 8.38 -7.69
N TRP A 80 11.37 9.68 -7.50
CA TRP A 80 11.45 10.61 -8.62
C TRP A 80 12.83 11.27 -8.69
N GLY A 81 13.19 11.76 -9.87
CA GLY A 81 14.48 12.41 -10.04
C GLY A 81 14.82 13.34 -8.89
N GLN A 82 15.88 13.02 -8.15
CA GLN A 82 16.30 13.84 -7.03
C GLN A 82 15.10 14.46 -6.32
N SER A 83 14.03 13.69 -6.22
CA SER A 83 12.80 14.16 -5.57
C SER A 83 11.95 12.99 -5.08
N LEU A 84 11.13 13.24 -4.07
CA LEU A 84 10.27 12.21 -3.50
C LEU A 84 8.88 12.76 -3.22
N LEU A 85 7.91 12.40 -4.06
CA LEU A 85 6.54 12.85 -3.89
C LEU A 85 5.95 12.33 -2.59
N PRO A 86 4.96 13.05 -2.04
CA PRO A 86 4.28 12.68 -0.81
C PRO A 86 3.41 11.44 -0.96
N PRO A 87 3.81 10.33 -0.31
CA PRO A 87 3.08 9.07 -0.37
C PRO A 87 1.75 9.13 0.37
N VAL A 88 1.03 8.02 0.37
CA VAL A 88 -0.26 7.95 1.05
C VAL A 88 -0.30 6.80 2.05
N SER A 89 -0.55 7.13 3.32
CA SER A 89 -0.60 6.13 4.37
C SER A 89 -2.05 5.76 4.69
N THR A 90 -2.30 4.47 4.85
CA THR A 90 -3.63 3.98 5.15
C THR A 90 -3.59 2.84 6.16
N SER A 91 -4.67 2.70 6.93
CA SER A 91 -4.75 1.65 7.95
C SER A 91 -5.80 0.61 7.58
N PHE A 92 -5.39 -0.65 7.55
CA PHE A 92 -6.29 -1.74 7.20
C PHE A 92 -6.16 -2.90 8.19
N THR A 93 -7.28 -3.48 8.57
CA THR A 93 -7.29 -4.58 9.51
C THR A 93 -7.60 -5.90 8.81
N THR A 94 -6.80 -6.93 9.10
CA THR A 94 -6.99 -8.24 8.49
C THR A 94 -8.11 -9.01 9.19
N GLY A 95 -8.69 -9.98 8.47
CA GLY A 95 -9.76 -10.77 9.04
C GLY A 95 -9.26 -11.76 10.07
N GLY A 96 -10.14 -12.67 10.48
CA GLY A 96 -9.77 -13.67 11.47
C GLY A 96 -9.60 -15.05 10.87
N LEU A 97 -8.83 -15.90 11.55
CA LEU A 97 -8.59 -17.26 11.06
C LEU A 97 -9.81 -18.15 11.30
N ARG A 98 -10.72 -18.14 10.34
CA ARG A 98 -11.94 -18.94 10.43
C ARG A 98 -12.60 -19.10 9.06
N ILE A 99 -13.32 -20.19 8.87
CA ILE A 99 -14.01 -20.45 7.62
C ILE A 99 -15.49 -20.10 7.72
N SER A 100 -16.09 -20.44 8.85
CA SER A 100 -17.51 -20.16 9.06
C SER A 100 -17.70 -18.96 9.97
N GLY A 101 -16.93 -17.90 9.71
CA GLY A 101 -17.02 -16.69 10.50
C GLY A 101 -18.45 -16.36 10.88
N PRO A 102 -18.63 -15.78 12.08
CA PRO A 102 -19.95 -15.40 12.59
C PRO A 102 -20.54 -14.22 11.82
N SER A 103 -21.87 -14.17 11.74
CA SER A 103 -22.56 -13.10 11.03
C SER A 103 -24.07 -13.17 11.26
N SER A 104 -24.64 -12.08 11.72
CA SER A 104 -26.07 -12.01 11.98
C SER A 104 -26.87 -12.63 10.83
N GLY A 105 -26.67 -12.09 9.63
CA GLY A 105 -27.37 -12.59 8.46
C GLY A 105 -27.66 -11.51 7.44
#